data_3SG1
#
_entry.id   3SG1
#
_cell.length_a   78.666
_cell.length_b   125.217
_cell.length_c   79.472
_cell.angle_alpha   90.00
_cell.angle_beta   105.73
_cell.angle_gamma   90.00
#
_symmetry.space_group_name_H-M   'P 1 21 1'
#
loop_
_entity.id
_entity.type
_entity.pdbx_description
1 polymer 'UDP-N-acetylglucosamine 1-carboxyvinyltransferase 1'
2 non-polymer 'TETRAETHYLENE GLYCOL'
3 non-polymer 'TRIETHYLENE GLYCOL'
4 water water
#
_entity_poly.entity_id   1
_entity_poly.type   'polypeptide(L)'
_entity_poly.pdbx_seq_one_letter_code
;MHHHHHHSSGVDLGTENLYFQSNAMEKIIVRGGKRLNGTVRVEGAKNAVLPIIAAALLASDGKNVLSEVPVLSDVYTINE
VLRHLNAEVVFENNQVTIDASKELNIEAPFEYVRKMRASVQVMGPLLARNGRARIALPGGCAIGSRPIDQHLKGFEAMGA
KVQVGNGFVEAYVEGELKGAKIYLDFPSVGATENIMSAATLAKGTTILENAAKEPEIVDLANFLNAMGAKVRGAGTGTIR
IEGVDKLYGANHSIIPDRIEAGTFMVAAAITGGDILIENAVPEHLRSITAKMEEMGVKIIEENEGVRVIGPDKLKAVDIK
TMPHPGFPTDMQSQMMALLLQADGTSMITETVFENRFMHVEEFRRMNADIKIEGRSVIMNGPNSLQGAEVGATDLRAAAA
LILAGLVSEGYTRVTELKHLDRGYVDFHKKLAALGATIERVNEKVEEVKEQEVSDLHA
;
_entity_poly.pdbx_strand_id   A,B,C,D
#
loop_
_chem_comp.id
_chem_comp.type
_chem_comp.name
_chem_comp.formula
PG4 non-polymer 'TETRAETHYLENE GLYCOL' 'C8 H18 O5'
PGE non-polymer 'TRIETHYLENE GLYCOL' 'C6 H14 O4'
#
# COMPACT_ATOMS: atom_id res chain seq x y z
N MET A 25 2.94 23.55 -30.84
CA MET A 25 1.71 23.08 -30.15
C MET A 25 1.02 24.23 -29.41
N GLU A 26 -0.28 24.06 -29.22
CA GLU A 26 -1.10 25.06 -28.56
C GLU A 26 -0.91 24.99 -27.04
N LYS A 27 -0.74 26.15 -26.40
CA LYS A 27 -0.54 26.20 -24.94
C LYS A 27 -1.11 27.43 -24.23
N ILE A 28 -1.22 27.29 -22.91
CA ILE A 28 -1.73 28.36 -22.05
C ILE A 28 -0.59 28.95 -21.25
N ILE A 29 -0.48 30.28 -21.27
CA ILE A 29 0.57 30.99 -20.54
C ILE A 29 -0.04 31.75 -19.38
N VAL A 30 0.40 31.43 -18.17
CA VAL A 30 -0.14 32.06 -16.97
C VAL A 30 0.93 32.81 -16.21
N ARG A 31 0.53 33.82 -15.44
N ARG A 31 0.52 33.84 -15.48
CA ARG A 31 1.47 34.62 -14.66
CA ARG A 31 1.41 34.65 -14.67
C ARG A 31 0.82 35.37 -13.52
C ARG A 31 0.73 34.87 -13.31
N GLY A 32 1.57 36.34 -13.00
N GLY A 32 1.52 34.90 -12.24
CA GLY A 32 1.15 37.22 -11.92
CA GLY A 32 0.96 35.08 -10.91
C GLY A 32 0.60 36.60 -10.67
C GLY A 32 1.09 36.49 -10.35
N GLY A 33 0.42 37.47 -9.67
N GLY A 33 0.31 36.78 -9.31
CA GLY A 33 -0.13 37.08 -8.37
CA GLY A 33 0.35 38.10 -8.68
C GLY A 33 -1.36 37.95 -8.18
C GLY A 33 -0.97 38.87 -8.67
N LYS A 34 -2.18 38.00 -9.23
N LYS A 34 -2.05 38.22 -9.11
CA LYS A 34 -3.40 38.77 -9.23
CA LYS A 34 -3.35 38.89 -9.16
C LYS A 34 -4.51 38.04 -8.50
C LYS A 34 -4.46 38.09 -8.49
N ARG A 35 -5.33 38.79 -7.77
CA ARG A 35 -6.45 38.19 -7.09
C ARG A 35 -7.58 38.04 -8.11
N LEU A 36 -8.24 36.90 -8.10
CA LEU A 36 -9.34 36.66 -9.03
C LEU A 36 -10.66 37.12 -8.41
N ASN A 37 -11.29 38.10 -9.05
CA ASN A 37 -12.54 38.65 -8.57
C ASN A 37 -13.56 38.77 -9.69
N GLY A 38 -14.76 38.22 -9.46
CA GLY A 38 -15.81 38.29 -10.46
C GLY A 38 -16.84 37.18 -10.37
N THR A 39 -17.52 36.96 -11.48
CA THR A 39 -18.54 35.95 -11.59
C THR A 39 -18.16 34.99 -12.71
N VAL A 40 -18.54 33.73 -12.53
CA VAL A 40 -18.27 32.71 -13.52
C VAL A 40 -19.50 31.80 -13.62
N ARG A 41 -19.75 31.27 -14.80
CA ARG A 41 -20.88 30.39 -15.01
C ARG A 41 -20.39 29.03 -15.50
N VAL A 42 -20.67 28.02 -14.69
CA VAL A 42 -20.27 26.66 -14.98
C VAL A 42 -21.11 26.07 -16.11
N GLU A 43 -20.54 25.10 -16.81
CA GLU A 43 -21.19 24.41 -17.92
C GLU A 43 -21.96 23.20 -17.39
N GLY A 44 -22.60 22.45 -18.29
CA GLY A 44 -23.29 21.23 -17.92
C GLY A 44 -22.21 20.22 -17.51
N ALA A 45 -22.58 19.29 -16.63
CA ALA A 45 -21.64 18.30 -16.12
C ALA A 45 -21.13 17.31 -17.16
N LYS A 46 -19.80 17.25 -17.31
CA LYS A 46 -19.18 16.33 -18.23
C LYS A 46 -19.59 14.92 -17.86
N ASN A 47 -19.28 14.53 -16.64
CA ASN A 47 -19.56 13.18 -16.16
C ASN A 47 -21.01 12.76 -16.12
N ALA A 48 -21.92 13.67 -16.45
CA ALA A 48 -23.35 13.34 -16.51
C ALA A 48 -23.79 13.25 -17.97
N VAL A 49 -23.34 14.20 -18.79
CA VAL A 49 -23.76 14.21 -20.18
C VAL A 49 -23.26 12.99 -20.95
N LEU A 50 -22.05 12.56 -20.67
CA LEU A 50 -21.48 11.42 -21.38
C LEU A 50 -22.36 10.17 -21.27
N PRO A 51 -22.64 9.71 -20.04
CA PRO A 51 -23.53 8.56 -19.91
C PRO A 51 -24.96 8.85 -20.38
N ILE A 52 -25.43 10.09 -20.21
CA ILE A 52 -26.78 10.46 -20.66
C ILE A 52 -26.90 10.32 -22.17
N ILE A 53 -25.92 10.85 -22.88
CA ILE A 53 -25.93 10.76 -24.33
C ILE A 53 -25.97 9.28 -24.67
N ALA A 54 -25.14 8.48 -24.00
CA ALA A 54 -25.09 7.03 -24.22
C ALA A 54 -26.46 6.41 -23.97
N ALA A 55 -27.15 6.88 -22.93
CA ALA A 55 -28.46 6.34 -22.58
C ALA A 55 -29.49 6.65 -23.66
N ALA A 56 -29.25 7.69 -24.44
CA ALA A 56 -30.18 8.08 -25.52
C ALA A 56 -30.43 6.92 -26.49
N LEU A 57 -29.46 6.02 -26.59
CA LEU A 57 -29.56 4.85 -27.47
C LEU A 57 -30.73 3.93 -27.07
N LEU A 58 -31.22 4.09 -25.85
CA LEU A 58 -32.34 3.29 -25.37
C LEU A 58 -33.69 3.71 -25.99
N ALA A 59 -33.79 4.99 -26.37
CA ALA A 59 -35.02 5.53 -26.95
C ALA A 59 -35.27 5.03 -28.36
N SER A 60 -36.15 4.04 -28.50
CA SER A 60 -36.47 3.48 -29.80
C SER A 60 -37.49 4.33 -30.59
N ASP A 61 -37.94 5.43 -29.99
CA ASP A 61 -38.92 6.34 -30.63
C ASP A 61 -39.31 7.40 -29.58
N GLY A 62 -39.16 8.70 -29.85
CA GLY A 62 -38.63 9.25 -31.09
C GLY A 62 -37.28 9.95 -30.90
N LYS A 63 -37.31 11.21 -30.46
CA LYS A 63 -36.07 11.97 -30.27
C LYS A 63 -35.82 12.57 -28.90
N ASN A 64 -34.59 12.39 -28.42
CA ASN A 64 -34.14 12.97 -27.15
C ASN A 64 -33.57 14.34 -27.44
N VAL A 65 -33.89 15.31 -26.60
CA VAL A 65 -33.36 16.66 -26.75
C VAL A 65 -32.67 17.03 -25.46
N LEU A 66 -31.35 16.94 -25.49
CA LEU A 66 -30.52 17.23 -24.32
C LEU A 66 -30.07 18.68 -24.32
N SER A 67 -30.36 19.40 -23.23
CA SER A 67 -29.98 20.81 -23.11
C SER A 67 -28.84 21.02 -22.11
N GLU A 68 -28.13 22.15 -22.25
CA GLU A 68 -26.98 22.52 -21.42
C GLU A 68 -25.78 21.60 -21.66
N VAL A 69 -25.65 21.10 -22.89
CA VAL A 69 -24.54 20.23 -23.24
C VAL A 69 -23.30 21.06 -23.60
N PRO A 70 -22.18 20.83 -22.91
CA PRO A 70 -20.93 21.56 -23.13
C PRO A 70 -20.16 21.11 -24.38
N VAL A 71 -19.51 22.06 -25.05
CA VAL A 71 -18.74 21.76 -26.25
C VAL A 71 -17.38 21.15 -25.91
N LEU A 72 -17.41 19.96 -25.34
CA LEU A 72 -16.20 19.26 -24.95
C LEU A 72 -15.80 18.26 -26.01
N SER A 73 -14.51 17.99 -26.11
CA SER A 73 -14.04 17.03 -27.09
C SER A 73 -14.74 15.68 -26.85
N ASP A 74 -14.86 15.27 -25.59
CA ASP A 74 -15.54 14.00 -25.29
C ASP A 74 -16.98 13.97 -25.79
N VAL A 75 -17.68 15.11 -25.76
CA VAL A 75 -19.04 15.15 -26.27
C VAL A 75 -19.01 14.86 -27.79
N TYR A 76 -18.03 15.40 -28.48
CA TYR A 76 -17.91 15.15 -29.91
C TYR A 76 -17.62 13.68 -30.16
N THR A 77 -16.76 13.09 -29.33
CA THR A 77 -16.41 11.68 -29.48
C THR A 77 -17.60 10.78 -29.24
N ILE A 78 -18.32 11.00 -28.15
CA ILE A 78 -19.49 10.19 -27.84
C ILE A 78 -20.56 10.32 -28.94
N ASN A 79 -20.69 11.50 -29.53
CA ASN A 79 -21.67 11.70 -30.61
C ASN A 79 -21.31 10.87 -31.83
N GLU A 80 -20.02 10.84 -32.18
CA GLU A 80 -19.56 10.05 -33.32
C GLU A 80 -19.81 8.58 -33.07
N VAL A 81 -19.51 8.12 -31.86
CA VAL A 81 -19.76 6.72 -31.51
C VAL A 81 -21.21 6.42 -31.83
N LEU A 82 -22.12 7.26 -31.34
CA LEU A 82 -23.55 7.06 -31.60
C LEU A 82 -23.87 7.02 -33.09
N ARG A 83 -23.23 7.86 -33.89
CA ARG A 83 -23.48 7.85 -35.34
C ARG A 83 -22.98 6.52 -35.90
N HIS A 84 -21.85 6.05 -35.38
CA HIS A 84 -21.26 4.79 -35.81
C HIS A 84 -22.22 3.65 -35.47
N LEU A 85 -22.99 3.81 -34.39
CA LEU A 85 -23.97 2.82 -33.98
C LEU A 85 -25.28 3.00 -34.76
N ASN A 86 -25.26 3.88 -35.74
CA ASN A 86 -26.40 4.17 -36.61
C ASN A 86 -27.51 5.00 -35.98
N ALA A 87 -27.11 6.07 -35.30
CA ALA A 87 -28.07 6.98 -34.68
C ALA A 87 -27.76 8.38 -35.19
N GLU A 88 -28.80 9.18 -35.43
CA GLU A 88 -28.60 10.54 -35.89
C GLU A 88 -28.40 11.42 -34.67
N VAL A 89 -27.36 12.25 -34.73
CA VAL A 89 -27.04 13.15 -33.63
C VAL A 89 -26.75 14.53 -34.18
N VAL A 90 -27.52 15.53 -33.77
CA VAL A 90 -27.30 16.91 -34.19
C VAL A 90 -26.98 17.70 -32.94
N PHE A 91 -25.82 18.34 -32.93
CA PHE A 91 -25.36 19.12 -31.80
C PHE A 91 -25.24 20.59 -32.21
N GLU A 92 -26.04 21.44 -31.58
CA GLU A 92 -26.11 22.87 -31.90
C GLU A 92 -26.50 23.69 -30.67
N ASN A 93 -25.93 24.89 -30.54
CA ASN A 93 -26.23 25.79 -29.41
C ASN A 93 -26.38 25.08 -28.08
N ASN A 94 -25.37 24.29 -27.71
CA ASN A 94 -25.39 23.53 -26.46
C ASN A 94 -26.56 22.54 -26.34
N GLN A 95 -27.01 22.01 -27.48
CA GLN A 95 -28.10 21.01 -27.50
C GLN A 95 -27.82 19.87 -28.45
N VAL A 96 -28.05 18.65 -27.97
CA VAL A 96 -27.84 17.43 -28.74
C VAL A 96 -29.17 16.72 -28.98
N THR A 97 -29.62 16.71 -30.24
CA THR A 97 -30.87 16.05 -30.62
C THR A 97 -30.49 14.67 -31.13
N ILE A 98 -30.99 13.64 -30.45
CA ILE A 98 -30.66 12.27 -30.82
C ILE A 98 -31.87 11.49 -31.28
N ASP A 99 -31.69 10.73 -32.36
CA ASP A 99 -32.73 9.89 -32.92
C ASP A 99 -32.13 8.50 -33.04
N ALA A 100 -32.66 7.56 -32.25
CA ALA A 100 -32.22 6.17 -32.27
C ALA A 100 -33.38 5.25 -32.63
N SER A 101 -34.22 5.71 -33.56
CA SER A 101 -35.40 4.95 -33.98
C SER A 101 -35.09 3.78 -34.92
N LYS A 102 -34.00 3.84 -35.69
CA LYS A 102 -33.66 2.74 -36.59
C LYS A 102 -32.91 1.70 -35.78
N GLU A 103 -32.78 0.48 -36.30
CA GLU A 103 -32.05 -0.55 -35.58
C GLU A 103 -30.58 -0.15 -35.50
N LEU A 104 -30.01 -0.32 -34.31
CA LEU A 104 -28.63 0.07 -34.05
C LEU A 104 -27.64 -1.04 -34.39
N ASN A 105 -26.37 -0.66 -34.50
CA ASN A 105 -25.29 -1.60 -34.74
C ASN A 105 -24.79 -2.03 -33.37
N ILE A 106 -23.83 -2.96 -33.32
CA ILE A 106 -23.34 -3.46 -32.02
C ILE A 106 -21.90 -3.15 -31.66
N GLU A 107 -21.07 -2.83 -32.65
CA GLU A 107 -19.64 -2.59 -32.41
C GLU A 107 -19.21 -1.14 -32.18
N ALA A 108 -18.41 -0.94 -31.14
CA ALA A 108 -17.83 0.34 -30.77
C ALA A 108 -16.32 0.11 -30.88
N PRO A 109 -15.72 0.48 -32.03
CA PRO A 109 -14.29 0.24 -32.30
C PRO A 109 -13.28 0.83 -31.31
N PHE A 110 -12.05 0.36 -31.42
CA PHE A 110 -10.94 0.77 -30.54
C PHE A 110 -10.50 2.22 -30.73
N GLU A 111 -10.60 2.77 -31.94
CA GLU A 111 -10.18 4.16 -32.14
C GLU A 111 -10.93 5.13 -31.22
N TYR A 112 -12.19 4.84 -30.93
CA TYR A 112 -12.96 5.71 -30.03
C TYR A 112 -12.66 5.39 -28.58
N VAL A 113 -12.58 4.10 -28.25
CA VAL A 113 -12.35 3.68 -26.87
C VAL A 113 -10.98 4.11 -26.34
N ARG A 114 -9.98 4.19 -27.20
CA ARG A 114 -8.66 4.61 -26.74
C ARG A 114 -8.69 6.12 -26.49
N LYS A 115 -9.34 6.86 -27.38
CA LYS A 115 -9.46 8.31 -27.23
C LYS A 115 -10.26 8.65 -25.99
N MET A 116 -11.43 8.02 -25.86
CA MET A 116 -12.32 8.26 -24.72
C MET A 116 -12.77 6.94 -24.11
N ARG A 117 -12.38 6.75 -22.86
CA ARG A 117 -12.65 5.55 -22.11
C ARG A 117 -14.17 5.37 -21.91
N ALA A 118 -14.86 6.48 -21.66
CA ALA A 118 -16.29 6.47 -21.43
C ALA A 118 -17.13 5.88 -22.58
N SER A 119 -16.49 5.52 -23.70
CA SER A 119 -17.22 4.92 -24.82
C SER A 119 -17.85 3.59 -24.44
N VAL A 120 -17.30 2.92 -23.42
CA VAL A 120 -17.83 1.64 -22.95
C VAL A 120 -19.27 1.81 -22.44
N GLN A 121 -19.60 3.01 -21.98
CA GLN A 121 -20.95 3.36 -21.51
C GLN A 121 -22.07 3.01 -22.52
N VAL A 122 -21.74 2.80 -23.79
CA VAL A 122 -22.76 2.42 -24.76
C VAL A 122 -23.10 0.93 -24.69
N MET A 123 -22.31 0.17 -23.94
CA MET A 123 -22.51 -1.27 -23.86
C MET A 123 -23.86 -1.66 -23.26
N GLY A 124 -24.19 -1.09 -22.10
CA GLY A 124 -25.46 -1.39 -21.45
C GLY A 124 -26.64 -1.15 -22.38
N PRO A 125 -26.78 0.10 -22.86
CA PRO A 125 -27.85 0.47 -23.77
C PRO A 125 -27.93 -0.44 -24.99
N LEU A 126 -26.81 -0.66 -25.68
CA LEU A 126 -26.81 -1.54 -26.86
C LEU A 126 -27.27 -2.94 -26.48
N LEU A 127 -26.76 -3.43 -25.37
CA LEU A 127 -27.07 -4.75 -24.90
C LEU A 127 -28.59 -4.82 -24.62
N ALA A 128 -29.14 -3.74 -24.10
CA ALA A 128 -30.58 -3.66 -23.80
C ALA A 128 -31.40 -3.55 -25.09
N ARG A 129 -30.91 -2.82 -26.08
CA ARG A 129 -31.64 -2.67 -27.34
C ARG A 129 -31.58 -3.89 -28.26
N ASN A 130 -30.38 -4.39 -28.54
CA ASN A 130 -30.24 -5.51 -29.47
C ASN A 130 -29.98 -6.90 -28.87
N GLY A 131 -29.68 -6.96 -27.58
CA GLY A 131 -29.40 -8.24 -26.96
C GLY A 131 -27.93 -8.62 -27.08
N ARG A 132 -27.13 -7.73 -27.66
CA ARG A 132 -25.70 -7.95 -27.78
C ARG A 132 -24.93 -6.68 -28.06
N ALA A 133 -23.67 -6.67 -27.62
CA ALA A 133 -22.77 -5.55 -27.79
C ALA A 133 -21.36 -6.07 -27.94
N ARG A 134 -20.54 -5.32 -28.65
CA ARG A 134 -19.15 -5.68 -28.86
C ARG A 134 -18.39 -4.40 -28.64
N ILE A 135 -17.66 -4.31 -27.55
CA ILE A 135 -16.92 -3.10 -27.21
C ILE A 135 -15.44 -3.38 -27.07
N ALA A 136 -14.63 -2.51 -27.66
CA ALA A 136 -13.18 -2.66 -27.58
C ALA A 136 -12.75 -2.40 -26.15
N LEU A 137 -11.93 -3.28 -25.59
CA LEU A 137 -11.44 -3.11 -24.23
C LEU A 137 -10.54 -1.88 -24.18
N PRO A 138 -10.64 -1.11 -23.08
CA PRO A 138 -9.86 0.12 -22.93
C PRO A 138 -8.35 -0.10 -22.86
N GLY A 139 -7.60 0.92 -23.25
CA GLY A 139 -6.14 0.89 -23.21
C GLY A 139 -5.62 1.47 -21.92
N GLY A 140 -4.29 1.46 -21.78
CA GLY A 140 -3.64 2.02 -20.58
C GLY A 140 -4.02 3.47 -20.34
N CYS A 141 -4.24 3.81 -19.08
CA CYS A 141 -4.63 5.17 -18.72
C CYS A 141 -3.65 5.80 -17.72
N ALA A 142 -3.48 7.12 -17.81
CA ALA A 142 -2.56 7.86 -16.94
C ALA A 142 -3.14 8.01 -15.53
N ILE A 143 -4.44 8.27 -15.47
CA ILE A 143 -5.16 8.41 -14.19
C ILE A 143 -5.04 7.12 -13.36
N GLY A 144 -4.97 5.98 -14.05
CA GLY A 144 -4.86 4.69 -13.38
C GLY A 144 -5.80 3.66 -13.97
N SER A 145 -5.49 2.39 -13.75
CA SER A 145 -6.31 1.31 -14.26
C SER A 145 -7.74 1.41 -13.75
N ARG A 146 -8.68 1.51 -14.68
CA ARG A 146 -10.10 1.61 -14.38
C ARG A 146 -10.80 0.50 -15.16
N PRO A 147 -10.65 -0.75 -14.69
CA PRO A 147 -11.22 -1.93 -15.36
C PRO A 147 -12.73 -1.92 -15.47
N ILE A 148 -13.25 -2.78 -16.33
CA ILE A 148 -14.68 -2.87 -16.53
C ILE A 148 -15.25 -4.15 -15.92
N ASP A 149 -14.44 -4.88 -15.18
CA ASP A 149 -14.87 -6.13 -14.55
C ASP A 149 -16.28 -6.00 -13.94
N GLN A 150 -16.49 -4.96 -13.14
CA GLN A 150 -17.77 -4.72 -12.47
C GLN A 150 -18.94 -4.54 -13.43
N HIS A 151 -18.66 -4.00 -14.62
CA HIS A 151 -19.69 -3.80 -15.64
C HIS A 151 -20.14 -5.18 -16.14
N LEU A 152 -19.16 -6.03 -16.41
CA LEU A 152 -19.40 -7.37 -16.94
C LEU A 152 -20.08 -8.23 -15.90
N LYS A 153 -19.68 -8.08 -14.65
CA LYS A 153 -20.27 -8.82 -13.55
C LYS A 153 -21.78 -8.59 -13.59
N GLY A 154 -22.16 -7.34 -13.79
CA GLY A 154 -23.56 -6.96 -13.85
C GLY A 154 -24.30 -7.57 -15.02
N PHE A 155 -23.72 -7.48 -16.21
CA PHE A 155 -24.39 -8.02 -17.39
C PHE A 155 -24.50 -9.54 -17.32
N GLU A 156 -23.46 -10.23 -16.85
CA GLU A 156 -23.50 -11.68 -16.74
C GLU A 156 -24.68 -12.06 -15.85
N ALA A 157 -24.92 -11.28 -14.80
CA ALA A 157 -26.01 -11.53 -13.85
C ALA A 157 -27.38 -11.39 -14.49
N MET A 158 -27.49 -10.52 -15.50
CA MET A 158 -28.75 -10.27 -16.21
C MET A 158 -28.95 -11.23 -17.38
N GLY A 159 -28.09 -12.26 -17.45
CA GLY A 159 -28.19 -13.29 -18.50
C GLY A 159 -27.26 -13.16 -19.68
N ALA A 160 -26.29 -12.26 -19.59
CA ALA A 160 -25.34 -12.01 -20.67
C ALA A 160 -24.15 -12.97 -20.64
N LYS A 161 -23.73 -13.41 -21.83
CA LYS A 161 -22.61 -14.31 -21.96
C LYS A 161 -21.44 -13.47 -22.47
N VAL A 162 -20.33 -13.45 -21.72
CA VAL A 162 -19.18 -12.63 -22.10
C VAL A 162 -17.94 -13.42 -22.55
N GLN A 163 -17.36 -12.97 -23.66
CA GLN A 163 -16.16 -13.56 -24.25
C GLN A 163 -15.31 -12.40 -24.74
N VAL A 164 -14.05 -12.66 -25.02
CA VAL A 164 -13.15 -11.63 -25.50
C VAL A 164 -12.48 -12.08 -26.80
N GLY A 165 -12.35 -11.17 -27.75
CA GLY A 165 -11.72 -11.49 -29.03
C GLY A 165 -11.23 -10.27 -29.77
N ASN A 166 -10.00 -10.35 -30.30
CA ASN A 166 -9.40 -9.28 -31.08
C ASN A 166 -9.46 -7.91 -30.38
N GLY A 167 -9.27 -7.93 -29.06
CA GLY A 167 -9.30 -6.69 -28.28
C GLY A 167 -10.69 -6.23 -27.90
N PHE A 168 -11.71 -6.98 -28.28
CA PHE A 168 -13.10 -6.65 -27.96
C PHE A 168 -13.69 -7.58 -26.94
N VAL A 169 -14.63 -7.04 -26.17
CA VAL A 169 -15.38 -7.80 -25.18
C VAL A 169 -16.76 -7.95 -25.81
N GLU A 170 -17.15 -9.18 -26.09
CA GLU A 170 -18.44 -9.47 -26.72
C GLU A 170 -19.42 -9.87 -25.65
N ALA A 171 -20.63 -9.34 -25.74
CA ALA A 171 -21.67 -9.68 -24.79
C ALA A 171 -22.95 -9.93 -25.56
N TYR A 172 -23.52 -11.12 -25.40
CA TYR A 172 -24.76 -11.45 -26.06
C TYR A 172 -25.66 -12.16 -25.04
N VAL A 173 -26.95 -11.82 -25.06
CA VAL A 173 -27.92 -12.39 -24.13
C VAL A 173 -28.77 -13.48 -24.78
N GLU A 174 -29.05 -14.52 -24.00
CA GLU A 174 -29.87 -15.65 -24.42
C GLU A 174 -31.30 -15.24 -24.18
N GLY A 175 -32.10 -15.12 -25.23
CA GLY A 175 -33.47 -14.68 -25.07
C GLY A 175 -33.37 -13.18 -24.88
N GLU A 176 -33.63 -12.70 -23.67
CA GLU A 176 -33.53 -11.26 -23.39
C GLU A 176 -33.01 -10.98 -21.98
N LEU A 177 -32.61 -9.75 -21.72
CA LEU A 177 -32.09 -9.37 -20.40
C LEU A 177 -33.09 -9.61 -19.28
N LYS A 178 -32.61 -10.19 -18.20
CA LYS A 178 -33.43 -10.46 -17.03
C LYS A 178 -33.06 -9.48 -15.93
N GLY A 179 -34.03 -9.12 -15.12
CA GLY A 179 -33.77 -8.23 -14.00
C GLY A 179 -33.07 -9.12 -12.99
N ALA A 180 -31.99 -8.63 -12.41
CA ALA A 180 -31.24 -9.43 -11.44
C ALA A 180 -30.83 -8.64 -10.21
N LYS A 181 -30.44 -9.39 -9.20
CA LYS A 181 -30.00 -8.87 -7.93
C LYS A 181 -28.49 -8.79 -8.07
N ILE A 182 -27.94 -7.58 -8.15
CA ILE A 182 -26.50 -7.39 -8.35
C ILE A 182 -25.80 -6.59 -7.26
N TYR A 183 -24.61 -7.05 -6.88
CA TYR A 183 -23.80 -6.38 -5.86
C TYR A 183 -22.46 -5.92 -6.41
N LEU A 184 -22.18 -4.64 -6.26
CA LEU A 184 -20.93 -4.09 -6.71
C LEU A 184 -19.93 -4.21 -5.58
N ASP A 185 -18.74 -4.72 -5.88
CA ASP A 185 -17.68 -4.85 -4.89
C ASP A 185 -17.31 -3.47 -4.36
N PHE A 186 -17.34 -2.48 -5.24
CA PHE A 186 -17.09 -1.10 -4.89
C PHE A 186 -18.03 -0.27 -5.76
N PRO A 187 -18.50 0.88 -5.25
CA PRO A 187 -19.46 1.72 -5.98
C PRO A 187 -18.92 2.37 -7.25
N SER A 188 -18.68 1.56 -8.27
CA SER A 188 -18.17 2.03 -9.55
C SER A 188 -19.19 2.91 -10.28
N VAL A 189 -18.79 4.14 -10.58
CA VAL A 189 -19.67 5.09 -11.28
C VAL A 189 -20.03 4.56 -12.66
N GLY A 190 -19.03 4.07 -13.38
CA GLY A 190 -19.23 3.52 -14.71
C GLY A 190 -20.11 2.29 -14.72
N ALA A 191 -19.84 1.38 -13.79
CA ALA A 191 -20.63 0.15 -13.69
C ALA A 191 -22.09 0.47 -13.38
N THR A 192 -22.31 1.42 -12.49
CA THR A 192 -23.67 1.79 -12.11
C THR A 192 -24.43 2.39 -13.30
N GLU A 193 -23.75 3.19 -14.10
CA GLU A 193 -24.35 3.81 -15.26
C GLU A 193 -24.76 2.73 -16.28
N ASN A 194 -23.83 1.86 -16.66
CA ASN A 194 -24.15 0.77 -17.60
C ASN A 194 -25.19 -0.21 -17.12
N ILE A 195 -25.06 -0.66 -15.89
CA ILE A 195 -25.99 -1.64 -15.34
C ILE A 195 -27.37 -1.03 -15.19
N MET A 196 -27.42 0.19 -14.66
CA MET A 196 -28.70 0.89 -14.47
C MET A 196 -29.37 1.14 -15.81
N SER A 197 -28.59 1.58 -16.79
CA SER A 197 -29.11 1.87 -18.12
C SER A 197 -29.67 0.63 -18.79
N ALA A 198 -28.90 -0.46 -18.73
CA ALA A 198 -29.31 -1.74 -19.32
C ALA A 198 -30.58 -2.28 -18.68
N ALA A 199 -30.67 -2.18 -17.36
CA ALA A 199 -31.83 -2.67 -16.60
C ALA A 199 -33.16 -2.04 -17.02
N THR A 200 -33.14 -0.82 -17.52
CA THR A 200 -34.38 -0.15 -17.92
C THR A 200 -35.25 -0.93 -18.90
N LEU A 201 -34.62 -1.73 -19.77
CA LEU A 201 -35.36 -2.54 -20.77
C LEU A 201 -35.33 -4.05 -20.52
N ALA A 202 -34.80 -4.47 -19.38
CA ALA A 202 -34.72 -5.90 -19.08
C ALA A 202 -36.07 -6.38 -18.60
N LYS A 203 -36.27 -7.69 -18.60
CA LYS A 203 -37.51 -8.26 -18.11
C LYS A 203 -37.35 -8.44 -16.61
N GLY A 204 -38.34 -7.99 -15.84
CA GLY A 204 -38.29 -8.11 -14.39
C GLY A 204 -37.66 -6.90 -13.75
N THR A 205 -37.46 -6.98 -12.44
CA THR A 205 -36.88 -5.89 -11.68
C THR A 205 -35.43 -6.20 -11.28
N THR A 206 -34.57 -5.19 -11.40
CA THR A 206 -33.16 -5.32 -11.08
C THR A 206 -32.83 -4.55 -9.82
N ILE A 207 -32.13 -5.21 -8.90
CA ILE A 207 -31.74 -4.58 -7.64
C ILE A 207 -30.22 -4.45 -7.62
N LEU A 208 -29.76 -3.19 -7.72
CA LEU A 208 -28.33 -2.89 -7.74
C LEU A 208 -27.88 -2.38 -6.38
N GLU A 209 -27.21 -3.25 -5.64
CA GLU A 209 -26.75 -2.92 -4.29
C GLU A 209 -25.30 -2.40 -4.28
N ASN A 210 -25.05 -1.45 -3.39
CA ASN A 210 -23.75 -0.79 -3.27
C ASN A 210 -23.49 0.02 -4.55
N ALA A 211 -24.50 0.75 -5.02
CA ALA A 211 -24.39 1.55 -6.24
C ALA A 211 -23.70 2.92 -6.03
N ALA A 212 -23.25 3.53 -7.13
CA ALA A 212 -22.61 4.84 -7.06
C ALA A 212 -23.70 5.85 -6.69
N LYS A 213 -23.40 6.71 -5.71
CA LYS A 213 -24.34 7.71 -5.24
C LYS A 213 -24.07 9.11 -5.81
N GLU A 214 -23.02 9.24 -6.62
CA GLU A 214 -22.67 10.54 -7.23
C GLU A 214 -23.84 11.29 -7.86
N PRO A 215 -23.86 12.62 -7.71
CA PRO A 215 -24.89 13.49 -8.27
C PRO A 215 -25.17 13.22 -9.75
N GLU A 216 -24.14 12.80 -10.49
CA GLU A 216 -24.33 12.50 -11.90
C GLU A 216 -25.21 11.27 -12.08
N ILE A 217 -25.18 10.37 -11.10
CA ILE A 217 -25.99 9.15 -11.14
C ILE A 217 -27.47 9.53 -11.02
N VAL A 218 -27.74 10.46 -10.11
CA VAL A 218 -29.12 10.93 -9.88
C VAL A 218 -29.69 11.60 -11.12
N ASP A 219 -28.86 12.36 -11.84
CA ASP A 219 -29.31 13.06 -13.05
C ASP A 219 -29.55 12.05 -14.19
N LEU A 220 -28.71 11.00 -14.25
CA LEU A 220 -28.87 9.93 -15.26
C LEU A 220 -30.15 9.20 -14.98
N ALA A 221 -30.44 8.99 -13.69
CA ALA A 221 -31.66 8.31 -13.29
C ALA A 221 -32.85 9.16 -13.72
N ASN A 222 -32.82 10.44 -13.38
CA ASN A 222 -33.91 11.34 -13.76
C ASN A 222 -34.13 11.34 -15.26
N PHE A 223 -33.05 11.16 -16.03
CA PHE A 223 -33.14 11.10 -17.47
C PHE A 223 -33.82 9.81 -17.92
N LEU A 224 -33.38 8.67 -17.38
CA LEU A 224 -33.98 7.38 -17.73
C LEU A 224 -35.50 7.38 -17.47
N ASN A 225 -35.90 7.90 -16.30
CA ASN A 225 -37.30 8.00 -15.94
C ASN A 225 -38.05 8.92 -16.89
N ALA A 226 -37.36 9.97 -17.34
CA ALA A 226 -37.95 10.93 -18.29
C ALA A 226 -38.29 10.24 -19.60
N MET A 227 -37.42 9.31 -20.00
CA MET A 227 -37.61 8.53 -21.22
C MET A 227 -38.68 7.46 -21.05
N GLY A 228 -39.13 7.26 -19.81
CA GLY A 228 -40.18 6.27 -19.52
C GLY A 228 -39.75 5.06 -18.71
N ALA A 229 -38.63 5.17 -18.00
CA ALA A 229 -38.14 4.06 -17.19
C ALA A 229 -38.65 4.17 -15.75
N LYS A 230 -38.42 3.12 -14.96
CA LYS A 230 -38.83 3.11 -13.57
C LYS A 230 -37.64 2.81 -12.66
N VAL A 231 -36.80 3.83 -12.49
CA VAL A 231 -35.61 3.76 -11.65
C VAL A 231 -35.87 4.40 -10.30
N ARG A 232 -35.63 3.66 -9.22
CA ARG A 232 -35.82 4.16 -7.87
C ARG A 232 -34.60 3.92 -7.01
N GLY A 233 -34.24 4.90 -6.17
CA GLY A 233 -33.08 4.76 -5.29
C GLY A 233 -31.81 5.46 -5.76
N ALA A 234 -31.85 6.13 -6.91
CA ALA A 234 -30.68 6.86 -7.41
C ALA A 234 -30.31 7.91 -6.37
N GLY A 235 -29.11 7.82 -5.84
CA GLY A 235 -28.65 8.74 -4.79
C GLY A 235 -28.39 7.96 -3.51
N THR A 236 -29.01 6.77 -3.43
CA THR A 236 -28.83 5.89 -2.29
C THR A 236 -27.97 4.73 -2.77
N GLY A 237 -27.61 3.84 -1.85
CA GLY A 237 -26.76 2.73 -2.23
C GLY A 237 -27.48 1.55 -2.82
N THR A 238 -28.79 1.66 -2.99
CA THR A 238 -29.58 0.55 -3.53
C THR A 238 -30.55 1.08 -4.57
N ILE A 239 -30.22 0.87 -5.84
CA ILE A 239 -31.06 1.30 -6.94
C ILE A 239 -31.92 0.17 -7.46
N ARG A 240 -33.23 0.43 -7.55
CA ARG A 240 -34.19 -0.56 -8.03
C ARG A 240 -34.70 -0.12 -9.39
N ILE A 241 -34.55 -0.99 -10.38
CA ILE A 241 -35.03 -0.71 -11.71
C ILE A 241 -36.04 -1.78 -12.10
N GLU A 242 -37.28 -1.40 -12.39
CA GLU A 242 -38.26 -2.39 -12.86
C GLU A 242 -38.35 -2.17 -14.37
N GLY A 243 -37.94 -3.18 -15.13
CA GLY A 243 -37.92 -3.13 -16.58
C GLY A 243 -39.23 -2.84 -17.29
N VAL A 244 -39.12 -2.15 -18.43
CA VAL A 244 -40.29 -1.78 -19.24
C VAL A 244 -40.09 -2.28 -20.68
N ASP A 245 -41.18 -2.23 -21.46
CA ASP A 245 -41.16 -2.69 -22.85
C ASP A 245 -40.28 -1.79 -23.69
N LYS A 246 -40.54 -0.48 -23.70
CA LYS A 246 -39.66 0.42 -24.45
C LYS A 246 -39.57 1.82 -23.86
N LEU A 247 -38.50 2.51 -24.22
CA LEU A 247 -38.24 3.87 -23.75
C LEU A 247 -38.49 4.85 -24.89
N TYR A 248 -38.75 6.09 -24.55
CA TYR A 248 -39.04 7.11 -25.56
C TYR A 248 -38.15 8.32 -25.40
N GLY A 249 -38.10 9.15 -26.45
CA GLY A 249 -37.30 10.37 -26.43
C GLY A 249 -37.88 11.41 -25.50
N ALA A 250 -37.01 12.09 -24.75
CA ALA A 250 -37.45 13.11 -23.82
C ALA A 250 -36.61 14.37 -23.96
N ASN A 251 -37.01 15.41 -23.25
CA ASN A 251 -36.29 16.68 -23.24
C ASN A 251 -35.67 16.82 -21.86
N HIS A 252 -34.35 16.72 -21.79
CA HIS A 252 -33.65 16.80 -20.52
C HIS A 252 -32.56 17.87 -20.50
N SER A 253 -32.41 18.51 -19.35
CA SER A 253 -31.39 19.54 -19.14
C SER A 253 -30.34 18.99 -18.18
N ILE A 254 -29.09 18.97 -18.63
CA ILE A 254 -28.00 18.40 -17.83
C ILE A 254 -27.62 19.33 -16.68
N ILE A 255 -27.42 18.74 -15.50
CA ILE A 255 -27.08 19.52 -14.29
C ILE A 255 -25.72 20.21 -14.45
N PRO A 256 -25.49 21.26 -13.65
CA PRO A 256 -24.21 21.97 -13.72
C PRO A 256 -23.03 21.05 -13.35
N ASP A 257 -21.84 21.39 -13.85
CA ASP A 257 -20.62 20.61 -13.60
C ASP A 257 -20.02 21.00 -12.25
N ARG A 258 -20.25 20.17 -11.23
CA ARG A 258 -19.76 20.46 -9.88
C ARG A 258 -18.25 20.46 -9.79
N ILE A 259 -17.59 19.65 -10.63
CA ILE A 259 -16.14 19.59 -10.64
C ILE A 259 -15.60 20.87 -11.24
N GLU A 260 -16.20 21.32 -12.34
CA GLU A 260 -15.76 22.58 -12.95
C GLU A 260 -15.96 23.67 -11.91
N ALA A 261 -17.12 23.65 -11.26
CA ALA A 261 -17.42 24.63 -10.22
C ALA A 261 -16.37 24.56 -9.11
N GLY A 262 -16.00 23.32 -8.75
CA GLY A 262 -15.00 23.10 -7.73
C GLY A 262 -13.68 23.73 -8.11
N THR A 263 -13.27 23.51 -9.36
CA THR A 263 -12.03 24.08 -9.84
C THR A 263 -12.00 25.59 -9.64
N PHE A 264 -13.13 26.25 -9.88
CA PHE A 264 -13.20 27.69 -9.68
C PHE A 264 -13.19 28.06 -8.21
N MET A 265 -13.72 27.19 -7.35
CA MET A 265 -13.71 27.46 -5.91
C MET A 265 -12.24 27.52 -5.48
N VAL A 266 -11.42 26.65 -6.07
CA VAL A 266 -10.00 26.61 -5.75
C VAL A 266 -9.29 27.88 -6.24
N ALA A 267 -9.71 28.41 -7.39
CA ALA A 267 -9.12 29.62 -7.98
C ALA A 267 -9.29 30.80 -7.05
N ALA A 268 -10.47 30.90 -6.47
CA ALA A 268 -10.76 31.98 -5.54
C ALA A 268 -9.91 31.83 -4.29
N ALA A 269 -9.93 30.64 -3.72
CA ALA A 269 -9.20 30.35 -2.48
C ALA A 269 -7.68 30.42 -2.62
N ILE A 270 -7.16 29.98 -3.76
CA ILE A 270 -5.74 29.96 -3.99
C ILE A 270 -5.16 31.37 -4.20
N THR A 271 -5.95 32.27 -4.79
CA THR A 271 -5.50 33.66 -5.03
C THR A 271 -6.07 34.64 -4.01
N GLY A 272 -6.93 34.16 -3.11
CA GLY A 272 -7.53 35.01 -2.09
C GLY A 272 -8.50 36.02 -2.69
N GLY A 273 -9.33 35.54 -3.62
CA GLY A 273 -10.28 36.42 -4.30
C GLY A 273 -11.73 36.30 -3.84
N ASP A 274 -12.63 36.77 -4.70
CA ASP A 274 -14.07 36.76 -4.46
C ASP A 274 -14.78 36.37 -5.76
N ILE A 275 -15.08 35.07 -5.89
CA ILE A 275 -15.73 34.53 -7.08
C ILE A 275 -17.15 34.05 -6.86
N LEU A 276 -18.07 34.55 -7.69
CA LEU A 276 -19.45 34.13 -7.62
C LEU A 276 -19.71 33.13 -8.74
N ILE A 277 -19.89 31.87 -8.38
CA ILE A 277 -20.17 30.81 -9.36
C ILE A 277 -21.70 30.76 -9.45
N GLU A 278 -22.25 31.72 -10.20
CA GLU A 278 -23.71 31.90 -10.38
C GLU A 278 -24.59 30.65 -10.35
N ASN A 279 -24.25 29.64 -11.16
CA ASN A 279 -25.08 28.42 -11.25
C ASN A 279 -24.61 27.18 -10.49
N ALA A 280 -23.68 27.36 -9.55
CA ALA A 280 -23.18 26.23 -8.76
C ALA A 280 -24.30 25.73 -7.86
N VAL A 281 -24.38 24.42 -7.69
CA VAL A 281 -25.39 23.80 -6.83
C VAL A 281 -24.74 23.42 -5.51
N PRO A 282 -25.07 24.16 -4.44
CA PRO A 282 -24.48 23.88 -3.12
C PRO A 282 -24.60 22.42 -2.72
N GLU A 283 -25.75 21.83 -3.01
CA GLU A 283 -26.04 20.45 -2.66
C GLU A 283 -25.02 19.45 -3.22
N HIS A 284 -24.48 19.74 -4.40
CA HIS A 284 -23.50 18.84 -5.01
C HIS A 284 -22.06 19.21 -4.67
N LEU A 285 -21.87 20.14 -3.74
CA LEU A 285 -20.52 20.59 -3.38
C LEU A 285 -20.20 20.54 -1.88
N ARG A 286 -21.06 19.94 -1.06
CA ARG A 286 -20.80 19.91 0.38
C ARG A 286 -19.41 19.43 0.83
N SER A 287 -18.95 18.33 0.27
CA SER A 287 -17.65 17.79 0.67
C SER A 287 -16.54 18.78 0.41
N ILE A 288 -16.58 19.44 -0.75
CA ILE A 288 -15.58 20.41 -1.14
C ILE A 288 -15.65 21.63 -0.23
N THR A 289 -16.87 22.14 -0.05
CA THR A 289 -17.11 23.30 0.79
C THR A 289 -16.63 23.07 2.21
N ALA A 290 -17.01 21.94 2.79
CA ALA A 290 -16.62 21.60 4.15
C ALA A 290 -15.10 21.66 4.28
N LYS A 291 -14.39 21.03 3.34
CA LYS A 291 -12.92 21.03 3.37
C LYS A 291 -12.32 22.41 3.21
N MET A 292 -12.81 23.19 2.26
CA MET A 292 -12.25 24.53 2.11
C MET A 292 -12.55 25.38 3.34
N GLU A 293 -13.64 25.10 4.04
CA GLU A 293 -13.95 25.86 5.26
C GLU A 293 -12.95 25.51 6.36
N GLU A 294 -12.49 24.26 6.38
CA GLU A 294 -11.50 23.83 7.36
C GLU A 294 -10.18 24.55 7.13
N MET A 295 -9.97 25.02 5.91
CA MET A 295 -8.74 25.72 5.55
C MET A 295 -8.83 27.22 5.79
N GLY A 296 -10.01 27.70 6.18
CA GLY A 296 -10.19 29.11 6.44
C GLY A 296 -10.91 29.86 5.32
N VAL A 297 -11.29 29.13 4.27
CA VAL A 297 -11.99 29.75 3.16
C VAL A 297 -13.44 30.00 3.55
N LYS A 298 -14.00 31.11 3.08
CA LYS A 298 -15.38 31.45 3.41
C LYS A 298 -16.25 31.14 2.19
N ILE A 299 -17.36 30.43 2.41
CA ILE A 299 -18.26 30.06 1.33
C ILE A 299 -19.71 30.42 1.63
N ILE A 300 -20.28 31.31 0.82
CA ILE A 300 -21.65 31.75 0.99
C ILE A 300 -22.58 31.06 -0.01
N GLU A 301 -23.63 30.44 0.51
CA GLU A 301 -24.61 29.76 -0.33
C GLU A 301 -25.73 30.74 -0.64
N GLU A 302 -25.43 31.61 -1.61
CA GLU A 302 -26.35 32.67 -2.07
C GLU A 302 -27.71 32.14 -2.54
N ASN A 303 -28.55 33.05 -3.03
CA ASN A 303 -29.86 32.69 -3.56
C ASN A 303 -29.73 31.94 -4.88
N GLU A 304 -28.79 32.37 -5.73
CA GLU A 304 -28.55 31.75 -7.03
C GLU A 304 -27.62 30.53 -6.91
N GLY A 305 -26.31 30.77 -6.80
CA GLY A 305 -25.33 29.69 -6.71
C GLY A 305 -24.51 29.74 -5.43
N VAL A 306 -23.18 29.82 -5.58
CA VAL A 306 -22.26 29.85 -4.44
C VAL A 306 -21.15 30.89 -4.62
N ARG A 307 -20.84 31.61 -3.54
CA ARG A 307 -19.82 32.65 -3.56
C ARG A 307 -18.65 32.22 -2.66
N VAL A 308 -17.44 32.40 -3.16
CA VAL A 308 -16.24 31.98 -2.45
C VAL A 308 -15.24 33.11 -2.20
N ILE A 309 -14.98 33.42 -0.92
CA ILE A 309 -13.99 34.44 -0.56
C ILE A 309 -12.77 33.74 0.02
N GLY A 310 -11.59 34.00 -0.55
CA GLY A 310 -10.35 33.39 -0.09
C GLY A 310 -9.58 34.26 0.92
N PRO A 311 -9.00 33.61 1.95
CA PRO A 311 -8.24 34.28 2.99
C PRO A 311 -6.78 34.45 2.59
N ASP A 312 -6.05 35.29 3.33
CA ASP A 312 -4.62 35.52 3.04
C ASP A 312 -3.74 34.35 3.50
N LYS A 313 -4.19 33.59 4.48
CA LYS A 313 -3.42 32.45 4.97
C LYS A 313 -4.28 31.17 5.04
N LEU A 314 -3.97 30.20 4.20
CA LEU A 314 -4.70 28.94 4.17
C LEU A 314 -4.15 27.99 5.23
N LYS A 315 -5.05 27.23 5.85
N LYS A 315 -5.05 27.22 5.83
CA LYS A 315 -4.65 26.27 6.87
CA LYS A 315 -4.69 26.28 6.89
C LYS A 315 -4.56 24.88 6.26
C LYS A 315 -4.60 24.86 6.29
N ALA A 316 -3.59 24.10 6.70
CA ALA A 316 -3.39 22.74 6.19
C ALA A 316 -4.41 21.73 6.74
N VAL A 317 -4.98 20.94 5.84
CA VAL A 317 -5.94 19.89 6.18
C VAL A 317 -5.61 18.64 5.39
N ASP A 318 -6.13 17.51 5.85
CA ASP A 318 -5.92 16.24 5.15
C ASP A 318 -7.15 15.95 4.30
N ILE A 319 -6.91 15.35 3.15
CA ILE A 319 -7.98 15.00 2.24
C ILE A 319 -7.89 13.54 1.90
N LYS A 320 -9.03 12.87 1.93
CA LYS A 320 -9.07 11.46 1.60
C LYS A 320 -10.18 11.32 0.59
N THR A 321 -9.82 11.03 -0.65
CA THR A 321 -10.81 10.87 -1.71
C THR A 321 -11.53 9.57 -1.50
N MET A 322 -12.85 9.58 -1.73
CA MET A 322 -13.66 8.38 -1.57
C MET A 322 -14.90 8.49 -2.44
N PRO A 323 -15.65 7.39 -2.55
CA PRO A 323 -16.90 7.43 -3.29
C PRO A 323 -17.82 8.48 -2.67
N HIS A 324 -18.63 9.14 -3.50
CA HIS A 324 -19.56 10.16 -3.03
C HIS A 324 -20.44 9.54 -1.93
N PRO A 325 -20.84 10.33 -0.91
CA PRO A 325 -20.61 11.74 -0.65
C PRO A 325 -19.25 12.11 -0.06
N GLY A 326 -18.27 11.23 -0.22
CA GLY A 326 -16.92 11.48 0.26
C GLY A 326 -16.30 12.51 -0.67
N PHE A 327 -15.07 12.93 -0.36
CA PHE A 327 -14.40 13.93 -1.18
C PHE A 327 -14.09 13.33 -2.55
N PRO A 328 -14.46 14.02 -3.63
CA PRO A 328 -14.28 13.55 -4.99
C PRO A 328 -12.85 13.43 -5.50
N THR A 329 -12.53 12.29 -6.11
CA THR A 329 -11.21 12.05 -6.67
C THR A 329 -10.92 13.08 -7.79
N ASP A 330 -11.97 13.49 -8.51
CA ASP A 330 -11.82 14.47 -9.60
C ASP A 330 -11.38 15.88 -9.14
N MET A 331 -11.30 16.11 -7.83
CA MET A 331 -10.82 17.39 -7.29
C MET A 331 -9.45 17.22 -6.64
N GLN A 332 -8.97 15.99 -6.59
CA GLN A 332 -7.71 15.67 -5.95
C GLN A 332 -6.52 16.52 -6.40
N SER A 333 -6.24 16.54 -7.70
CA SER A 333 -5.11 17.30 -8.23
C SER A 333 -5.29 18.79 -8.04
N GLN A 334 -6.52 19.27 -8.14
CA GLN A 334 -6.76 20.68 -7.95
C GLN A 334 -6.42 21.05 -6.51
N MET A 335 -6.92 20.27 -5.55
CA MET A 335 -6.65 20.55 -4.13
C MET A 335 -5.17 20.53 -3.82
N MET A 336 -4.41 19.73 -4.55
CA MET A 336 -2.99 19.64 -4.35
C MET A 336 -2.36 21.01 -4.58
N ALA A 337 -2.82 21.71 -5.61
CA ALA A 337 -2.29 23.04 -5.91
C ALA A 337 -2.62 24.00 -4.77
N LEU A 338 -3.83 23.87 -4.24
CA LEU A 338 -4.29 24.70 -3.15
C LEU A 338 -3.47 24.44 -1.87
N LEU A 339 -3.28 23.16 -1.53
CA LEU A 339 -2.54 22.80 -0.33
C LEU A 339 -1.08 23.26 -0.35
N LEU A 340 -0.50 23.40 -1.53
CA LEU A 340 0.88 23.86 -1.66
C LEU A 340 1.05 25.30 -1.15
N GLN A 341 -0.05 26.01 -0.99
CA GLN A 341 -0.02 27.38 -0.48
C GLN A 341 -0.53 27.42 0.97
N ALA A 342 -0.79 26.25 1.55
CA ALA A 342 -1.29 26.15 2.93
C ALA A 342 -0.16 26.13 3.95
N ASP A 343 -0.42 26.73 5.11
CA ASP A 343 0.58 26.81 6.17
C ASP A 343 0.60 25.54 7.03
N GLY A 344 1.46 24.59 6.64
CA GLY A 344 1.58 23.34 7.38
C GLY A 344 1.57 22.10 6.51
N THR A 345 1.84 20.95 7.11
CA THR A 345 1.86 19.68 6.38
C THR A 345 0.45 19.29 5.95
N SER A 346 0.33 18.77 4.73
CA SER A 346 -0.96 18.38 4.17
C SER A 346 -0.80 17.14 3.32
N MET A 347 -1.73 16.20 3.45
CA MET A 347 -1.65 15.02 2.59
C MET A 347 -3.02 14.65 2.04
N ILE A 348 -3.00 14.09 0.84
CA ILE A 348 -4.18 13.63 0.16
C ILE A 348 -3.99 12.15 -0.06
N THR A 349 -4.91 11.33 0.44
CA THR A 349 -4.80 9.89 0.24
C THR A 349 -5.88 9.50 -0.74
N GLU A 350 -5.47 8.90 -1.84
CA GLU A 350 -6.37 8.49 -2.89
C GLU A 350 -6.85 7.05 -2.69
N THR A 351 -8.15 6.84 -2.46
CA THR A 351 -8.68 5.48 -2.28
C THR A 351 -9.49 4.99 -3.48
N VAL A 352 -9.63 5.83 -4.51
CA VAL A 352 -10.38 5.44 -5.71
C VAL A 352 -9.43 5.10 -6.86
N PHE A 353 -8.66 6.08 -7.31
CA PHE A 353 -7.72 5.89 -8.43
C PHE A 353 -6.23 6.00 -8.08
N GLU A 354 -5.56 4.87 -7.93
CA GLU A 354 -4.11 4.88 -7.71
C GLU A 354 -3.67 4.16 -8.99
N ASN A 355 -2.70 4.66 -9.75
CA ASN A 355 -1.92 5.87 -9.50
C ASN A 355 -2.45 7.10 -10.23
N ARG A 356 -3.00 8.05 -9.49
CA ARG A 356 -3.52 9.29 -10.08
C ARG A 356 -2.57 10.41 -9.64
N PHE A 357 -1.28 10.12 -9.68
CA PHE A 357 -0.25 11.08 -9.28
C PHE A 357 0.86 11.22 -10.32
N MET A 358 0.51 11.12 -11.60
CA MET A 358 1.49 11.24 -12.68
C MET A 358 1.84 12.73 -12.87
N HIS A 359 0.98 13.58 -12.33
CA HIS A 359 1.14 15.04 -12.37
C HIS A 359 2.06 15.59 -11.30
N VAL A 360 2.46 14.74 -10.34
CA VAL A 360 3.36 15.17 -9.27
C VAL A 360 4.66 15.73 -9.84
N GLU A 361 5.26 14.99 -10.77
CA GLU A 361 6.49 15.47 -11.41
C GLU A 361 6.35 16.87 -11.98
N GLU A 362 5.26 17.14 -12.66
CA GLU A 362 5.07 18.45 -13.25
C GLU A 362 5.06 19.53 -12.15
N PHE A 363 4.46 19.21 -11.00
CA PHE A 363 4.47 20.18 -9.89
C PHE A 363 5.88 20.39 -9.38
N ARG A 364 6.69 19.35 -9.43
CA ARG A 364 8.08 19.45 -8.98
C ARG A 364 8.88 20.35 -9.91
N ARG A 365 8.50 20.38 -11.19
CA ARG A 365 9.14 21.25 -12.17
C ARG A 365 8.96 22.67 -11.66
N MET A 366 7.81 22.92 -11.04
CA MET A 366 7.45 24.23 -10.50
C MET A 366 7.92 24.46 -9.06
N ASN A 367 8.93 23.71 -8.64
CA ASN A 367 9.54 23.85 -7.31
C ASN A 367 8.67 23.38 -6.13
N ALA A 368 7.69 22.51 -6.42
CA ALA A 368 6.82 21.99 -5.37
C ALA A 368 7.55 20.95 -4.54
N ASP A 369 7.28 20.95 -3.23
CA ASP A 369 7.88 19.98 -2.30
C ASP A 369 6.84 18.90 -2.07
N ILE A 370 6.87 17.85 -2.90
CA ILE A 370 5.90 16.78 -2.78
C ILE A 370 6.56 15.41 -2.67
N LYS A 371 5.92 14.53 -1.90
CA LYS A 371 6.42 13.18 -1.69
C LYS A 371 5.30 12.18 -1.97
N ILE A 372 5.57 11.22 -2.86
CA ILE A 372 4.59 10.20 -3.21
C ILE A 372 4.92 8.91 -2.47
N GLU A 373 4.03 8.48 -1.60
CA GLU A 373 4.24 7.24 -0.88
C GLU A 373 2.93 6.46 -0.91
N GLY A 374 3.00 5.25 -1.45
CA GLY A 374 1.83 4.39 -1.57
C GLY A 374 0.73 5.06 -2.38
N ARG A 375 -0.38 5.34 -1.72
CA ARG A 375 -1.55 5.98 -2.34
C ARG A 375 -1.76 7.38 -1.78
N SER A 376 -0.69 7.99 -1.30
CA SER A 376 -0.74 9.32 -0.73
C SER A 376 0.40 10.22 -1.21
N VAL A 377 0.13 11.52 -1.16
CA VAL A 377 1.13 12.52 -1.51
C VAL A 377 1.23 13.39 -0.28
N ILE A 378 2.45 13.81 0.05
CA ILE A 378 2.68 14.64 1.22
C ILE A 378 3.31 15.96 0.82
N MET A 379 2.61 17.07 1.05
CA MET A 379 3.19 18.38 0.75
C MET A 379 3.25 19.30 1.96
N ASN A 380 4.26 20.18 1.95
CA ASN A 380 4.47 21.18 2.99
C ASN A 380 4.49 22.56 2.37
N GLY A 381 3.64 23.45 2.88
CA GLY A 381 3.57 24.82 2.39
C GLY A 381 3.95 25.76 3.51
N PRO A 382 4.01 27.07 3.22
CA PRO A 382 3.73 27.65 1.90
C PRO A 382 4.95 27.65 0.99
N ASN A 383 4.82 27.00 -0.16
CA ASN A 383 5.89 26.94 -1.16
C ASN A 383 6.05 28.25 -1.93
N SER A 384 7.15 28.33 -2.68
CA SER A 384 7.44 29.47 -3.53
C SER A 384 7.53 28.93 -4.95
N LEU A 385 6.36 28.59 -5.51
CA LEU A 385 6.29 28.01 -6.85
C LEU A 385 6.89 28.87 -7.93
N GLN A 386 7.70 28.24 -8.79
CA GLN A 386 8.38 28.90 -9.88
C GLN A 386 7.78 28.43 -11.20
N GLY A 387 7.30 29.37 -12.00
CA GLY A 387 6.72 29.04 -13.29
C GLY A 387 7.71 28.25 -14.12
N ALA A 388 7.17 27.29 -14.87
CA ALA A 388 7.98 26.45 -15.73
C ALA A 388 7.09 25.91 -16.83
N GLU A 389 7.69 25.35 -17.87
CA GLU A 389 6.92 24.76 -18.94
C GLU A 389 6.51 23.38 -18.44
N VAL A 390 5.22 23.17 -18.26
CA VAL A 390 4.72 21.88 -17.79
C VAL A 390 3.68 21.33 -18.74
N GLY A 391 3.49 20.01 -18.69
CA GLY A 391 2.53 19.33 -19.54
C GLY A 391 1.40 18.67 -18.79
N ALA A 392 0.18 18.92 -19.23
CA ALA A 392 -0.99 18.31 -18.62
C ALA A 392 -0.90 16.81 -18.83
N THR A 393 -0.93 16.06 -17.74
CA THR A 393 -0.87 14.59 -17.83
C THR A 393 -2.27 14.09 -18.13
N ASP A 394 -3.25 14.79 -17.58
CA ASP A 394 -4.63 14.42 -17.75
C ASP A 394 -5.54 15.62 -17.49
N LEU A 395 -6.80 15.42 -17.78
CA LEU A 395 -7.83 16.43 -17.64
C LEU A 395 -7.75 17.34 -16.41
N ARG A 396 -7.90 16.74 -15.23
CA ARG A 396 -7.92 17.51 -14.00
C ARG A 396 -6.55 18.08 -13.62
N ALA A 397 -5.49 17.38 -13.99
CA ALA A 397 -4.15 17.86 -13.72
C ALA A 397 -3.91 19.16 -14.51
N ALA A 398 -4.44 19.22 -15.73
CA ALA A 398 -4.29 20.40 -16.57
C ALA A 398 -4.85 21.64 -15.89
N ALA A 399 -6.00 21.51 -15.25
CA ALA A 399 -6.61 22.61 -14.55
C ALA A 399 -5.75 22.95 -13.33
N ALA A 400 -5.24 21.91 -12.67
CA ALA A 400 -4.40 22.07 -11.48
C ALA A 400 -3.14 22.86 -11.82
N LEU A 401 -2.40 22.40 -12.83
CA LEU A 401 -1.18 23.10 -13.24
C LEU A 401 -1.50 24.58 -13.51
N ILE A 402 -2.57 24.83 -14.27
CA ILE A 402 -2.98 26.20 -14.56
C ILE A 402 -3.23 26.95 -13.25
N LEU A 403 -3.99 26.33 -12.35
CA LEU A 403 -4.27 26.93 -11.04
C LEU A 403 -2.99 27.24 -10.30
N ALA A 404 -2.04 26.31 -10.36
CA ALA A 404 -0.77 26.49 -9.69
C ALA A 404 -0.08 27.74 -10.22
N GLY A 405 -0.17 27.93 -11.53
CA GLY A 405 0.44 29.08 -12.21
C GLY A 405 -0.10 30.43 -11.79
N LEU A 406 -1.34 30.45 -11.32
CA LEU A 406 -1.97 31.69 -10.88
C LEU A 406 -1.26 32.28 -9.66
N VAL A 407 -0.53 31.45 -8.92
CA VAL A 407 0.18 31.91 -7.72
C VAL A 407 1.68 31.63 -7.74
N SER A 408 2.21 31.28 -8.92
CA SER A 408 3.64 30.99 -9.03
C SER A 408 4.40 32.12 -9.73
N GLU A 409 5.63 32.38 -9.27
CA GLU A 409 6.47 33.44 -9.81
C GLU A 409 6.90 33.14 -11.25
N GLY A 410 6.90 34.15 -12.10
CA GLY A 410 7.27 33.99 -13.51
C GLY A 410 6.08 33.49 -14.34
N TYR A 411 6.37 33.08 -15.58
CA TYR A 411 5.33 32.60 -16.49
C TYR A 411 5.22 31.07 -16.52
N THR A 412 4.03 30.55 -16.25
CA THR A 412 3.78 29.12 -16.29
C THR A 412 3.22 28.85 -17.68
N ARG A 413 3.67 27.74 -18.27
CA ARG A 413 3.28 27.37 -19.62
C ARG A 413 2.86 25.92 -19.67
N VAL A 414 1.55 25.71 -19.76
CA VAL A 414 0.97 24.36 -19.76
C VAL A 414 0.71 23.85 -21.19
N THR A 415 1.27 22.68 -21.52
CA THR A 415 1.06 22.10 -22.85
C THR A 415 0.10 20.91 -22.74
N GLU A 416 -0.10 20.19 -23.85
CA GLU A 416 -1.01 19.04 -23.88
C GLU A 416 -2.42 19.47 -23.47
N LEU A 417 -2.92 20.51 -24.14
CA LEU A 417 -4.25 21.05 -23.84
C LEU A 417 -5.40 20.16 -24.33
N LYS A 418 -5.10 19.12 -25.11
CA LYS A 418 -6.14 18.22 -25.57
C LYS A 418 -6.79 17.56 -24.37
N HIS A 419 -6.06 17.49 -23.26
CA HIS A 419 -6.60 16.93 -22.01
C HIS A 419 -7.56 17.93 -21.36
N LEU A 420 -7.15 19.20 -21.29
CA LEU A 420 -7.99 20.24 -20.70
C LEU A 420 -9.34 20.33 -21.43
N ASP A 421 -9.27 20.34 -22.76
CA ASP A 421 -10.47 20.44 -23.62
C ASP A 421 -11.48 19.29 -23.46
N ARG A 422 -11.07 18.22 -22.81
CA ARG A 422 -11.98 17.09 -22.57
C ARG A 422 -13.00 17.42 -21.50
N GLY A 423 -12.64 18.30 -20.56
CA GLY A 423 -13.57 18.65 -19.49
C GLY A 423 -13.76 20.11 -19.14
N TYR A 424 -13.12 21.04 -19.87
CA TYR A 424 -13.27 22.47 -19.57
C TYR A 424 -13.46 23.31 -20.83
N VAL A 425 -14.56 24.05 -20.88
CA VAL A 425 -14.86 24.92 -22.00
C VAL A 425 -14.38 26.34 -21.69
N ASP A 426 -13.62 26.94 -22.61
CA ASP A 426 -13.10 28.32 -22.45
C ASP A 426 -12.53 28.65 -21.06
N PHE A 427 -11.82 27.68 -20.48
CA PHE A 427 -11.23 27.82 -19.13
C PHE A 427 -10.38 29.07 -18.96
N HIS A 428 -9.52 29.35 -19.94
CA HIS A 428 -8.64 30.52 -19.89
C HIS A 428 -9.44 31.81 -20.01
N LYS A 429 -10.57 31.76 -20.74
CA LYS A 429 -11.41 32.93 -20.91
C LYS A 429 -12.16 33.27 -19.62
N LYS A 430 -12.60 32.25 -18.89
CA LYS A 430 -13.30 32.48 -17.64
C LYS A 430 -12.32 33.05 -16.60
N LEU A 431 -11.11 32.50 -16.55
CA LEU A 431 -10.08 32.98 -15.64
C LEU A 431 -9.64 34.40 -15.99
N ALA A 432 -9.65 34.74 -17.28
CA ALA A 432 -9.29 36.09 -17.71
C ALA A 432 -10.39 37.07 -17.29
N ALA A 433 -11.63 36.61 -17.39
CA ALA A 433 -12.79 37.43 -17.00
C ALA A 433 -12.78 37.72 -15.49
N LEU A 434 -12.01 36.92 -14.75
CA LEU A 434 -11.87 37.08 -13.31
C LEU A 434 -10.61 37.88 -12.96
N GLY A 435 -9.90 38.38 -13.97
CA GLY A 435 -8.70 39.19 -13.76
C GLY A 435 -7.36 38.46 -13.85
N ALA A 436 -7.38 37.18 -14.20
CA ALA A 436 -6.13 36.44 -14.31
C ALA A 436 -5.33 36.89 -15.53
N THR A 437 -4.00 36.90 -15.40
CA THR A 437 -3.12 37.21 -16.52
C THR A 437 -2.95 35.87 -17.22
N ILE A 438 -3.84 35.59 -18.17
CA ILE A 438 -3.84 34.32 -18.86
C ILE A 438 -4.08 34.50 -20.37
N GLU A 439 -3.62 33.55 -21.16
CA GLU A 439 -3.75 33.62 -22.62
C GLU A 439 -3.60 32.20 -23.20
N ARG A 440 -4.08 32.00 -24.43
CA ARG A 440 -3.98 30.70 -25.09
C ARG A 440 -3.29 30.99 -26.42
N VAL A 441 -2.01 30.67 -26.52
CA VAL A 441 -1.24 30.94 -27.73
C VAL A 441 -1.21 29.77 -28.70
N ASN A 442 -0.75 30.06 -29.93
CA ASN A 442 -0.69 29.08 -31.03
C ASN A 442 -2.10 28.60 -31.22
N GLU A 443 -2.96 29.61 -31.21
CA GLU A 443 -4.37 29.43 -31.30
C GLU A 443 -4.91 30.02 -32.60
N MET B 25 0.45 3.45 -39.58
CA MET B 25 1.52 3.58 -38.56
C MET B 25 2.28 2.24 -38.41
N GLU B 26 3.55 2.33 -38.01
CA GLU B 26 4.44 1.15 -37.92
C GLU B 26 4.24 0.23 -36.70
N LYS B 27 4.06 -1.07 -36.96
CA LYS B 27 3.88 -2.05 -35.87
C LYS B 27 4.50 -3.43 -36.14
N ILE B 28 4.54 -4.25 -35.10
CA ILE B 28 5.06 -5.61 -35.16
C ILE B 28 3.88 -6.56 -35.07
N ILE B 29 3.73 -7.41 -36.09
CA ILE B 29 2.65 -8.36 -36.16
C ILE B 29 3.20 -9.73 -35.79
N VAL B 30 2.59 -10.36 -34.79
CA VAL B 30 3.03 -11.66 -34.31
C VAL B 30 1.89 -12.69 -34.33
N ARG B 31 2.23 -13.94 -34.61
CA ARG B 31 1.26 -15.04 -34.59
C ARG B 31 1.86 -16.13 -33.72
N GLY B 32 1.07 -16.71 -32.82
CA GLY B 32 1.55 -17.76 -31.92
C GLY B 32 1.55 -19.15 -32.53
N GLY B 33 2.00 -20.13 -31.74
CA GLY B 33 1.99 -21.52 -32.19
C GLY B 33 3.32 -22.15 -32.53
N LYS B 34 4.38 -21.35 -32.52
CA LYS B 34 5.71 -21.86 -32.85
C LYS B 34 6.62 -22.02 -31.64
N ARG B 35 7.36 -23.14 -31.60
CA ARG B 35 8.34 -23.39 -30.56
C ARG B 35 9.62 -22.74 -31.04
N LEU B 36 10.08 -21.69 -30.35
CA LEU B 36 11.30 -21.03 -30.77
C LEU B 36 12.47 -21.98 -30.60
N ASN B 37 13.48 -21.83 -31.44
CA ASN B 37 14.64 -22.69 -31.40
C ASN B 37 15.82 -22.07 -32.16
N GLY B 38 17.01 -22.09 -31.56
CA GLY B 38 18.20 -21.55 -32.22
C GLY B 38 19.15 -20.77 -31.33
N THR B 39 19.97 -19.93 -31.99
CA THR B 39 20.97 -19.10 -31.32
C THR B 39 20.66 -17.61 -31.51
N VAL B 40 21.04 -16.81 -30.52
CA VAL B 40 20.83 -15.38 -30.56
C VAL B 40 21.91 -14.66 -29.76
N ARG B 41 22.33 -13.49 -30.26
CA ARG B 41 23.30 -12.66 -29.56
C ARG B 41 22.66 -11.41 -29.01
N VAL B 42 23.00 -11.13 -27.76
CA VAL B 42 22.53 -9.96 -27.06
C VAL B 42 23.47 -8.80 -27.38
N GLU B 43 22.94 -7.59 -27.40
CA GLU B 43 23.71 -6.37 -27.68
C GLU B 43 24.40 -5.88 -26.42
N GLY B 44 25.03 -4.70 -26.52
CA GLY B 44 25.67 -4.07 -25.36
C GLY B 44 24.58 -3.54 -24.46
N ALA B 45 24.83 -3.54 -23.16
CA ALA B 45 23.84 -3.10 -22.16
C ALA B 45 23.40 -1.63 -22.23
N LYS B 46 22.13 -1.42 -22.56
CA LYS B 46 21.56 -0.08 -22.64
C LYS B 46 21.79 0.70 -21.34
N ASN B 47 21.33 0.13 -20.23
CA ASN B 47 21.45 0.78 -18.93
C ASN B 47 22.88 0.98 -18.49
N ALA B 48 23.82 0.42 -19.25
CA ALA B 48 25.22 0.56 -18.97
C ALA B 48 25.81 1.67 -19.85
N VAL B 49 25.53 1.60 -21.14
CA VAL B 49 26.08 2.58 -22.07
C VAL B 49 25.64 4.02 -21.83
N LEU B 50 24.40 4.24 -21.37
CA LEU B 50 23.94 5.62 -21.14
C LEU B 50 24.72 6.33 -20.02
N PRO B 51 24.85 5.69 -18.85
CA PRO B 51 25.63 6.40 -17.84
C PRO B 51 27.11 6.48 -18.26
N ILE B 52 27.61 5.47 -18.97
CA ILE B 52 29.01 5.48 -19.41
C ILE B 52 29.25 6.66 -20.33
N ILE B 53 28.40 6.82 -21.34
CA ILE B 53 28.52 7.95 -22.26
C ILE B 53 28.48 9.27 -21.49
N ALA B 54 27.59 9.37 -20.51
CA ALA B 54 27.49 10.58 -19.68
C ALA B 54 28.80 10.77 -18.93
N ALA B 55 29.34 9.68 -18.39
CA ALA B 55 30.59 9.74 -17.66
C ALA B 55 31.74 10.19 -18.58
N ALA B 56 31.64 9.88 -19.87
CA ALA B 56 32.67 10.27 -20.83
C ALA B 56 33.04 11.76 -20.71
N LEU B 57 32.07 12.58 -20.34
CA LEU B 57 32.28 14.03 -20.14
C LEU B 57 33.36 14.38 -19.13
N LEU B 58 33.68 13.44 -18.24
CA LEU B 58 34.72 13.68 -17.24
C LEU B 58 36.09 13.80 -17.86
N ALA B 59 36.33 13.11 -18.98
CA ALA B 59 37.64 13.09 -19.67
C ALA B 59 38.01 14.37 -20.41
N SER B 60 38.82 15.21 -19.78
CA SER B 60 39.25 16.49 -20.35
C SER B 60 40.46 16.37 -21.28
N ASP B 61 40.80 15.14 -21.64
CA ASP B 61 41.92 14.82 -22.53
C ASP B 61 42.07 13.29 -22.47
N GLY B 62 42.03 12.54 -23.59
CA GLY B 62 41.82 13.00 -24.93
C GLY B 62 40.50 12.38 -25.39
N LYS B 63 40.53 11.18 -25.97
CA LYS B 63 39.29 10.53 -26.48
C LYS B 63 38.88 9.15 -25.92
N ASN B 64 37.59 9.02 -25.63
CA ASN B 64 37.00 7.78 -25.14
C ASN B 64 36.42 6.96 -26.28
N VAL B 65 36.83 5.70 -26.39
CA VAL B 65 36.31 4.84 -27.44
C VAL B 65 35.52 3.71 -26.79
N LEU B 66 34.21 3.72 -27.01
CA LEU B 66 33.32 2.71 -26.44
C LEU B 66 32.91 1.67 -27.46
N SER B 67 33.15 0.40 -27.13
CA SER B 67 32.79 -0.71 -28.01
C SER B 67 31.57 -1.44 -27.48
N GLU B 68 30.89 -2.13 -28.39
CA GLU B 68 29.68 -2.88 -28.08
C GLU B 68 28.50 -1.96 -27.76
N VAL B 69 28.49 -0.78 -28.37
CA VAL B 69 27.42 0.19 -28.16
C VAL B 69 26.27 -0.16 -29.11
N PRO B 70 25.08 -0.45 -28.54
CA PRO B 70 23.92 -0.82 -29.35
C PRO B 70 23.29 0.35 -30.08
N VAL B 71 22.72 0.08 -31.25
CA VAL B 71 22.06 1.12 -32.05
C VAL B 71 20.63 1.30 -31.54
N LEU B 72 20.52 2.04 -30.43
CA LEU B 72 19.25 2.34 -29.78
C LEU B 72 18.99 3.85 -29.86
N SER B 73 17.72 4.23 -29.89
CA SER B 73 17.36 5.65 -29.95
C SER B 73 17.91 6.42 -28.76
N ASP B 74 17.91 5.82 -27.58
CA ASP B 74 18.46 6.51 -26.40
C ASP B 74 19.95 6.79 -26.51
N VAL B 75 20.66 6.01 -27.33
CA VAL B 75 22.08 6.24 -27.56
C VAL B 75 22.20 7.51 -28.40
N TYR B 76 21.43 7.58 -29.49
CA TYR B 76 21.44 8.77 -30.33
C TYR B 76 21.07 10.00 -29.50
N THR B 77 20.05 9.87 -28.65
CA THR B 77 19.62 11.00 -27.83
C THR B 77 20.74 11.47 -26.89
N ILE B 78 21.34 10.54 -26.16
CA ILE B 78 22.41 10.92 -25.23
C ILE B 78 23.58 11.58 -26.02
N ASN B 79 23.88 11.06 -27.20
CA ASN B 79 24.94 11.63 -28.01
C ASN B 79 24.65 13.10 -28.32
N GLU B 80 23.40 13.42 -28.63
CA GLU B 80 23.04 14.81 -28.90
C GLU B 80 23.25 15.67 -27.66
N VAL B 81 22.89 15.12 -26.50
CA VAL B 81 23.07 15.85 -25.24
C VAL B 81 24.53 16.19 -25.06
N LEU B 82 25.42 15.25 -25.37
CA LEU B 82 26.86 15.51 -25.22
C LEU B 82 27.32 16.56 -26.23
N ARG B 83 26.71 16.59 -27.42
CA ARG B 83 27.08 17.58 -28.43
C ARG B 83 26.52 18.94 -28.04
N HIS B 84 25.33 18.93 -27.46
CA HIS B 84 24.72 20.17 -27.02
C HIS B 84 25.60 20.78 -25.93
N LEU B 85 26.29 19.91 -25.18
CA LEU B 85 27.20 20.35 -24.12
C LEU B 85 28.60 20.69 -24.65
N ASN B 86 28.71 20.76 -25.98
CA ASN B 86 29.94 21.12 -26.69
C ASN B 86 31.04 20.05 -26.69
N ALA B 87 30.62 18.79 -26.71
CA ALA B 87 31.55 17.68 -26.78
C ALA B 87 31.38 17.07 -28.17
N GLU B 88 32.42 16.40 -28.68
CA GLU B 88 32.33 15.79 -30.01
C GLU B 88 32.07 14.30 -29.89
N VAL B 89 31.02 13.83 -30.56
CA VAL B 89 30.66 12.45 -30.53
C VAL B 89 30.48 11.88 -31.93
N VAL B 90 31.09 10.71 -32.15
CA VAL B 90 31.01 10.00 -33.41
C VAL B 90 30.50 8.58 -33.09
N PHE B 91 29.46 8.16 -33.78
CA PHE B 91 28.88 6.84 -33.54
C PHE B 91 28.81 6.02 -34.82
N GLU B 92 29.62 4.97 -34.86
CA GLU B 92 29.70 4.10 -36.03
C GLU B 92 30.17 2.70 -35.65
N ASN B 93 29.74 1.69 -36.42
CA ASN B 93 30.11 0.30 -36.20
C ASN B 93 30.06 -0.12 -34.72
N ASN B 94 28.93 0.13 -34.08
CA ASN B 94 28.75 -0.21 -32.68
C ASN B 94 29.85 0.36 -31.80
N GLN B 95 30.38 1.51 -32.20
CA GLN B 95 31.46 2.17 -31.49
C GLN B 95 31.14 3.66 -31.32
N VAL B 96 31.30 4.17 -30.10
CA VAL B 96 31.05 5.58 -29.84
C VAL B 96 32.35 6.23 -29.36
N THR B 97 32.87 7.15 -30.18
CA THR B 97 34.11 7.85 -29.86
C THR B 97 33.74 9.24 -29.35
N ILE B 98 34.33 9.62 -28.22
CA ILE B 98 34.01 10.90 -27.61
C ILE B 98 35.24 11.72 -27.24
N ASP B 99 35.15 13.02 -27.52
CA ASP B 99 36.20 13.98 -27.20
C ASP B 99 35.54 15.13 -26.43
N ALA B 100 35.95 15.29 -25.18
CA ALA B 100 35.40 16.34 -24.33
C ALA B 100 36.51 17.25 -23.79
N SER B 101 37.56 17.44 -24.59
CA SER B 101 38.70 18.27 -24.16
C SER B 101 38.40 19.77 -24.14
N LYS B 102 37.42 20.20 -24.92
CA LYS B 102 37.01 21.60 -24.97
C LYS B 102 36.16 21.95 -23.76
N GLU B 103 35.97 23.24 -23.51
CA GLU B 103 35.15 23.68 -22.36
C GLU B 103 33.69 23.33 -22.63
N LEU B 104 33.06 22.74 -21.62
CA LEU B 104 31.67 22.29 -21.72
C LEU B 104 30.65 23.34 -21.29
N ASN B 105 29.46 23.24 -21.87
CA ASN B 105 28.35 24.11 -21.50
C ASN B 105 27.77 23.47 -20.25
N ILE B 106 26.79 24.10 -19.63
CA ILE B 106 26.23 23.57 -18.39
C ILE B 106 24.75 23.22 -18.44
N GLU B 107 24.09 23.50 -19.57
CA GLU B 107 22.65 23.27 -19.62
C GLU B 107 22.17 22.09 -20.47
N ALA B 108 21.23 21.35 -19.89
CA ALA B 108 20.57 20.22 -20.55
C ALA B 108 19.10 20.64 -20.62
N PRO B 109 18.68 21.18 -21.77
CA PRO B 109 17.32 21.68 -21.92
C PRO B 109 16.24 20.60 -21.77
N PHE B 110 15.04 21.03 -21.38
CA PHE B 110 13.90 20.13 -21.20
C PHE B 110 13.63 19.33 -22.47
N GLU B 111 14.01 19.91 -23.60
CA GLU B 111 13.87 19.27 -24.90
C GLU B 111 14.28 17.80 -24.80
N TYR B 112 15.53 17.57 -24.39
CA TYR B 112 16.07 16.22 -24.29
C TYR B 112 15.56 15.45 -23.07
N VAL B 113 15.33 16.15 -21.97
CA VAL B 113 14.90 15.51 -20.73
C VAL B 113 13.53 14.84 -20.80
N ARG B 114 12.56 15.46 -21.48
CA ARG B 114 11.23 14.84 -21.54
C ARG B 114 11.27 13.63 -22.47
N LYS B 115 12.19 13.68 -23.44
CA LYS B 115 12.35 12.61 -24.41
C LYS B 115 13.09 11.43 -23.78
N MET B 116 14.08 11.72 -22.93
CA MET B 116 14.85 10.69 -22.24
C MET B 116 15.23 11.20 -20.86
N ARG B 117 14.62 10.61 -19.83
CA ARG B 117 14.86 11.02 -18.46
C ARG B 117 16.32 10.81 -18.08
N ALA B 118 16.96 9.82 -18.69
CA ALA B 118 18.37 9.49 -18.42
C ALA B 118 19.33 10.63 -18.72
N SER B 119 18.85 11.65 -19.44
CA SER B 119 19.67 12.83 -19.75
C SER B 119 20.23 13.48 -18.48
N VAL B 120 19.53 13.29 -17.37
CA VAL B 120 19.92 13.84 -16.08
C VAL B 120 21.26 13.28 -15.61
N GLN B 121 21.68 12.15 -16.17
CA GLN B 121 22.93 11.53 -15.76
C GLN B 121 24.19 12.33 -16.14
N VAL B 122 24.03 13.46 -16.83
CA VAL B 122 25.18 14.30 -17.19
C VAL B 122 25.49 15.30 -16.06
N MET B 123 24.55 15.46 -15.14
CA MET B 123 24.69 16.41 -14.03
C MET B 123 25.95 16.16 -13.21
N GLY B 124 26.16 14.92 -12.81
CA GLY B 124 27.33 14.56 -12.02
C GLY B 124 28.61 14.99 -12.71
N PRO B 125 28.81 14.54 -13.96
CA PRO B 125 29.99 14.90 -14.73
C PRO B 125 30.16 16.40 -14.90
N LEU B 126 29.12 17.09 -15.35
CA LEU B 126 29.18 18.54 -15.54
C LEU B 126 29.59 19.24 -14.27
N LEU B 127 29.05 18.76 -13.17
CA LEU B 127 29.33 19.35 -11.87
C LEU B 127 30.80 19.11 -11.49
N ALA B 128 31.35 17.98 -11.93
CA ALA B 128 32.76 17.65 -11.67
C ALA B 128 33.72 18.45 -12.56
N ARG B 129 33.34 18.64 -13.82
CA ARG B 129 34.17 19.41 -14.77
C ARG B 129 34.09 20.91 -14.58
N ASN B 130 32.87 21.43 -14.48
CA ASN B 130 32.64 22.86 -14.36
C ASN B 130 32.20 23.38 -13.01
N GLY B 131 31.95 22.50 -12.05
CA GLY B 131 31.48 22.94 -10.73
C GLY B 131 30.12 23.62 -10.85
N ARG B 132 29.40 23.33 -11.94
CA ARG B 132 28.09 23.94 -12.19
C ARG B 132 27.29 23.10 -13.19
N ALA B 133 25.97 23.04 -12.98
CA ALA B 133 25.08 22.29 -13.87
C ALA B 133 23.66 22.83 -13.79
N ARG B 134 23.01 22.93 -14.96
CA ARG B 134 21.64 23.44 -15.01
C ARG B 134 20.83 22.43 -15.82
N ILE B 135 20.31 21.44 -15.11
CA ILE B 135 19.53 20.36 -15.70
C ILE B 135 18.02 20.56 -15.55
N ALA B 136 17.28 20.21 -16.58
CA ALA B 136 15.84 20.34 -16.55
C ALA B 136 15.25 19.24 -15.70
N LEU B 137 14.29 19.57 -14.85
CA LEU B 137 13.64 18.56 -14.02
C LEU B 137 12.75 17.73 -14.94
N PRO B 138 12.74 16.41 -14.74
CA PRO B 138 11.98 15.48 -15.59
C PRO B 138 10.46 15.50 -15.41
N GLY B 139 9.76 15.19 -16.49
CA GLY B 139 8.30 15.12 -16.49
C GLY B 139 7.89 13.74 -16.01
N GLY B 140 6.64 13.59 -15.59
CA GLY B 140 6.15 12.32 -15.09
C GLY B 140 6.03 11.27 -16.18
N CYS B 141 6.67 10.11 -15.99
CA CYS B 141 6.63 9.03 -16.96
C CYS B 141 5.56 8.01 -16.54
N ALA B 142 5.16 7.17 -17.50
CA ALA B 142 4.12 6.16 -17.28
C ALA B 142 4.50 5.01 -16.33
N ILE B 143 5.74 4.55 -16.40
CA ILE B 143 6.19 3.44 -15.56
C ILE B 143 6.25 3.75 -14.06
N GLY B 144 5.92 4.99 -13.68
CA GLY B 144 5.95 5.41 -12.29
C GLY B 144 6.85 6.62 -12.14
N SER B 145 6.96 7.14 -10.92
CA SER B 145 7.78 8.33 -10.69
C SER B 145 9.21 8.02 -10.20
N ARG B 146 10.18 8.49 -10.99
N ARG B 146 10.21 8.47 -10.94
CA ARG B 146 11.60 8.37 -10.70
CA ARG B 146 11.60 8.23 -10.58
C ARG B 146 12.16 9.73 -10.33
C ARG B 146 12.24 9.60 -10.28
N PRO B 147 12.04 10.10 -9.05
CA PRO B 147 12.57 11.41 -8.64
C PRO B 147 14.08 11.41 -8.58
N ILE B 148 14.65 12.60 -8.45
CA ILE B 148 16.10 12.73 -8.37
C ILE B 148 16.57 13.32 -7.04
N ASP B 149 15.70 13.29 -6.02
CA ASP B 149 16.05 13.82 -4.71
C ASP B 149 17.35 13.18 -4.19
N GLN B 150 17.52 11.88 -4.44
CA GLN B 150 18.72 11.17 -4.01
C GLN B 150 19.97 11.68 -4.72
N HIS B 151 19.82 12.16 -5.95
CA HIS B 151 20.93 12.70 -6.72
C HIS B 151 21.36 14.01 -6.08
N LEU B 152 20.37 14.88 -5.89
CA LEU B 152 20.57 16.21 -5.30
C LEU B 152 21.11 16.07 -3.89
N LYS B 153 20.56 15.12 -3.14
CA LYS B 153 21.02 14.86 -1.79
C LYS B 153 22.53 14.61 -1.84
N GLY B 154 22.94 13.79 -2.80
CA GLY B 154 24.35 13.47 -2.95
C GLY B 154 25.19 14.68 -3.29
N PHE B 155 24.72 15.47 -4.26
CA PHE B 155 25.45 16.68 -4.66
C PHE B 155 25.55 17.76 -3.57
N GLU B 156 24.48 17.93 -2.80
CA GLU B 156 24.51 18.92 -1.72
C GLU B 156 25.56 18.50 -0.68
N ALA B 157 25.64 17.21 -0.40
CA ALA B 157 26.62 16.69 0.56
C ALA B 157 28.06 16.99 0.11
N MET B 158 28.26 17.07 -1.21
CA MET B 158 29.59 17.35 -1.78
C MET B 158 29.90 18.87 -1.87
N GLY B 159 29.01 19.71 -1.33
CA GLY B 159 29.21 21.16 -1.31
C GLY B 159 28.39 21.98 -2.33
N ALA B 160 27.54 21.31 -3.10
CA ALA B 160 26.73 21.99 -4.11
C ALA B 160 25.46 22.66 -3.58
N LYS B 161 25.15 23.84 -4.10
CA LYS B 161 23.90 24.52 -3.75
C LYS B 161 22.93 24.34 -4.89
N VAL B 162 21.69 24.04 -4.55
CA VAL B 162 20.68 23.80 -5.55
C VAL B 162 19.49 24.74 -5.47
N GLN B 163 19.15 25.35 -6.59
N GLN B 163 19.16 25.35 -6.60
CA GLN B 163 18.02 26.26 -6.68
CA GLN B 163 18.05 26.28 -6.72
C GLN B 163 17.25 25.89 -7.93
C GLN B 163 17.25 25.87 -7.94
N VAL B 164 15.92 25.87 -7.83
CA VAL B 164 15.06 25.52 -8.96
C VAL B 164 14.39 26.76 -9.55
N GLY B 165 14.37 26.85 -10.87
CA GLY B 165 13.77 28.00 -11.55
C GLY B 165 13.57 27.71 -13.03
N ASN B 166 12.42 28.13 -13.55
CA ASN B 166 12.06 27.94 -14.95
C ASN B 166 12.16 26.48 -15.38
N GLY B 167 11.84 25.57 -14.47
CA GLY B 167 11.89 24.15 -14.75
C GLY B 167 13.26 23.51 -14.70
N PHE B 168 14.25 24.26 -14.21
CA PHE B 168 15.62 23.74 -14.11
C PHE B 168 16.07 23.65 -12.67
N VAL B 169 16.94 22.69 -12.42
CA VAL B 169 17.54 22.57 -11.10
C VAL B 169 18.99 23.00 -11.35
N GLU B 170 19.34 24.18 -10.88
CA GLU B 170 20.69 24.70 -11.08
C GLU B 170 21.55 24.43 -9.86
N ALA B 171 22.60 23.64 -10.06
CA ALA B 171 23.51 23.29 -8.98
C ALA B 171 24.85 23.98 -9.21
N TYR B 172 25.46 24.47 -8.14
CA TYR B 172 26.75 25.13 -8.23
C TYR B 172 27.51 24.92 -6.93
N VAL B 173 28.78 24.58 -7.07
CA VAL B 173 29.62 24.29 -5.93
C VAL B 173 30.14 25.55 -5.25
N GLU B 174 30.12 25.56 -3.93
CA GLU B 174 30.64 26.67 -3.15
C GLU B 174 32.08 26.31 -2.78
N GLY B 175 33.01 26.84 -3.56
CA GLY B 175 34.42 26.56 -3.39
C GLY B 175 34.75 25.56 -4.47
N GLU B 176 34.90 24.30 -4.08
CA GLU B 176 35.17 23.21 -5.01
C GLU B 176 34.46 21.97 -4.52
N LEU B 177 34.11 21.10 -5.46
CA LEU B 177 33.41 19.87 -5.14
C LEU B 177 34.25 19.05 -4.14
N LYS B 178 33.68 18.75 -2.98
CA LYS B 178 34.40 18.02 -1.94
C LYS B 178 33.84 16.63 -1.71
N GLY B 179 34.71 15.73 -1.26
CA GLY B 179 34.30 14.37 -0.98
C GLY B 179 33.49 14.34 0.30
N ALA B 180 32.59 13.38 0.42
CA ALA B 180 31.78 13.30 1.62
C ALA B 180 31.16 11.93 1.84
N LYS B 181 30.71 11.72 3.07
CA LYS B 181 30.04 10.49 3.46
C LYS B 181 28.59 10.66 3.04
N ILE B 182 28.15 9.85 2.08
CA ILE B 182 26.79 9.94 1.57
C ILE B 182 26.01 8.65 1.78
N TYR B 183 24.79 8.77 2.29
CA TYR B 183 23.94 7.62 2.53
C TYR B 183 22.65 7.73 1.75
N LEU B 184 22.46 6.84 0.80
CA LEU B 184 21.24 6.82 0.01
C LEU B 184 20.14 6.10 0.80
N ASP B 185 18.94 6.65 0.77
CA ASP B 185 17.80 6.06 1.47
C ASP B 185 17.42 4.74 0.80
N PHE B 186 17.60 4.69 -0.51
CA PHE B 186 17.35 3.48 -1.27
C PHE B 186 18.43 3.45 -2.34
N PRO B 187 18.91 2.24 -2.68
CA PRO B 187 19.98 2.05 -3.66
C PRO B 187 19.62 2.42 -5.08
N SER B 188 19.38 3.70 -5.30
CA SER B 188 19.02 4.25 -6.60
C SER B 188 20.10 4.06 -7.64
N VAL B 189 19.78 3.34 -8.71
CA VAL B 189 20.74 3.11 -9.78
C VAL B 189 21.26 4.45 -10.32
N GLY B 190 20.33 5.32 -10.74
CA GLY B 190 20.68 6.64 -11.28
C GLY B 190 21.45 7.50 -10.29
N ALA B 191 20.95 7.56 -9.05
CA ALA B 191 21.63 8.36 -8.02
C ALA B 191 23.06 7.86 -7.81
N THR B 192 23.24 6.54 -7.77
CA THR B 192 24.56 5.96 -7.58
C THR B 192 25.49 6.36 -8.73
N GLU B 193 24.96 6.37 -9.95
CA GLU B 193 25.73 6.74 -11.14
C GLU B 193 26.20 8.20 -11.12
N ASN B 194 25.28 9.13 -10.89
CA ASN B 194 25.66 10.54 -10.80
C ASN B 194 26.64 10.88 -9.70
N ILE B 195 26.33 10.45 -8.49
CA ILE B 195 27.19 10.74 -7.35
C ILE B 195 28.57 10.16 -7.57
N MET B 196 28.62 8.88 -7.88
CA MET B 196 29.86 8.14 -8.12
C MET B 196 30.69 8.82 -9.21
N SER B 197 30.04 9.27 -10.27
CA SER B 197 30.75 9.92 -11.38
C SER B 197 31.30 11.28 -10.99
N ALA B 198 30.47 12.08 -10.35
CA ALA B 198 30.89 13.41 -9.92
C ALA B 198 32.03 13.30 -8.91
N ALA B 199 31.98 12.28 -8.07
CA ALA B 199 33.01 12.08 -7.05
C ALA B 199 34.41 11.91 -7.62
N THR B 200 34.51 11.30 -8.80
CA THR B 200 35.82 11.06 -9.45
C THR B 200 36.73 12.29 -9.50
N LEU B 201 36.16 13.49 -9.58
CA LEU B 201 36.96 14.73 -9.64
C LEU B 201 36.79 15.63 -8.43
N ALA B 202 36.12 15.15 -7.39
CA ALA B 202 35.94 15.95 -6.18
C ALA B 202 37.23 15.92 -5.39
N LYS B 203 37.46 16.93 -4.58
CA LYS B 203 38.66 16.94 -3.75
C LYS B 203 38.40 16.11 -2.52
N GLY B 204 39.14 15.02 -2.37
CA GLY B 204 39.01 14.18 -1.19
C GLY B 204 38.39 12.82 -1.44
N THR B 205 37.92 12.21 -0.36
CA THR B 205 37.33 10.89 -0.43
C THR B 205 35.82 10.91 -0.23
N THR B 206 35.10 10.22 -1.11
CA THR B 206 33.65 10.09 -1.04
C THR B 206 33.28 8.65 -0.71
N ILE B 207 32.43 8.49 0.30
CA ILE B 207 31.97 7.17 0.71
C ILE B 207 30.49 7.14 0.41
N LEU B 208 30.08 6.24 -0.47
CA LEU B 208 28.68 6.12 -0.85
C LEU B 208 28.10 4.87 -0.21
N GLU B 209 27.34 5.05 0.87
CA GLU B 209 26.70 3.94 1.58
C GLU B 209 25.32 3.61 1.02
N ASN B 210 25.01 2.32 1.00
CA ASN B 210 23.73 1.79 0.49
C ASN B 210 23.61 2.01 -1.02
N ALA B 211 24.75 1.91 -1.70
CA ALA B 211 24.82 2.10 -3.14
C ALA B 211 24.21 0.95 -3.92
N ALA B 212 23.75 1.25 -5.14
CA ALA B 212 23.19 0.25 -6.04
C ALA B 212 24.34 -0.70 -6.39
N LYS B 213 24.02 -1.99 -6.53
CA LYS B 213 25.03 -3.02 -6.81
C LYS B 213 24.89 -3.59 -8.21
N GLU B 214 23.94 -3.08 -8.98
CA GLU B 214 23.68 -3.55 -10.33
C GLU B 214 24.94 -3.74 -11.17
N PRO B 215 24.97 -4.82 -11.97
CA PRO B 215 26.11 -5.08 -12.84
C PRO B 215 26.49 -3.87 -13.68
N GLU B 216 25.53 -3.00 -13.99
CA GLU B 216 25.82 -1.80 -14.78
C GLU B 216 26.67 -0.80 -13.97
N ILE B 217 26.54 -0.82 -12.64
CA ILE B 217 27.33 0.05 -11.78
C ILE B 217 28.79 -0.39 -11.82
N VAL B 218 29.02 -1.69 -11.75
CA VAL B 218 30.37 -2.26 -11.79
C VAL B 218 31.04 -1.87 -13.09
N ASP B 219 30.29 -1.98 -14.19
CA ASP B 219 30.80 -1.66 -15.52
C ASP B 219 31.15 -0.18 -15.60
N LEU B 220 30.32 0.67 -14.99
CA LEU B 220 30.59 2.11 -14.98
C LEU B 220 31.87 2.36 -14.17
N ALA B 221 31.99 1.72 -13.01
CA ALA B 221 33.15 1.88 -12.15
C ALA B 221 34.44 1.49 -12.90
N ASN B 222 34.38 0.40 -13.68
CA ASN B 222 35.54 -0.06 -14.45
C ASN B 222 35.95 0.95 -15.48
N PHE B 223 34.96 1.57 -16.13
CA PHE B 223 35.20 2.60 -17.12
C PHE B 223 35.82 3.81 -16.43
N LEU B 224 35.21 4.26 -15.34
CA LEU B 224 35.75 5.38 -14.59
C LEU B 224 37.22 5.13 -14.28
N ASN B 225 37.53 3.92 -13.81
CA ASN B 225 38.91 3.55 -13.49
C ASN B 225 39.82 3.47 -14.71
N ALA B 226 39.26 3.06 -15.86
CA ALA B 226 40.04 2.99 -17.09
C ALA B 226 40.46 4.41 -17.52
N MET B 227 39.66 5.42 -17.13
CA MET B 227 39.96 6.83 -17.44
C MET B 227 40.96 7.41 -16.43
N GLY B 228 41.33 6.63 -15.42
CA GLY B 228 42.28 7.08 -14.41
C GLY B 228 41.67 7.49 -13.08
N ALA B 229 40.41 7.10 -12.86
CA ALA B 229 39.73 7.43 -11.61
C ALA B 229 40.15 6.42 -10.55
N LYS B 230 39.66 6.58 -9.33
CA LYS B 230 39.99 5.67 -8.24
C LYS B 230 38.75 5.29 -7.44
N VAL B 231 37.94 4.43 -8.07
CA VAL B 231 36.69 3.93 -7.50
C VAL B 231 36.79 2.48 -7.04
N ARG B 232 36.34 2.22 -5.82
CA ARG B 232 36.38 0.87 -5.24
C ARG B 232 35.08 0.49 -4.53
N GLY B 233 34.79 -0.82 -4.53
CA GLY B 233 33.58 -1.33 -3.88
C GLY B 233 32.34 -1.41 -4.77
N ALA B 234 32.51 -1.10 -6.05
CA ALA B 234 31.40 -1.17 -7.01
C ALA B 234 30.90 -2.60 -6.98
N GLY B 235 29.58 -2.76 -6.87
CA GLY B 235 29.00 -4.09 -6.79
C GLY B 235 28.67 -4.43 -5.34
N THR B 236 29.08 -3.57 -4.41
CA THR B 236 28.82 -3.76 -2.99
C THR B 236 28.03 -2.55 -2.52
N GLY B 237 27.52 -2.62 -1.30
CA GLY B 237 26.72 -1.52 -0.75
C GLY B 237 27.51 -0.27 -0.40
N THR B 238 28.83 -0.38 -0.40
CA THR B 238 29.70 0.74 -0.06
C THR B 238 30.72 1.06 -1.16
N ILE B 239 30.54 2.18 -1.84
CA ILE B 239 31.47 2.59 -2.89
C ILE B 239 32.34 3.73 -2.38
N ARG B 240 33.65 3.54 -2.48
CA ARG B 240 34.63 4.50 -2.03
C ARG B 240 35.29 5.15 -3.25
N ILE B 241 35.30 6.47 -3.30
CA ILE B 241 35.92 7.20 -4.41
C ILE B 241 36.89 8.28 -3.93
N GLU B 242 38.17 8.20 -4.32
CA GLU B 242 39.08 9.29 -3.95
C GLU B 242 39.32 10.02 -5.26
N GLY B 243 38.98 11.31 -5.27
CA GLY B 243 39.10 12.12 -6.46
C GLY B 243 40.50 12.46 -6.93
N VAL B 244 40.60 12.65 -8.25
CA VAL B 244 41.85 13.02 -8.90
C VAL B 244 41.64 14.42 -9.46
N ASP B 245 42.66 15.02 -10.05
CA ASP B 245 42.50 16.36 -10.62
C ASP B 245 42.14 16.34 -12.08
N LYS B 246 42.26 15.19 -12.73
CA LYS B 246 42.01 15.14 -14.16
C LYS B 246 41.82 13.69 -14.62
N LEU B 247 40.89 13.45 -15.54
CA LEU B 247 40.60 12.11 -16.08
C LEU B 247 40.93 12.05 -17.57
N TYR B 248 41.19 10.85 -18.09
CA TYR B 248 41.60 10.68 -19.49
C TYR B 248 40.79 9.72 -20.33
N GLY B 249 40.88 9.90 -21.65
CA GLY B 249 40.18 9.03 -22.58
C GLY B 249 40.72 7.62 -22.48
N ALA B 250 39.84 6.64 -22.59
CA ALA B 250 40.22 5.22 -22.49
C ALA B 250 39.38 4.35 -23.39
N ASN B 251 39.81 3.10 -23.54
CA ASN B 251 39.05 2.12 -24.32
C ASN B 251 38.20 1.32 -23.35
N HIS B 252 36.95 1.07 -23.73
CA HIS B 252 36.08 0.29 -22.88
C HIS B 252 35.00 -0.39 -23.69
N SER B 253 34.77 -1.67 -23.40
CA SER B 253 33.73 -2.46 -24.05
C SER B 253 32.56 -2.58 -23.09
N ILE B 254 31.36 -2.29 -23.57
CA ILE B 254 30.17 -2.36 -22.72
C ILE B 254 29.79 -3.82 -22.45
N ILE B 255 29.37 -4.10 -21.22
CA ILE B 255 28.96 -5.45 -20.85
C ILE B 255 27.70 -5.82 -21.64
N PRO B 256 27.50 -7.13 -21.89
CA PRO B 256 26.29 -7.55 -22.61
C PRO B 256 25.03 -7.12 -21.87
N ASP B 257 23.92 -7.00 -22.59
CA ASP B 257 22.67 -6.56 -21.98
C ASP B 257 21.92 -7.71 -21.33
N ARG B 258 21.95 -7.77 -20.00
CA ARG B 258 21.29 -8.85 -19.25
C ARG B 258 19.78 -8.83 -19.35
N ILE B 259 19.19 -7.66 -19.60
CA ILE B 259 17.75 -7.59 -19.71
C ILE B 259 17.31 -8.19 -21.02
N GLU B 260 17.97 -7.81 -22.11
CA GLU B 260 17.67 -8.38 -23.41
C GLU B 260 17.85 -9.88 -23.22
N ALA B 261 18.93 -10.25 -22.54
CA ALA B 261 19.23 -11.65 -22.26
C ALA B 261 18.01 -12.27 -21.61
N GLY B 262 17.59 -11.70 -20.49
CA GLY B 262 16.44 -12.17 -19.76
C GLY B 262 15.19 -12.25 -20.61
N THR B 263 15.04 -11.30 -21.53
CA THR B 263 13.88 -11.29 -22.40
C THR B 263 13.87 -12.54 -23.29
N PHE B 264 15.02 -12.93 -23.82
CA PHE B 264 15.08 -14.13 -24.68
C PHE B 264 14.96 -15.43 -23.88
N MET B 265 15.32 -15.39 -22.61
CA MET B 265 15.17 -16.57 -21.76
C MET B 265 13.67 -16.80 -21.64
N VAL B 266 12.92 -15.71 -21.50
CA VAL B 266 11.47 -15.77 -21.39
C VAL B 266 10.88 -16.30 -22.70
N ALA B 267 11.43 -15.88 -23.82
CA ALA B 267 10.95 -16.33 -25.12
C ALA B 267 11.03 -17.85 -25.25
N ALA B 268 12.16 -18.42 -24.81
CA ALA B 268 12.34 -19.87 -24.88
C ALA B 268 11.40 -20.57 -23.90
N ALA B 269 11.26 -20.01 -22.71
CA ALA B 269 10.42 -20.61 -21.68
C ALA B 269 8.94 -20.57 -22.03
N ILE B 270 8.47 -19.43 -22.51
CA ILE B 270 7.06 -19.24 -22.83
C ILE B 270 6.58 -20.12 -24.00
N THR B 271 7.47 -20.38 -24.97
CA THR B 271 7.14 -21.21 -26.13
C THR B 271 7.64 -22.65 -26.03
N GLY B 272 8.18 -23.02 -24.87
CA GLY B 272 8.70 -24.38 -24.67
C GLY B 272 9.83 -24.68 -25.65
N GLY B 273 10.57 -23.64 -26.00
CA GLY B 273 11.68 -23.75 -26.95
C GLY B 273 13.05 -24.03 -26.35
N ASP B 274 14.06 -24.00 -27.21
CA ASP B 274 15.44 -24.25 -26.84
C ASP B 274 16.31 -23.17 -27.51
N ILE B 275 16.68 -22.16 -26.72
CA ILE B 275 17.47 -21.04 -27.22
C ILE B 275 18.86 -20.93 -26.59
N LEU B 276 19.88 -20.69 -27.43
CA LEU B 276 21.25 -20.50 -26.95
C LEU B 276 21.58 -19.02 -27.01
N ILE B 277 21.64 -18.36 -25.86
CA ILE B 277 21.97 -16.94 -25.79
C ILE B 277 23.49 -16.92 -25.75
N GLU B 278 24.08 -16.90 -26.95
CA GLU B 278 25.52 -16.98 -27.14
C GLU B 278 26.43 -16.12 -26.25
N ASN B 279 26.05 -14.88 -25.94
CA ASN B 279 26.90 -14.02 -25.11
C ASN B 279 26.24 -13.55 -23.83
N ALA B 280 25.38 -14.38 -23.25
CA ALA B 280 24.75 -14.05 -22.00
C ALA B 280 25.81 -14.26 -20.91
N VAL B 281 25.71 -13.50 -19.83
CA VAL B 281 26.66 -13.61 -18.73
C VAL B 281 25.94 -14.18 -17.49
N PRO B 282 26.17 -15.48 -17.18
CA PRO B 282 25.53 -16.16 -16.04
C PRO B 282 25.57 -15.37 -14.72
N GLU B 283 26.73 -14.86 -14.33
CA GLU B 283 26.83 -14.08 -13.07
C GLU B 283 25.98 -12.80 -13.05
N HIS B 284 25.39 -12.45 -14.18
CA HIS B 284 24.53 -11.27 -14.29
C HIS B 284 23.06 -11.67 -14.35
N LEU B 285 22.78 -12.97 -14.53
CA LEU B 285 21.42 -13.50 -14.65
C LEU B 285 21.00 -14.49 -13.56
N ARG B 286 21.66 -14.47 -12.41
CA ARG B 286 21.38 -15.48 -11.38
C ARG B 286 19.96 -15.43 -10.78
N SER B 287 19.45 -14.23 -10.52
CA SER B 287 18.09 -14.12 -9.97
C SER B 287 17.06 -14.63 -10.99
N ILE B 288 17.19 -14.17 -12.24
CA ILE B 288 16.27 -14.58 -13.30
C ILE B 288 16.34 -16.09 -13.51
N THR B 289 17.56 -16.63 -13.49
CA THR B 289 17.78 -18.07 -13.68
C THR B 289 17.14 -18.87 -12.56
N ALA B 290 17.36 -18.45 -11.33
CA ALA B 290 16.80 -19.16 -10.19
C ALA B 290 15.28 -19.21 -10.29
N LYS B 291 14.64 -18.11 -10.66
CA LYS B 291 13.19 -18.08 -10.77
C LYS B 291 12.60 -18.92 -11.88
N MET B 292 13.28 -18.99 -13.01
CA MET B 292 12.79 -19.81 -14.12
C MET B 292 13.02 -21.30 -13.82
N GLU B 293 14.10 -21.61 -13.11
CA GLU B 293 14.35 -23.00 -12.74
C GLU B 293 13.23 -23.49 -11.80
N GLU B 294 12.72 -22.59 -10.96
CA GLU B 294 11.61 -22.93 -10.06
C GLU B 294 10.33 -23.21 -10.86
N MET B 295 10.24 -22.63 -12.06
CA MET B 295 9.08 -22.81 -12.92
C MET B 295 9.18 -24.07 -13.77
N GLY B 296 10.35 -24.71 -13.74
CA GLY B 296 10.57 -25.92 -14.52
C GLY B 296 11.42 -25.68 -15.75
N VAL B 297 11.95 -24.47 -15.90
CA VAL B 297 12.81 -24.14 -17.04
C VAL B 297 14.22 -24.63 -16.72
N LYS B 298 14.92 -25.12 -17.74
CA LYS B 298 16.28 -25.63 -17.56
C LYS B 298 17.30 -24.72 -18.19
N ILE B 299 18.22 -24.23 -17.36
CA ILE B 299 19.25 -23.30 -17.79
C ILE B 299 20.65 -23.93 -17.67
N ILE B 300 21.34 -24.05 -18.81
CA ILE B 300 22.67 -24.66 -18.85
C ILE B 300 23.75 -23.63 -19.22
N GLU B 301 24.72 -23.42 -18.34
CA GLU B 301 25.79 -22.48 -18.61
C GLU B 301 26.80 -23.12 -19.55
N GLU B 302 26.61 -22.96 -20.85
CA GLU B 302 27.56 -23.52 -21.81
C GLU B 302 28.82 -22.67 -21.86
N ASN B 303 29.90 -23.25 -22.35
CA ASN B 303 31.17 -22.53 -22.43
C ASN B 303 30.98 -21.17 -23.11
N GLU B 304 30.14 -21.14 -24.14
CA GLU B 304 29.86 -19.90 -24.88
C GLU B 304 28.44 -19.40 -24.69
N GLY B 305 28.14 -18.87 -23.50
CA GLY B 305 26.82 -18.33 -23.22
C GLY B 305 25.93 -19.15 -22.30
N VAL B 306 24.62 -19.07 -22.52
CA VAL B 306 23.65 -19.78 -21.70
C VAL B 306 22.49 -20.31 -22.52
N ARG B 307 22.16 -21.58 -22.33
CA ARG B 307 21.05 -22.21 -23.05
C ARG B 307 19.82 -22.40 -22.19
N VAL B 308 18.68 -22.01 -22.73
CA VAL B 308 17.40 -22.09 -22.02
C VAL B 308 16.45 -23.03 -22.72
N ILE B 309 16.04 -24.08 -22.01
CA ILE B 309 15.10 -25.05 -22.56
C ILE B 309 13.79 -24.94 -21.78
N GLY B 310 12.73 -24.58 -22.50
CA GLY B 310 11.41 -24.44 -21.91
C GLY B 310 10.66 -25.76 -21.82
N PRO B 311 9.89 -25.96 -20.74
CA PRO B 311 9.13 -27.18 -20.53
C PRO B 311 7.73 -27.09 -21.12
N ASP B 312 7.04 -28.22 -21.19
CA ASP B 312 5.69 -28.26 -21.72
C ASP B 312 4.72 -27.57 -20.77
N LYS B 313 4.95 -27.73 -19.48
CA LYS B 313 4.10 -27.11 -18.46
C LYS B 313 4.94 -26.29 -17.48
N LEU B 314 4.59 -25.01 -17.37
CA LEU B 314 5.28 -24.10 -16.46
C LEU B 314 4.62 -24.06 -15.09
N LYS B 315 5.44 -24.10 -14.05
CA LYS B 315 4.96 -24.03 -12.68
C LYS B 315 4.90 -22.58 -12.20
N ALA B 316 3.74 -22.17 -11.71
CA ALA B 316 3.54 -20.83 -11.19
C ALA B 316 4.40 -20.57 -9.96
N VAL B 317 5.03 -19.40 -9.92
CA VAL B 317 5.86 -19.01 -8.80
C VAL B 317 5.60 -17.53 -8.52
N ASP B 318 5.95 -17.08 -7.33
CA ASP B 318 5.77 -15.69 -6.96
C ASP B 318 7.10 -14.99 -7.18
N ILE B 319 7.03 -13.72 -7.57
CA ILE B 319 8.22 -12.93 -7.80
C ILE B 319 8.09 -11.61 -7.10
N LYS B 320 9.17 -11.19 -6.46
CA LYS B 320 9.18 -9.93 -5.74
C LYS B 320 10.37 -9.15 -6.29
N THR B 321 10.12 -8.03 -6.95
CA THR B 321 11.22 -7.25 -7.53
C THR B 321 11.89 -6.43 -6.45
N MET B 322 13.20 -6.29 -6.55
CA MET B 322 13.94 -5.49 -5.59
C MET B 322 15.35 -5.20 -6.10
N PRO B 323 16.11 -4.38 -5.37
CA PRO B 323 17.47 -4.05 -5.81
C PRO B 323 18.35 -5.27 -6.00
N HIS B 324 19.26 -5.20 -6.96
CA HIS B 324 20.20 -6.28 -7.22
C HIS B 324 20.91 -6.62 -5.91
N PRO B 325 21.21 -7.91 -5.68
CA PRO B 325 21.00 -9.09 -6.54
C PRO B 325 19.58 -9.68 -6.50
N GLY B 326 18.60 -8.91 -6.03
CA GLY B 326 17.23 -9.38 -6.00
C GLY B 326 16.70 -9.53 -7.42
N PHE B 327 15.40 -9.74 -7.57
CA PHE B 327 14.84 -9.89 -8.90
C PHE B 327 14.69 -8.50 -9.50
N PRO B 328 15.25 -8.31 -10.71
CA PRO B 328 15.25 -7.01 -11.39
C PRO B 328 13.90 -6.54 -11.87
N THR B 329 13.58 -5.29 -11.57
CA THR B 329 12.31 -4.68 -11.95
C THR B 329 12.11 -4.62 -13.46
N ASP B 330 13.20 -4.55 -14.23
CA ASP B 330 13.15 -4.50 -15.70
C ASP B 330 12.70 -5.80 -16.37
N MET B 331 12.58 -6.87 -15.61
CA MET B 331 12.11 -8.14 -16.15
C MET B 331 10.66 -8.41 -15.72
N GLN B 332 10.10 -7.48 -14.98
CA GLN B 332 8.75 -7.66 -14.45
C GLN B 332 7.64 -7.78 -15.50
N SER B 333 7.65 -6.92 -16.53
CA SER B 333 6.62 -6.98 -17.57
C SER B 333 6.73 -8.28 -18.32
N GLN B 334 7.97 -8.70 -18.57
CA GLN B 334 8.25 -9.91 -19.31
C GLN B 334 7.79 -11.15 -18.56
N MET B 335 8.09 -11.19 -17.26
CA MET B 335 7.70 -12.33 -16.43
C MET B 335 6.19 -12.46 -16.39
N MET B 336 5.49 -11.33 -16.41
CA MET B 336 4.04 -11.36 -16.38
C MET B 336 3.54 -12.20 -17.56
N ALA B 337 4.06 -11.92 -18.75
CA ALA B 337 3.66 -12.68 -19.92
C ALA B 337 3.86 -14.17 -19.66
N LEU B 338 5.04 -14.52 -19.15
CA LEU B 338 5.41 -15.90 -18.86
C LEU B 338 4.50 -16.54 -17.82
N LEU B 339 4.23 -15.80 -16.75
CA LEU B 339 3.37 -16.29 -15.68
C LEU B 339 1.93 -16.53 -16.11
N LEU B 340 1.47 -15.77 -17.10
CA LEU B 340 0.11 -15.94 -17.61
C LEU B 340 -0.03 -17.33 -18.26
N GLN B 341 1.09 -17.98 -18.54
CA GLN B 341 1.09 -19.30 -19.15
C GLN B 341 1.34 -20.41 -18.14
N ALA B 342 1.73 -20.04 -16.92
CA ALA B 342 2.00 -20.99 -15.85
C ALA B 342 0.72 -21.60 -15.31
N ASP B 343 0.84 -22.71 -14.59
CA ASP B 343 -0.33 -23.38 -14.02
C ASP B 343 -0.48 -23.02 -12.55
N GLY B 344 -1.54 -22.28 -12.23
CA GLY B 344 -1.81 -21.88 -10.85
C GLY B 344 -1.72 -20.38 -10.61
N THR B 345 -1.95 -19.99 -9.36
CA THR B 345 -1.93 -18.60 -8.97
C THR B 345 -0.50 -18.10 -8.85
N SER B 346 -0.28 -16.86 -9.28
CA SER B 346 1.04 -16.25 -9.22
C SER B 346 0.90 -14.75 -9.06
N MET B 347 1.92 -14.11 -8.50
CA MET B 347 1.88 -12.68 -8.34
C MET B 347 3.27 -12.07 -8.36
N ILE B 348 3.32 -10.83 -8.81
CA ILE B 348 4.58 -10.11 -8.87
C ILE B 348 4.40 -8.88 -8.01
N THR B 349 5.29 -8.71 -7.05
CA THR B 349 5.23 -7.57 -6.17
C THR B 349 6.40 -6.67 -6.54
N GLU B 350 6.09 -5.39 -6.70
CA GLU B 350 7.10 -4.42 -7.05
C GLU B 350 7.57 -3.69 -5.81
N THR B 351 8.86 -3.40 -5.74
CA THR B 351 9.45 -2.65 -4.61
C THR B 351 10.24 -1.44 -5.10
N VAL B 352 10.66 -1.46 -6.37
CA VAL B 352 11.46 -0.38 -6.95
C VAL B 352 10.56 0.71 -7.58
N PHE B 353 9.79 0.34 -8.61
CA PHE B 353 8.87 1.25 -9.29
C PHE B 353 7.43 0.86 -8.97
N GLU B 354 6.95 1.25 -7.80
CA GLU B 354 5.61 0.84 -7.34
C GLU B 354 4.38 1.00 -8.27
N ASN B 355 4.43 1.86 -9.28
CA ASN B 355 3.28 2.03 -10.18
C ASN B 355 3.61 1.73 -11.63
N ARG B 356 4.34 0.63 -11.82
CA ARG B 356 4.78 0.19 -13.13
C ARG B 356 3.76 -0.82 -13.66
N PHE B 357 2.50 -0.39 -13.80
CA PHE B 357 1.48 -1.32 -14.27
C PHE B 357 0.48 -0.78 -15.33
N MET B 358 0.89 0.14 -16.19
CA MET B 358 -0.06 0.59 -17.23
C MET B 358 -0.19 -0.47 -18.32
N HIS B 359 0.84 -1.30 -18.47
CA HIS B 359 0.83 -2.35 -19.48
C HIS B 359 -0.19 -3.44 -19.19
N VAL B 360 -0.55 -3.59 -17.91
CA VAL B 360 -1.53 -4.58 -17.49
C VAL B 360 -2.82 -4.44 -18.29
N GLU B 361 -3.25 -3.20 -18.51
CA GLU B 361 -4.49 -2.95 -19.23
C GLU B 361 -4.40 -3.54 -20.66
N GLU B 362 -3.22 -3.42 -21.27
CA GLU B 362 -3.00 -3.96 -22.61
C GLU B 362 -3.05 -5.50 -22.60
N PHE B 363 -2.71 -6.12 -21.47
CA PHE B 363 -2.79 -7.58 -21.35
C PHE B 363 -4.23 -8.07 -21.23
N ARG B 364 -5.10 -7.22 -20.68
CA ARG B 364 -6.51 -7.54 -20.57
C ARG B 364 -7.15 -7.51 -21.96
N ARG B 365 -6.58 -6.70 -22.85
CA ARG B 365 -7.06 -6.58 -24.22
C ARG B 365 -6.89 -7.95 -24.86
N MET B 366 -5.79 -8.60 -24.50
CA MET B 366 -5.43 -9.92 -25.02
C MET B 366 -6.09 -11.08 -24.27
N ASN B 367 -7.12 -10.77 -23.48
CA ASN B 367 -7.87 -11.77 -22.71
C ASN B 367 -7.17 -12.23 -21.42
N ALA B 368 -6.19 -11.48 -20.95
CA ALA B 368 -5.48 -11.87 -19.74
C ALA B 368 -6.33 -11.60 -18.51
N ASP B 369 -6.23 -12.49 -17.51
CA ASP B 369 -6.95 -12.35 -16.26
C ASP B 369 -5.96 -11.85 -15.23
N ILE B 370 -5.91 -10.53 -15.06
CA ILE B 370 -4.98 -9.90 -14.15
C ILE B 370 -5.71 -8.98 -13.19
N LYS B 371 -5.27 -9.00 -11.93
CA LYS B 371 -5.84 -8.16 -10.88
C LYS B 371 -4.71 -7.34 -10.27
N ILE B 372 -4.85 -6.02 -10.29
CA ILE B 372 -3.86 -5.11 -9.71
C ILE B 372 -4.34 -4.70 -8.33
N GLU B 373 -3.49 -4.83 -7.33
CA GLU B 373 -3.84 -4.43 -5.99
C GLU B 373 -2.59 -3.93 -5.30
N GLY B 374 -2.61 -2.66 -4.92
CA GLY B 374 -1.47 -2.03 -4.28
C GLY B 374 -0.29 -2.01 -5.23
N ARG B 375 0.78 -2.68 -4.83
CA ARG B 375 1.98 -2.75 -5.64
C ARG B 375 2.23 -4.17 -6.12
N SER B 376 1.14 -4.88 -6.38
CA SER B 376 1.21 -6.26 -6.86
C SER B 376 0.15 -6.57 -7.92
N VAL B 377 0.49 -7.51 -8.79
CA VAL B 377 -0.42 -7.98 -9.83
C VAL B 377 -0.67 -9.45 -9.57
N ILE B 378 -1.91 -9.89 -9.70
CA ILE B 378 -2.28 -11.28 -9.47
C ILE B 378 -2.90 -11.92 -10.70
N MET B 379 -2.24 -12.91 -11.28
CA MET B 379 -2.82 -13.64 -12.42
C MET B 379 -2.94 -15.11 -12.08
N ASN B 380 -3.95 -15.76 -12.66
CA ASN B 380 -4.19 -17.19 -12.40
C ASN B 380 -4.25 -17.98 -13.72
N GLY B 381 -3.08 -18.31 -14.24
CA GLY B 381 -2.97 -19.07 -15.48
C GLY B 381 -3.28 -20.53 -15.26
N PRO B 382 -3.24 -21.33 -16.34
CA PRO B 382 -2.91 -20.89 -17.70
C PRO B 382 -4.06 -20.11 -18.37
N ASN B 383 -3.71 -19.00 -19.01
CA ASN B 383 -4.70 -18.19 -19.71
C ASN B 383 -4.62 -18.45 -21.19
N SER B 384 -5.76 -18.41 -21.87
CA SER B 384 -5.82 -18.59 -23.31
C SER B 384 -5.76 -17.18 -23.87
N LEU B 385 -4.56 -16.70 -24.16
CA LEU B 385 -4.41 -15.36 -24.68
C LEU B 385 -4.92 -15.25 -26.10
N GLN B 386 -5.61 -14.15 -26.38
CA GLN B 386 -6.16 -13.88 -27.71
C GLN B 386 -5.41 -12.69 -28.31
N GLY B 387 -4.96 -12.81 -29.55
CA GLY B 387 -4.27 -11.72 -30.19
C GLY B 387 -5.15 -10.48 -30.26
N ALA B 388 -4.51 -9.31 -30.30
CA ALA B 388 -5.23 -8.04 -30.37
C ALA B 388 -4.26 -6.92 -30.73
N GLU B 389 -4.80 -5.75 -31.05
CA GLU B 389 -3.97 -4.60 -31.34
C GLU B 389 -3.67 -3.98 -29.98
N VAL B 390 -2.39 -3.90 -29.63
CA VAL B 390 -1.98 -3.32 -28.36
C VAL B 390 -0.84 -2.31 -28.54
N GLY B 391 -0.85 -1.26 -27.73
CA GLY B 391 0.16 -0.20 -27.78
C GLY B 391 1.14 -0.29 -26.62
N ALA B 392 2.42 -0.41 -26.95
CA ALA B 392 3.45 -0.50 -25.92
C ALA B 392 3.42 0.74 -25.05
N THR B 393 3.39 0.53 -23.74
CA THR B 393 3.38 1.65 -22.80
C THR B 393 4.79 2.14 -22.59
N ASP B 394 5.73 1.20 -22.64
CA ASP B 394 7.13 1.48 -22.39
C ASP B 394 8.05 0.39 -22.96
N LEU B 395 9.34 0.64 -22.84
CA LEU B 395 10.38 -0.25 -23.32
C LEU B 395 10.16 -1.73 -23.01
N ARG B 396 10.12 -2.08 -21.74
CA ARG B 396 9.96 -3.49 -21.34
C ARG B 396 8.56 -4.03 -21.62
N ALA B 397 7.56 -3.17 -21.47
CA ALA B 397 6.18 -3.57 -21.75
C ALA B 397 6.03 -3.95 -23.22
N ALA B 398 6.65 -3.16 -24.10
CA ALA B 398 6.61 -3.41 -25.54
C ALA B 398 7.06 -4.85 -25.81
N ALA B 399 8.24 -5.18 -25.29
CA ALA B 399 8.81 -6.50 -25.46
C ALA B 399 7.91 -7.57 -24.90
N ALA B 400 7.36 -7.33 -23.72
CA ALA B 400 6.48 -8.31 -23.07
C ALA B 400 5.23 -8.58 -23.90
N LEU B 401 4.66 -7.54 -24.50
CA LEU B 401 3.49 -7.71 -25.34
C LEU B 401 3.83 -8.59 -26.54
N ILE B 402 5.05 -8.45 -27.07
CA ILE B 402 5.48 -9.27 -28.19
C ILE B 402 5.62 -10.72 -27.71
N LEU B 403 6.16 -10.90 -26.51
CA LEU B 403 6.33 -12.23 -25.93
C LEU B 403 4.99 -12.93 -25.75
N ALA B 404 3.99 -12.18 -25.26
CA ALA B 404 2.64 -12.72 -25.07
C ALA B 404 2.10 -13.17 -26.42
N GLY B 405 2.41 -12.40 -27.46
CA GLY B 405 1.98 -12.69 -28.82
C GLY B 405 2.48 -14.03 -29.34
N LEU B 406 3.66 -14.44 -28.88
CA LEU B 406 4.25 -15.73 -29.29
C LEU B 406 3.39 -16.90 -28.87
N VAL B 407 2.58 -16.71 -27.83
CA VAL B 407 1.73 -17.79 -27.33
C VAL B 407 0.25 -17.46 -27.32
N SER B 408 -0.12 -16.43 -28.07
CA SER B 408 -1.53 -16.02 -28.15
C SER B 408 -2.17 -16.54 -29.43
N GLU B 409 -3.48 -16.72 -29.39
CA GLU B 409 -4.23 -17.22 -30.53
C GLU B 409 -4.56 -16.04 -31.44
N GLY B 410 -4.42 -16.24 -32.75
CA GLY B 410 -4.69 -15.18 -33.72
C GLY B 410 -3.46 -14.30 -33.84
N TYR B 411 -3.63 -13.11 -34.42
CA TYR B 411 -2.53 -12.17 -34.60
C TYR B 411 -2.47 -11.08 -33.53
N THR B 412 -1.26 -10.76 -33.09
CA THR B 412 -1.02 -9.71 -32.10
C THR B 412 -0.27 -8.58 -32.79
N ARG B 413 -0.79 -7.37 -32.65
CA ARG B 413 -0.23 -6.20 -33.30
C ARG B 413 0.25 -5.19 -32.26
N VAL B 414 1.56 -5.00 -32.19
CA VAL B 414 2.14 -4.08 -31.22
C VAL B 414 2.46 -2.73 -31.87
N THR B 415 1.87 -1.67 -31.36
CA THR B 415 2.11 -0.33 -31.88
C THR B 415 2.91 0.48 -30.87
N GLU B 416 3.25 1.72 -31.20
CA GLU B 416 4.04 2.59 -30.31
C GLU B 416 5.43 1.98 -30.15
N LEU B 417 6.02 1.57 -31.27
CA LEU B 417 7.34 0.92 -31.26
C LEU B 417 8.50 1.85 -30.86
N LYS B 418 8.24 3.14 -30.70
CA LYS B 418 9.29 4.07 -30.31
C LYS B 418 9.85 3.65 -28.96
N HIS B 419 9.00 3.12 -28.09
CA HIS B 419 9.45 2.65 -26.78
C HIS B 419 10.38 1.43 -26.91
N LEU B 420 10.05 0.53 -27.84
CA LEU B 420 10.84 -0.68 -28.05
C LEU B 420 12.26 -0.36 -28.55
N ASP B 421 12.37 0.66 -29.41
CA ASP B 421 13.66 1.07 -29.98
C ASP B 421 14.57 1.82 -29.00
N ARG B 422 14.12 2.05 -27.78
CA ARG B 422 14.95 2.73 -26.79
C ARG B 422 15.85 1.70 -26.11
N GLY B 423 15.45 0.44 -26.15
CA GLY B 423 16.24 -0.62 -25.50
C GLY B 423 16.43 -1.93 -26.23
N TYR B 424 15.76 -2.13 -27.36
CA TYR B 424 15.92 -3.38 -28.11
C TYR B 424 16.32 -3.13 -29.56
N VAL B 425 17.38 -3.82 -30.00
CA VAL B 425 17.89 -3.72 -31.37
C VAL B 425 17.37 -4.88 -32.24
N ASP B 426 16.70 -4.57 -33.34
CA ASP B 426 16.19 -5.61 -34.26
C ASP B 426 15.54 -6.80 -33.55
N PHE B 427 14.73 -6.51 -32.53
CA PHE B 427 14.08 -7.55 -31.73
C PHE B 427 13.28 -8.52 -32.58
N HIS B 428 12.50 -8.01 -33.52
CA HIS B 428 11.70 -8.86 -34.38
C HIS B 428 12.57 -9.74 -35.28
N LYS B 429 13.74 -9.24 -35.69
CA LYS B 429 14.63 -10.04 -36.54
C LYS B 429 15.20 -11.21 -35.75
N LYS B 430 15.56 -10.97 -34.50
CA LYS B 430 16.11 -12.01 -33.64
C LYS B 430 15.07 -13.10 -33.34
N LEU B 431 13.84 -12.70 -33.03
CA LEU B 431 12.78 -13.69 -32.78
C LEU B 431 12.47 -14.47 -34.04
N ALA B 432 12.46 -13.78 -35.18
CA ALA B 432 12.21 -14.42 -36.46
C ALA B 432 13.30 -15.44 -36.74
N ALA B 433 14.55 -15.08 -36.43
CA ALA B 433 15.67 -15.99 -36.65
C ALA B 433 15.50 -17.25 -35.80
N LEU B 434 14.80 -17.11 -34.67
CA LEU B 434 14.54 -18.22 -33.76
C LEU B 434 13.28 -19.05 -34.13
N GLY B 435 12.67 -18.74 -35.27
CA GLY B 435 11.51 -19.48 -35.77
C GLY B 435 10.13 -18.88 -35.54
N ALA B 436 10.07 -17.70 -34.92
CA ALA B 436 8.79 -17.04 -34.65
C ALA B 436 8.14 -16.53 -35.92
N THR B 437 6.80 -16.52 -35.93
CA THR B 437 6.06 -15.98 -37.05
C THR B 437 5.91 -14.52 -36.67
N ILE B 438 6.82 -13.69 -37.16
CA ILE B 438 6.82 -12.29 -36.81
C ILE B 438 7.31 -11.43 -37.94
N GLU B 439 6.84 -10.19 -37.98
N GLU B 439 6.84 -10.19 -37.97
CA GLU B 439 7.25 -9.26 -39.00
CA GLU B 439 7.23 -9.25 -39.00
C GLU B 439 7.02 -7.84 -38.51
C GLU B 439 7.01 -7.84 -38.50
N ARG B 440 7.83 -6.90 -38.99
CA ARG B 440 7.71 -5.49 -38.60
C ARG B 440 7.25 -4.79 -39.86
N VAL B 441 5.99 -4.37 -39.87
CA VAL B 441 5.44 -3.73 -41.05
C VAL B 441 5.40 -2.22 -40.95
N ASN B 442 5.72 -1.57 -42.08
CA ASN B 442 5.69 -0.12 -42.22
C ASN B 442 4.35 0.12 -42.87
N GLU B 443 3.31 -0.36 -42.19
CA GLU B 443 1.96 -0.30 -42.68
C GLU B 443 1.24 0.94 -42.18
N MET C 25 2.14 -6.00 37.58
CA MET C 25 2.16 -4.56 37.18
C MET C 25 3.52 -3.93 37.47
N GLU C 26 4.57 -4.57 36.98
CA GLU C 26 5.92 -4.07 37.15
C GLU C 26 6.07 -3.03 36.06
N LYS C 27 6.47 -1.82 36.44
CA LYS C 27 6.58 -0.74 35.49
C LYS C 27 7.96 -0.10 35.47
N ILE C 28 8.20 0.71 34.45
CA ILE C 28 9.41 1.50 34.31
C ILE C 28 8.88 2.92 34.31
N ILE C 29 9.13 3.64 35.39
CA ILE C 29 8.64 5.00 35.51
C ILE C 29 9.71 5.96 35.05
N VAL C 30 9.38 6.74 34.03
CA VAL C 30 10.30 7.70 33.45
C VAL C 30 9.73 9.11 33.60
N ARG C 31 10.62 10.07 33.82
CA ARG C 31 10.21 11.45 33.93
C ARG C 31 11.15 12.29 33.09
N GLY C 32 10.60 13.25 32.35
CA GLY C 32 11.43 14.15 31.57
C GLY C 32 11.90 15.18 32.59
N GLY C 33 13.09 15.75 32.41
CA GLY C 33 13.95 15.45 31.30
C GLY C 33 15.35 16.00 31.49
N LYS C 34 16.18 15.22 32.17
CA LYS C 34 17.58 15.57 32.37
C LYS C 34 18.28 15.40 31.03
N ARG C 35 19.24 16.28 30.76
CA ARG C 35 20.04 16.18 29.55
C ARG C 35 21.05 15.09 29.89
N LEU C 36 20.99 13.96 29.19
CA LEU C 36 21.88 12.83 29.48
C LEU C 36 23.36 13.11 29.23
N ASN C 37 24.21 12.58 30.11
N ASN C 37 24.21 12.56 30.09
CA ASN C 37 25.67 12.75 30.03
CA ASN C 37 25.65 12.73 29.99
C ASN C 37 26.38 11.55 30.64
C ASN C 37 26.38 11.56 30.65
N GLY C 38 27.44 11.08 30.00
CA GLY C 38 28.22 9.95 30.53
C GLY C 38 28.67 8.89 29.55
N THR C 39 29.06 7.74 30.12
CA THR C 39 29.53 6.58 29.37
C THR C 39 28.57 5.42 29.54
N VAL C 40 28.33 4.69 28.44
CA VAL C 40 27.47 3.51 28.46
C VAL C 40 28.12 2.41 27.64
N ARG C 41 27.93 1.18 28.10
CA ARG C 41 28.49 0.00 27.44
C ARG C 41 27.37 -0.95 27.08
N VAL C 42 27.30 -1.31 25.80
CA VAL C 42 26.25 -2.21 25.30
C VAL C 42 26.62 -3.67 25.52
N GLU C 43 25.60 -4.52 25.48
CA GLU C 43 25.75 -5.95 25.67
C GLU C 43 25.98 -6.62 24.32
N GLY C 44 26.15 -7.94 24.35
CA GLY C 44 26.32 -8.70 23.12
C GLY C 44 25.02 -8.65 22.32
N ALA C 45 25.15 -8.72 21.01
CA ALA C 45 24.00 -8.66 20.11
C ALA C 45 23.02 -9.82 20.27
N LYS C 46 21.78 -9.49 20.58
CA LYS C 46 20.72 -10.47 20.71
C LYS C 46 20.55 -11.27 19.41
N ASN C 47 20.42 -10.54 18.31
CA ASN C 47 20.20 -11.16 16.99
C ASN C 47 21.35 -12.00 16.44
N ALA C 48 22.48 -11.97 17.15
CA ALA C 48 23.64 -12.76 16.78
C ALA C 48 23.75 -13.95 17.74
N VAL C 49 23.46 -13.71 19.02
CA VAL C 49 23.58 -14.76 20.03
C VAL C 49 22.59 -15.92 19.85
N LEU C 50 21.35 -15.62 19.46
CA LEU C 50 20.34 -16.67 19.29
C LEU C 50 20.66 -17.66 18.15
N PRO C 51 21.02 -17.16 16.95
CA PRO C 51 21.36 -18.09 15.87
C PRO C 51 22.64 -18.84 16.18
N ILE C 52 23.57 -18.17 16.87
CA ILE C 52 24.84 -18.77 17.26
C ILE C 52 24.61 -19.88 18.29
N ILE C 53 23.74 -19.63 19.27
CA ILE C 53 23.43 -20.64 20.28
C ILE C 53 22.72 -21.82 19.57
N ALA C 54 21.91 -21.49 18.58
CA ALA C 54 21.21 -22.51 17.80
C ALA C 54 22.25 -23.29 16.98
N ALA C 55 23.18 -22.55 16.37
CA ALA C 55 24.24 -23.16 15.56
C ALA C 55 25.14 -24.04 16.40
N ALA C 56 25.24 -23.75 17.69
CA ALA C 56 26.05 -24.53 18.62
C ALA C 56 25.73 -26.03 18.57
N LEU C 57 24.48 -26.35 18.22
CA LEU C 57 24.05 -27.75 18.10
C LEU C 57 24.80 -28.53 17.03
N LEU C 58 25.45 -27.85 16.10
CA LEU C 58 26.22 -28.52 15.04
C LEU C 58 27.50 -29.20 15.57
N ALA C 59 28.08 -28.64 16.64
CA ALA C 59 29.31 -29.17 17.21
C ALA C 59 29.11 -30.50 17.95
N SER C 60 29.49 -31.61 17.31
CA SER C 60 29.34 -32.94 17.91
C SER C 60 30.55 -33.39 18.75
N ASP C 61 31.54 -32.50 18.92
CA ASP C 61 32.75 -32.80 19.69
C ASP C 61 33.65 -31.55 19.74
N GLY C 62 33.86 -30.87 20.88
CA GLY C 62 33.31 -31.16 22.19
C GLY C 62 32.44 -30.03 22.77
N LYS C 63 33.03 -28.88 23.09
CA LYS C 63 32.22 -27.78 23.66
C LYS C 63 32.44 -26.35 23.12
N ASN C 64 31.33 -25.62 22.97
CA ASN C 64 31.33 -24.23 22.53
C ASN C 64 31.25 -23.35 23.77
N VAL C 65 32.06 -22.29 23.79
CA VAL C 65 32.09 -21.36 24.91
C VAL C 65 31.86 -19.99 24.36
N LEU C 66 30.63 -19.50 24.47
CA LEU C 66 30.24 -18.20 23.95
C LEU C 66 30.44 -17.10 24.98
N SER C 67 31.21 -16.08 24.62
CA SER C 67 31.46 -14.96 25.52
C SER C 67 30.66 -13.73 25.10
N GLU C 68 30.46 -12.81 26.05
CA GLU C 68 29.70 -11.58 25.85
C GLU C 68 28.21 -11.83 25.58
N VAL C 69 27.67 -12.88 26.19
CA VAL C 69 26.26 -13.23 26.02
C VAL C 69 25.42 -12.36 26.96
N PRO C 70 24.40 -11.69 26.43
CA PRO C 70 23.56 -10.83 27.26
C PRO C 70 22.54 -11.62 28.07
N VAL C 71 22.22 -11.14 29.26
CA VAL C 71 21.22 -11.79 30.09
C VAL C 71 19.86 -11.31 29.62
N LEU C 72 19.30 -12.00 28.63
CA LEU C 72 17.99 -11.68 28.07
C LEU C 72 17.09 -12.90 28.17
N SER C 73 15.80 -12.68 28.36
CA SER C 73 14.84 -13.76 28.47
C SER C 73 14.97 -14.69 27.26
N ASP C 74 15.11 -14.12 26.07
CA ASP C 74 15.26 -14.95 24.88
C ASP C 74 16.45 -15.91 24.99
N VAL C 75 17.54 -15.47 25.60
CA VAL C 75 18.69 -16.36 25.77
C VAL C 75 18.29 -17.52 26.68
N TYR C 76 17.63 -17.23 27.79
CA TYR C 76 17.19 -18.32 28.69
C TYR C 76 16.30 -19.32 27.97
N THR C 77 15.39 -18.81 27.16
CA THR C 77 14.46 -19.68 26.42
C THR C 77 15.18 -20.56 25.40
N ILE C 78 16.14 -19.99 24.69
CA ILE C 78 16.88 -20.75 23.70
C ILE C 78 17.75 -21.80 24.41
N ASN C 79 18.32 -21.46 25.56
CA ASN C 79 19.13 -22.42 26.31
C ASN C 79 18.26 -23.59 26.75
N GLU C 80 17.03 -23.27 27.14
N GLU C 80 17.03 -23.31 27.17
CA GLU C 80 16.05 -24.25 27.59
CA GLU C 80 16.15 -24.38 27.59
C GLU C 80 15.63 -25.14 26.42
C GLU C 80 15.71 -25.21 26.38
N VAL C 81 15.62 -24.58 25.21
CA VAL C 81 15.25 -25.33 24.01
C VAL C 81 16.39 -26.31 23.68
N LEU C 82 17.64 -25.89 23.84
CA LEU C 82 18.78 -26.79 23.59
C LEU C 82 18.83 -27.94 24.60
N ARG C 83 18.43 -27.70 25.85
CA ARG C 83 18.46 -28.78 26.83
C ARG C 83 17.39 -29.80 26.49
N HIS C 84 16.23 -29.30 26.06
CA HIS C 84 15.11 -30.15 25.67
C HIS C 84 15.52 -31.04 24.48
N LEU C 85 16.45 -30.55 23.66
CA LEU C 85 16.96 -31.29 22.51
C LEU C 85 18.13 -32.19 22.92
N ASN C 86 18.34 -32.31 24.23
CA ASN C 86 19.38 -33.15 24.84
C ASN C 86 20.81 -32.58 24.80
N ALA C 87 20.92 -31.28 25.01
CA ALA C 87 22.24 -30.63 25.05
C ALA C 87 22.49 -30.09 26.46
N GLU C 88 23.76 -30.01 26.83
CA GLU C 88 24.15 -29.49 28.15
C GLU C 88 24.50 -28.01 27.98
N VAL C 89 23.73 -27.15 28.66
CA VAL C 89 23.93 -25.72 28.57
C VAL C 89 24.12 -25.11 29.93
N VAL C 90 25.20 -24.34 30.08
CA VAL C 90 25.48 -23.65 31.33
C VAL C 90 25.54 -22.15 31.04
N PHE C 91 24.69 -21.36 31.68
CA PHE C 91 24.68 -19.92 31.48
C PHE C 91 25.13 -19.22 32.76
N GLU C 92 26.26 -18.52 32.65
CA GLU C 92 26.92 -17.87 33.76
C GLU C 92 27.73 -16.63 33.36
N ASN C 93 27.72 -15.60 34.20
CA ASN C 93 28.49 -14.37 33.96
C ASN C 93 28.69 -14.01 32.49
N ASN C 94 27.60 -13.76 31.77
CA ASN C 94 27.70 -13.40 30.35
C ASN C 94 28.42 -14.44 29.49
N GLN C 95 28.43 -15.70 29.92
CA GLN C 95 29.12 -16.75 29.19
C GLN C 95 28.26 -18.02 29.09
N VAL C 96 28.10 -18.55 27.87
CA VAL C 96 27.30 -19.75 27.64
C VAL C 96 28.14 -20.89 27.08
N THR C 97 28.20 -21.97 27.82
CA THR C 97 28.94 -23.15 27.41
C THR C 97 27.95 -24.23 27.01
N ILE C 98 28.12 -24.76 25.81
CA ILE C 98 27.23 -25.76 25.26
C ILE C 98 27.98 -27.04 24.91
N ASP C 99 27.34 -28.18 25.19
CA ASP C 99 27.88 -29.50 24.91
C ASP C 99 26.79 -30.33 24.25
N ALA C 100 26.91 -30.51 22.94
CA ALA C 100 25.93 -31.30 22.17
C ALA C 100 26.55 -32.57 21.61
N SER C 101 27.59 -33.08 22.28
CA SER C 101 28.28 -34.30 21.83
C SER C 101 27.40 -35.55 21.86
N LYS C 102 26.37 -35.53 22.72
CA LYS C 102 25.41 -36.63 22.83
C LYS C 102 24.40 -36.53 21.69
N GLU C 103 23.68 -37.63 21.44
CA GLU C 103 22.68 -37.64 20.38
C GLU C 103 21.54 -36.69 20.72
N LEU C 104 21.19 -35.84 19.77
CA LEU C 104 20.13 -34.86 19.96
C LEU C 104 18.75 -35.39 19.57
N ASN C 105 17.72 -34.83 20.21
CA ASN C 105 16.34 -35.19 19.93
C ASN C 105 15.86 -34.45 18.68
N ILE C 106 14.67 -34.80 18.20
CA ILE C 106 14.13 -34.21 16.98
C ILE C 106 13.14 -33.07 17.13
N GLU C 107 12.41 -33.02 18.25
CA GLU C 107 11.34 -32.05 18.41
C GLU C 107 11.54 -30.80 19.28
N ALA C 108 10.99 -29.69 18.77
CA ALA C 108 10.99 -28.38 19.43
C ALA C 108 9.50 -28.02 19.61
N PRO C 109 8.92 -28.35 20.77
CA PRO C 109 7.50 -28.13 21.04
C PRO C 109 6.99 -26.69 20.93
N PHE C 110 5.67 -26.57 20.77
CA PHE C 110 5.01 -25.29 20.60
C PHE C 110 5.07 -24.40 21.85
N GLU C 111 5.46 -24.96 22.99
CA GLU C 111 5.58 -24.17 24.22
C GLU C 111 6.73 -23.17 24.12
N TYR C 112 7.75 -23.51 23.33
CA TYR C 112 8.91 -22.63 23.14
C TYR C 112 8.73 -21.71 21.93
N VAL C 113 8.19 -22.25 20.85
CA VAL C 113 7.97 -21.47 19.65
C VAL C 113 6.95 -20.36 19.90
N ARG C 114 5.99 -20.62 20.79
CA ARG C 114 4.96 -19.64 21.08
C ARG C 114 5.59 -18.45 21.83
N LYS C 115 6.47 -18.73 22.80
CA LYS C 115 7.14 -17.67 23.57
C LYS C 115 8.14 -16.89 22.73
N MET C 116 9.00 -17.64 22.03
CA MET C 116 10.04 -17.05 21.20
C MET C 116 10.03 -17.77 19.86
N ARG C 117 9.58 -17.07 18.83
CA ARG C 117 9.49 -17.69 17.51
C ARG C 117 10.87 -17.98 16.91
N ALA C 118 11.91 -17.34 17.43
CA ALA C 118 13.28 -17.58 16.95
C ALA C 118 13.76 -19.01 17.29
N SER C 119 12.90 -19.80 17.92
CA SER C 119 13.22 -21.18 18.28
C SER C 119 13.35 -22.05 17.04
N VAL C 120 12.67 -21.64 15.97
CA VAL C 120 12.73 -22.36 14.70
C VAL C 120 14.14 -22.41 14.13
N GLN C 121 15.05 -21.59 14.68
CA GLN C 121 16.43 -21.53 14.19
C GLN C 121 17.26 -22.79 14.50
N VAL C 122 16.67 -23.76 15.20
CA VAL C 122 17.35 -25.02 15.49
C VAL C 122 17.08 -26.02 14.35
N MET C 123 16.05 -25.77 13.57
CA MET C 123 15.69 -26.69 12.49
C MET C 123 16.89 -27.03 11.58
N GLY C 124 17.53 -26.02 11.01
CA GLY C 124 18.70 -26.22 10.15
C GLY C 124 19.75 -27.08 10.82
N PRO C 125 20.17 -26.69 12.03
CA PRO C 125 21.15 -27.46 12.79
C PRO C 125 20.71 -28.89 13.04
N LEU C 126 19.52 -29.09 13.60
CA LEU C 126 19.03 -30.44 13.85
C LEU C 126 19.10 -31.25 12.58
N LEU C 127 18.50 -30.69 11.54
CA LEU C 127 18.42 -31.34 10.24
C LEU C 127 19.83 -31.68 9.72
N ALA C 128 20.82 -30.85 10.06
CA ALA C 128 22.18 -31.09 9.64
C ALA C 128 22.79 -32.29 10.38
N ARG C 129 22.41 -32.48 11.64
CA ARG C 129 22.96 -33.58 12.44
C ARG C 129 22.15 -34.86 12.49
N ASN C 130 20.83 -34.73 12.56
CA ASN C 130 19.97 -35.89 12.63
C ASN C 130 19.29 -36.20 11.31
N GLY C 131 19.34 -35.28 10.36
CA GLY C 131 18.68 -35.48 9.09
C GLY C 131 17.17 -35.45 9.26
N ARG C 132 16.74 -34.93 10.40
CA ARG C 132 15.33 -34.83 10.75
C ARG C 132 15.12 -33.66 11.67
N ALA C 133 13.90 -33.13 11.66
CA ALA C 133 13.56 -32.02 12.50
C ALA C 133 12.06 -31.91 12.50
N ARG C 134 11.50 -31.66 13.68
CA ARG C 134 10.07 -31.54 13.83
C ARG C 134 9.88 -30.26 14.65
N ILE C 135 9.60 -29.16 13.94
CA ILE C 135 9.44 -27.87 14.59
C ILE C 135 7.99 -27.39 14.57
N ALA C 136 7.56 -26.78 15.66
CA ALA C 136 6.22 -26.24 15.76
C ALA C 136 6.16 -24.95 14.93
N LEU C 137 5.15 -24.82 14.10
CA LEU C 137 4.98 -23.63 13.27
C LEU C 137 4.74 -22.43 14.18
N PRO C 138 5.23 -21.24 13.80
CA PRO C 138 5.08 -20.04 14.63
C PRO C 138 3.69 -19.40 14.64
N GLY C 139 3.36 -18.76 15.75
CA GLY C 139 2.10 -18.05 15.92
C GLY C 139 2.24 -16.57 15.60
N GLY C 140 1.18 -15.80 15.77
CA GLY C 140 1.17 -14.37 15.48
C GLY C 140 2.16 -13.54 16.30
N CYS C 141 2.68 -12.47 15.69
CA CYS C 141 3.62 -11.55 16.34
C CYS C 141 3.06 -10.13 16.21
N ALA C 142 3.29 -9.30 17.21
CA ALA C 142 2.79 -7.92 17.21
C ALA C 142 3.41 -7.06 16.09
N ILE C 143 4.69 -7.28 15.79
CA ILE C 143 5.40 -6.51 14.75
C ILE C 143 4.93 -6.81 13.32
N GLY C 144 4.57 -8.06 13.05
CA GLY C 144 4.10 -8.45 11.72
C GLY C 144 4.46 -9.88 11.39
N SER C 145 3.80 -10.43 10.37
CA SER C 145 4.02 -11.81 9.97
C SER C 145 5.36 -12.02 9.26
N ARG C 146 6.13 -12.98 9.76
CA ARG C 146 7.39 -13.34 9.15
C ARG C 146 7.36 -14.87 9.11
N PRO C 147 6.86 -15.42 7.99
CA PRO C 147 6.73 -16.88 7.82
C PRO C 147 8.06 -17.54 7.54
N ILE C 148 8.09 -18.86 7.60
CA ILE C 148 9.34 -19.60 7.36
C ILE C 148 9.37 -20.25 5.99
N ASP C 149 8.62 -19.68 5.06
CA ASP C 149 8.55 -20.17 3.68
C ASP C 149 9.94 -20.33 3.10
N GLN C 150 10.74 -19.28 3.21
CA GLN C 150 12.11 -19.25 2.69
C GLN C 150 12.99 -20.31 3.35
N HIS C 151 12.73 -20.58 4.63
CA HIS C 151 13.47 -21.58 5.36
C HIS C 151 13.23 -22.95 4.72
N LEU C 152 11.95 -23.28 4.55
CA LEU C 152 11.54 -24.56 3.99
C LEU C 152 11.94 -24.70 2.52
N LYS C 153 11.88 -23.58 1.79
CA LYS C 153 12.28 -23.56 0.39
C LYS C 153 13.74 -23.99 0.29
N GLY C 154 14.55 -23.47 1.20
CA GLY C 154 15.96 -23.79 1.25
C GLY C 154 16.18 -25.25 1.62
N PHE C 155 15.51 -25.72 2.66
CA PHE C 155 15.69 -27.12 3.07
C PHE C 155 15.20 -28.10 2.02
N GLU C 156 14.09 -27.81 1.36
CA GLU C 156 13.61 -28.73 0.33
C GLU C 156 14.59 -28.82 -0.83
N ALA C 157 15.33 -27.74 -1.08
CA ALA C 157 16.33 -27.74 -2.17
C ALA C 157 17.49 -28.66 -1.80
N MET C 158 17.77 -28.77 -0.50
CA MET C 158 18.84 -29.61 0.01
C MET C 158 18.40 -31.06 0.19
N GLY C 159 17.20 -31.39 -0.31
CA GLY C 159 16.67 -32.77 -0.24
C GLY C 159 15.67 -33.06 0.85
N ALA C 160 15.47 -32.13 1.76
CA ALA C 160 14.52 -32.33 2.85
C ALA C 160 13.12 -32.63 2.32
N LYS C 161 12.43 -33.55 2.98
CA LYS C 161 11.09 -33.93 2.56
C LYS C 161 10.19 -33.30 3.63
N VAL C 162 9.40 -32.32 3.24
CA VAL C 162 8.56 -31.59 4.19
C VAL C 162 7.11 -32.07 4.29
N GLN C 163 6.56 -31.98 5.51
CA GLN C 163 5.19 -32.37 5.79
C GLN C 163 4.66 -31.59 6.99
N VAL C 164 3.41 -31.16 6.90
CA VAL C 164 2.77 -30.38 7.98
C VAL C 164 1.62 -31.15 8.64
N GLY C 165 1.63 -31.19 9.96
CA GLY C 165 0.58 -31.87 10.71
C GLY C 165 0.58 -31.50 12.17
N ASN C 166 -0.62 -31.40 12.74
CA ASN C 166 -0.79 -31.06 14.16
C ASN C 166 -0.02 -29.80 14.59
N GLY C 167 0.09 -28.83 13.70
CA GLY C 167 0.80 -27.57 14.00
C GLY C 167 2.32 -27.67 13.91
N PHE C 168 2.83 -28.82 13.50
CA PHE C 168 4.27 -29.04 13.35
C PHE C 168 4.64 -29.24 11.90
N VAL C 169 5.84 -28.80 11.55
CA VAL C 169 6.39 -29.03 10.23
C VAL C 169 7.46 -30.09 10.47
N GLU C 170 7.39 -31.19 9.74
CA GLU C 170 8.39 -32.24 9.93
C GLU C 170 9.19 -32.42 8.65
N ALA C 171 10.50 -32.33 8.78
CA ALA C 171 11.40 -32.47 7.66
C ALA C 171 12.34 -33.64 7.91
N TYR C 172 12.67 -34.37 6.85
CA TYR C 172 13.59 -35.48 6.97
C TYR C 172 14.25 -35.67 5.62
N VAL C 173 15.55 -35.90 5.64
CA VAL C 173 16.29 -36.10 4.40
C VAL C 173 16.56 -37.58 4.20
N GLU C 174 16.36 -38.05 2.98
CA GLU C 174 16.62 -39.44 2.65
C GLU C 174 18.08 -39.50 2.25
N GLY C 175 18.88 -40.00 3.18
CA GLY C 175 20.32 -40.08 3.02
C GLY C 175 20.81 -38.99 3.95
N GLU C 176 21.13 -37.85 3.39
CA GLU C 176 21.61 -36.69 4.17
C GLU C 176 21.44 -35.43 3.35
N LEU C 177 21.65 -34.28 4.00
CA LEU C 177 21.54 -33.02 3.29
C LEU C 177 22.58 -32.95 2.18
N LYS C 178 22.17 -32.37 1.06
CA LYS C 178 23.03 -32.19 -0.08
C LYS C 178 23.13 -30.70 -0.40
N GLY C 179 24.28 -30.31 -0.93
CA GLY C 179 24.52 -28.93 -1.30
C GLY C 179 23.59 -28.57 -2.44
N ALA C 180 23.05 -27.36 -2.40
CA ALA C 180 22.14 -26.90 -3.43
C ALA C 180 22.27 -25.40 -3.66
N LYS C 181 21.87 -24.99 -4.85
CA LYS C 181 21.89 -23.59 -5.25
C LYS C 181 20.51 -23.03 -4.87
N ILE C 182 20.51 -22.11 -3.90
CA ILE C 182 19.26 -21.52 -3.37
C ILE C 182 19.16 -20.01 -3.50
N TYR C 183 18.04 -19.56 -4.06
CA TYR C 183 17.79 -18.14 -4.22
C TYR C 183 16.66 -17.68 -3.30
N LEU C 184 16.93 -16.68 -2.47
CA LEU C 184 15.92 -16.15 -1.58
C LEU C 184 15.19 -15.01 -2.27
N ASP C 185 13.85 -15.07 -2.23
CA ASP C 185 12.99 -14.03 -2.82
C ASP C 185 13.33 -12.70 -2.15
N PHE C 186 13.48 -12.72 -0.82
CA PHE C 186 13.87 -11.54 -0.07
C PHE C 186 14.96 -12.00 0.90
N PRO C 187 15.94 -11.11 1.20
CA PRO C 187 17.06 -11.47 2.06
C PRO C 187 16.69 -11.69 3.54
N SER C 188 15.90 -12.73 3.79
CA SER C 188 15.45 -13.08 5.12
C SER C 188 16.60 -13.46 6.05
N VAL C 189 16.75 -12.70 7.12
CA VAL C 189 17.80 -12.95 8.11
C VAL C 189 17.65 -14.36 8.67
N GLY C 190 16.44 -14.69 9.11
CA GLY C 190 16.16 -16.02 9.67
C GLY C 190 16.43 -17.15 8.69
N ALA C 191 15.99 -17.00 7.44
CA ALA C 191 16.21 -18.04 6.45
C ALA C 191 17.71 -18.20 6.15
N THR C 192 18.43 -17.08 6.10
CA THR C 192 19.86 -17.11 5.82
C THR C 192 20.62 -17.86 6.90
N GLU C 193 20.40 -17.46 8.15
CA GLU C 193 21.09 -18.07 9.26
C GLU C 193 20.74 -19.55 9.47
N ASN C 194 19.54 -19.95 9.09
CA ASN C 194 19.11 -21.34 9.28
C ASN C 194 19.68 -22.22 8.14
N ILE C 195 19.62 -21.72 6.91
CA ILE C 195 20.12 -22.46 5.73
C ILE C 195 21.65 -22.53 5.73
N MET C 196 22.28 -21.43 6.09
CA MET C 196 23.73 -21.34 6.16
C MET C 196 24.29 -22.33 7.17
N SER C 197 23.53 -22.55 8.24
CA SER C 197 23.94 -23.47 9.30
C SER C 197 23.75 -24.93 8.89
N ALA C 198 22.61 -25.22 8.27
CA ALA C 198 22.31 -26.57 7.80
C ALA C 198 23.28 -27.02 6.70
N ALA C 199 23.78 -26.06 5.93
CA ALA C 199 24.71 -26.35 4.84
C ALA C 199 26.12 -26.75 5.28
N THR C 200 26.52 -26.36 6.49
CA THR C 200 27.86 -26.67 6.98
C THR C 200 28.17 -28.17 7.08
N LEU C 201 27.15 -28.99 7.30
CA LEU C 201 27.32 -30.45 7.40
C LEU C 201 26.66 -31.19 6.24
N ALA C 202 26.38 -30.47 5.17
CA ALA C 202 25.74 -31.06 4.00
C ALA C 202 26.80 -31.63 3.08
N LYS C 203 26.38 -32.48 2.14
CA LYS C 203 27.32 -33.05 1.18
C LYS C 203 27.35 -32.13 -0.04
N GLY C 204 28.55 -31.69 -0.41
CA GLY C 204 28.71 -30.79 -1.55
C GLY C 204 28.61 -29.36 -1.08
N THR C 205 28.63 -28.42 -2.02
CA THR C 205 28.56 -27.00 -1.70
C THR C 205 27.16 -26.43 -1.84
N THR C 206 26.90 -25.36 -1.10
CA THR C 206 25.63 -24.66 -1.13
C THR C 206 25.89 -23.23 -1.51
N ILE C 207 25.12 -22.73 -2.48
CA ILE C 207 25.25 -21.35 -2.96
C ILE C 207 23.98 -20.65 -2.56
N LEU C 208 24.06 -19.73 -1.61
CA LEU C 208 22.88 -19.00 -1.15
C LEU C 208 22.87 -17.60 -1.74
N GLU C 209 22.01 -17.39 -2.73
CA GLU C 209 21.90 -16.11 -3.43
C GLU C 209 20.82 -15.18 -2.84
N ASN C 210 21.15 -13.89 -2.80
CA ASN C 210 20.30 -12.84 -2.22
C ASN C 210 20.18 -13.08 -0.72
N ALA C 211 21.31 -13.41 -0.11
CA ALA C 211 21.39 -13.67 1.31
C ALA C 211 21.38 -12.37 2.09
N ALA C 212 20.99 -12.46 3.37
CA ALA C 212 20.96 -11.29 4.24
C ALA C 212 22.41 -10.89 4.48
N LYS C 213 22.64 -9.59 4.59
CA LYS C 213 23.99 -9.08 4.79
C LYS C 213 24.20 -8.48 6.18
N GLU C 214 23.21 -8.57 7.06
CA GLU C 214 23.34 -8.01 8.40
C GLU C 214 24.65 -8.39 9.10
N PRO C 215 25.17 -7.50 9.96
CA PRO C 215 26.41 -7.81 10.68
C PRO C 215 26.33 -9.08 11.53
N GLU C 216 25.13 -9.49 11.93
CA GLU C 216 24.95 -10.69 12.72
C GLU C 216 25.20 -11.95 11.88
N ILE C 217 24.92 -11.87 10.58
CA ILE C 217 25.16 -13.00 9.66
C ILE C 217 26.66 -13.23 9.52
N VAL C 218 27.42 -12.13 9.51
CA VAL C 218 28.87 -12.18 9.41
C VAL C 218 29.44 -12.78 10.69
N ASP C 219 28.89 -12.37 11.82
CA ASP C 219 29.35 -12.87 13.10
C ASP C 219 29.01 -14.36 13.18
N LEU C 220 27.83 -14.72 12.67
CA LEU C 220 27.40 -16.12 12.68
C LEU C 220 28.31 -16.97 11.81
N ALA C 221 28.74 -16.41 10.68
CA ALA C 221 29.64 -17.11 9.77
C ALA C 221 30.98 -17.32 10.48
N ASN C 222 31.46 -16.29 11.16
CA ASN C 222 32.73 -16.39 11.88
C ASN C 222 32.69 -17.51 12.92
N PHE C 223 31.53 -17.71 13.53
CA PHE C 223 31.34 -18.75 14.52
C PHE C 223 31.43 -20.14 13.88
N LEU C 224 30.73 -20.33 12.76
CA LEU C 224 30.73 -21.60 12.05
C LEU C 224 32.15 -21.96 11.61
N ASN C 225 32.85 -21.01 10.98
CA ASN C 225 34.23 -21.26 10.56
C ASN C 225 35.12 -21.54 11.75
N ALA C 226 34.80 -20.94 12.90
CA ALA C 226 35.56 -21.19 14.12
C ALA C 226 35.43 -22.66 14.50
N MET C 227 34.25 -23.24 14.24
CA MET C 227 33.99 -24.66 14.52
C MET C 227 34.53 -25.60 13.44
N GLY C 228 35.22 -25.08 12.44
CA GLY C 228 35.76 -25.91 11.36
C GLY C 228 34.91 -25.89 10.10
N ALA C 229 33.93 -24.99 10.03
CA ALA C 229 33.09 -24.87 8.84
C ALA C 229 33.85 -24.15 7.73
N LYS C 230 33.34 -24.25 6.52
CA LYS C 230 33.97 -23.61 5.38
C LYS C 230 32.93 -22.74 4.69
N VAL C 231 32.54 -21.69 5.39
CA VAL C 231 31.55 -20.72 4.93
C VAL C 231 32.27 -19.53 4.39
N ARG C 232 31.79 -18.98 3.27
CA ARG C 232 32.47 -17.86 2.68
C ARG C 232 31.50 -16.92 1.95
N GLY C 233 31.62 -15.62 2.19
CA GLY C 233 30.76 -14.61 1.56
C GLY C 233 29.81 -13.89 2.51
N ALA C 234 29.90 -14.23 3.80
CA ALA C 234 29.05 -13.59 4.80
C ALA C 234 29.28 -12.09 4.76
N GLY C 235 28.21 -11.33 4.55
CA GLY C 235 28.28 -9.89 4.46
C GLY C 235 27.89 -9.48 3.05
N THR C 236 28.14 -10.37 2.09
CA THR C 236 27.78 -10.13 0.69
C THR C 236 26.45 -10.81 0.44
N GLY C 237 25.89 -10.61 -0.75
CA GLY C 237 24.60 -11.21 -1.11
C GLY C 237 24.69 -12.63 -1.65
N THR C 238 25.90 -13.19 -1.68
CA THR C 238 26.12 -14.53 -2.18
C THR C 238 26.94 -15.32 -1.18
N ILE C 239 26.30 -16.24 -0.47
CA ILE C 239 27.02 -17.05 0.50
C ILE C 239 27.31 -18.46 -0.03
N ARG C 240 28.58 -18.83 0.04
N ARG C 240 28.59 -18.84 -0.01
CA ARG C 240 29.08 -20.12 -0.41
CA ARG C 240 29.01 -20.17 -0.43
C ARG C 240 29.53 -20.98 0.78
C ARG C 240 29.52 -20.99 0.75
N ILE C 241 28.88 -22.13 0.96
CA ILE C 241 29.24 -23.04 2.05
C ILE C 241 29.60 -24.40 1.48
N GLU C 242 30.79 -24.89 1.80
CA GLU C 242 31.21 -26.22 1.36
C GLU C 242 31.24 -27.05 2.64
N GLY C 243 30.34 -28.03 2.69
CA GLY C 243 30.17 -28.88 3.87
C GLY C 243 31.32 -29.78 4.25
N VAL C 244 31.35 -30.15 5.53
CA VAL C 244 32.38 -31.02 6.09
C VAL C 244 31.71 -32.18 6.83
N ASP C 245 32.51 -33.17 7.26
CA ASP C 245 31.98 -34.34 7.98
C ASP C 245 31.36 -33.94 9.30
N LYS C 246 32.13 -33.22 10.11
CA LYS C 246 31.62 -32.77 11.40
C LYS C 246 32.26 -31.48 11.87
N LEU C 247 31.63 -30.84 12.85
CA LEU C 247 32.11 -29.58 13.43
C LEU C 247 32.53 -29.77 14.88
N TYR C 248 33.41 -28.88 15.33
CA TYR C 248 33.97 -28.95 16.68
C TYR C 248 33.65 -27.74 17.54
N GLY C 249 33.62 -27.94 18.85
CA GLY C 249 33.36 -26.85 19.78
C GLY C 249 34.46 -25.81 19.69
N ALA C 250 34.08 -24.54 19.78
CA ALA C 250 35.05 -23.45 19.68
C ALA C 250 34.71 -22.29 20.61
N ASN C 251 35.66 -21.38 20.76
CA ASN C 251 35.49 -20.19 21.61
C ASN C 251 35.15 -19.02 20.72
N HIS C 252 34.05 -18.35 21.02
CA HIS C 252 33.62 -17.21 20.21
C HIS C 252 33.02 -16.14 21.09
N SER C 253 33.42 -14.90 20.85
CA SER C 253 32.90 -13.77 21.60
C SER C 253 31.89 -13.09 20.70
N ILE C 254 30.72 -12.77 21.25
CA ILE C 254 29.65 -12.16 20.46
C ILE C 254 29.85 -10.66 20.21
N ILE C 255 29.58 -10.23 18.98
CA ILE C 255 29.71 -8.81 18.60
C ILE C 255 28.73 -7.97 19.42
N PRO C 256 29.09 -6.70 19.67
CA PRO C 256 28.23 -5.78 20.42
C PRO C 256 26.88 -5.57 19.76
N ASP C 257 25.85 -5.29 20.54
CA ASP C 257 24.50 -5.10 20.00
C ASP C 257 24.37 -3.70 19.39
N ARG C 258 24.31 -3.64 18.07
CA ARG C 258 24.20 -2.36 17.35
C ARG C 258 22.84 -1.68 17.48
N ILE C 259 21.82 -2.43 17.88
CA ILE C 259 20.49 -1.86 18.05
C ILE C 259 20.42 -1.19 19.42
N GLU C 260 20.99 -1.84 20.43
CA GLU C 260 21.05 -1.26 21.77
C GLU C 260 21.89 0.01 21.62
N ALA C 261 23.00 -0.10 20.90
CA ALA C 261 23.86 1.03 20.66
C ALA C 261 23.03 2.13 20.03
N GLY C 262 22.29 1.78 18.98
CA GLY C 262 21.43 2.73 18.29
C GLY C 262 20.43 3.38 19.24
N THR C 263 19.85 2.56 20.11
CA THR C 263 18.87 3.07 21.07
C THR C 263 19.48 4.17 21.95
N PHE C 264 20.71 3.95 22.42
CA PHE C 264 21.40 4.95 23.26
C PHE C 264 21.76 6.21 22.48
N MET C 265 22.02 6.08 21.19
CA MET C 265 22.32 7.24 20.34
C MET C 265 21.09 8.14 20.34
N VAL C 266 19.92 7.54 20.15
CA VAL C 266 18.67 8.27 20.16
C VAL C 266 18.48 8.94 21.52
N ALA C 267 18.86 8.23 22.58
CA ALA C 267 18.75 8.73 23.93
C ALA C 267 19.50 10.04 24.07
N ALA C 268 20.74 10.05 23.61
CA ALA C 268 21.56 11.25 23.67
C ALA C 268 20.97 12.35 22.78
N ALA C 269 20.56 11.97 21.56
CA ALA C 269 20.00 12.94 20.61
C ALA C 269 18.66 13.54 21.04
N ILE C 270 17.77 12.73 21.58
CA ILE C 270 16.45 13.22 21.97
C ILE C 270 16.51 14.15 23.19
N THR C 271 17.51 13.97 24.04
CA THR C 271 17.66 14.81 25.23
C THR C 271 18.71 15.89 25.03
N GLY C 272 19.36 15.90 23.87
CA GLY C 272 20.39 16.89 23.57
C GLY C 272 21.64 16.68 24.43
N GLY C 273 21.83 15.46 24.88
CA GLY C 273 22.96 15.13 25.74
C GLY C 273 24.26 14.78 25.05
N ASP C 274 25.23 14.38 25.86
CA ASP C 274 26.57 14.00 25.41
C ASP C 274 26.88 12.62 26.02
N ILE C 275 26.70 11.57 25.23
CA ILE C 275 26.94 10.20 25.66
C ILE C 275 28.08 9.51 24.91
N LEU C 276 28.80 8.64 25.62
CA LEU C 276 29.89 7.87 25.02
C LEU C 276 29.51 6.39 25.04
N ILE C 277 29.23 5.84 23.85
CA ILE C 277 28.91 4.43 23.74
C ILE C 277 30.27 3.76 23.52
N GLU C 278 30.91 3.49 24.65
CA GLU C 278 32.25 2.92 24.73
C GLU C 278 32.61 1.75 23.81
N ASN C 279 31.75 0.74 23.73
CA ASN C 279 32.03 -0.43 22.89
C ASN C 279 31.24 -0.50 21.60
N ALA C 280 30.71 0.63 21.12
CA ALA C 280 29.96 0.64 19.88
C ALA C 280 30.90 0.45 18.69
N VAL C 281 30.43 -0.26 17.66
CA VAL C 281 31.21 -0.49 16.46
C VAL C 281 30.65 0.41 15.37
N PRO C 282 31.39 1.48 15.00
CA PRO C 282 30.88 2.39 13.99
C PRO C 282 30.53 1.70 12.68
N GLU C 283 31.29 0.66 12.36
CA GLU C 283 31.12 -0.11 11.14
C GLU C 283 29.74 -0.77 11.03
N HIS C 284 29.07 -0.99 12.17
CA HIS C 284 27.73 -1.58 12.16
C HIS C 284 26.64 -0.52 12.37
N LEU C 285 27.02 0.74 12.40
CA LEU C 285 26.09 1.84 12.64
C LEU C 285 26.06 2.88 11.53
N ARG C 286 26.56 2.54 10.35
CA ARG C 286 26.63 3.52 9.25
C ARG C 286 25.29 4.20 8.97
N SER C 287 24.30 3.40 8.62
CA SER C 287 22.97 3.91 8.31
C SER C 287 22.42 4.81 9.42
N ILE C 288 22.45 4.28 10.63
CA ILE C 288 21.93 4.98 11.79
C ILE C 288 22.67 6.30 11.97
N THR C 289 23.99 6.25 11.87
CA THR C 289 24.81 7.44 12.01
C THR C 289 24.48 8.47 10.92
N ALA C 290 24.41 8.00 9.67
CA ALA C 290 24.10 8.89 8.54
C ALA C 290 22.81 9.69 8.77
N LYS C 291 21.73 8.98 9.09
CA LYS C 291 20.43 9.63 9.31
C LYS C 291 20.45 10.60 10.49
N MET C 292 21.19 10.27 11.55
CA MET C 292 21.26 11.17 12.70
C MET C 292 22.08 12.39 12.36
N GLU C 293 23.12 12.19 11.55
CA GLU C 293 23.94 13.32 11.14
C GLU C 293 23.09 14.26 10.27
N GLU C 294 22.19 13.71 9.48
CA GLU C 294 21.30 14.53 8.65
C GLU C 294 20.36 15.35 9.55
N MET C 295 20.01 14.81 10.71
CA MET C 295 19.12 15.50 11.66
C MET C 295 19.83 16.61 12.44
N GLY C 296 21.16 16.62 12.36
CA GLY C 296 21.98 17.62 13.04
C GLY C 296 22.71 17.08 14.24
N VAL C 297 22.74 15.75 14.38
CA VAL C 297 23.42 15.11 15.51
C VAL C 297 24.91 14.96 15.24
N LYS C 298 25.72 15.25 16.25
CA LYS C 298 27.17 15.13 16.13
C LYS C 298 27.55 13.73 16.60
N ILE C 299 28.18 12.95 15.73
CA ILE C 299 28.61 11.60 16.06
C ILE C 299 30.10 11.50 15.75
N ILE C 300 30.90 11.39 16.82
CA ILE C 300 32.34 11.29 16.70
C ILE C 300 32.80 9.87 16.93
N GLU C 301 33.57 9.33 16.00
CA GLU C 301 34.12 7.99 16.15
C GLU C 301 35.31 8.13 17.07
N GLU C 302 35.03 7.93 18.36
CA GLU C 302 36.03 8.07 19.41
C GLU C 302 37.07 6.96 19.26
N ASN C 303 38.17 7.07 19.99
CA ASN C 303 39.23 6.06 19.91
C ASN C 303 38.71 4.69 20.35
N GLU C 304 37.86 4.69 21.38
CA GLU C 304 37.30 3.46 21.93
C GLU C 304 35.98 3.06 21.24
N GLY C 305 35.02 3.98 21.23
CA GLY C 305 33.73 3.70 20.60
C GLY C 305 33.16 4.89 19.87
N VAL C 306 31.90 5.21 20.15
CA VAL C 306 31.21 6.32 19.51
C VAL C 306 30.67 7.31 20.53
N ARG C 307 30.87 8.60 20.27
CA ARG C 307 30.39 9.65 21.15
C ARG C 307 29.28 10.38 20.41
N VAL C 308 28.13 10.50 21.05
CA VAL C 308 26.96 11.14 20.46
C VAL C 308 26.62 12.43 21.20
N ILE C 309 26.55 13.54 20.45
CA ILE C 309 26.21 14.84 21.04
C ILE C 309 24.92 15.31 20.37
N GLY C 310 23.89 15.52 21.18
CA GLY C 310 22.59 15.96 20.68
C GLY C 310 22.49 17.46 20.55
N PRO C 311 21.93 17.95 19.42
CA PRO C 311 21.77 19.37 19.23
C PRO C 311 20.55 19.90 19.98
N ASP C 312 20.37 21.21 19.99
CA ASP C 312 19.24 21.81 20.69
C ASP C 312 17.99 21.73 19.82
N LYS C 313 18.18 21.69 18.51
CA LYS C 313 17.07 21.58 17.57
C LYS C 313 17.38 20.52 16.50
N LEU C 314 16.50 19.52 16.42
CA LEU C 314 16.67 18.44 15.47
C LEU C 314 16.01 18.77 14.15
N LYS C 315 16.70 18.42 13.06
CA LYS C 315 16.23 18.69 11.71
C LYS C 315 15.41 17.47 11.28
N ALA C 316 14.21 17.69 10.75
CA ALA C 316 13.36 16.58 10.31
C ALA C 316 13.96 15.88 9.08
N VAL C 317 13.75 14.58 9.00
CA VAL C 317 14.24 13.76 7.89
C VAL C 317 13.28 12.60 7.64
N ASP C 318 13.44 11.95 6.49
CA ASP C 318 12.63 10.80 6.14
C ASP C 318 13.48 9.55 6.24
N ILE C 319 12.91 8.50 6.81
CA ILE C 319 13.59 7.25 6.95
C ILE C 319 12.82 6.16 6.24
N LYS C 320 13.55 5.30 5.54
CA LYS C 320 12.95 4.18 4.83
C LYS C 320 13.65 2.91 5.30
N THR C 321 12.93 2.06 6.02
CA THR C 321 13.55 0.83 6.53
C THR C 321 13.71 -0.16 5.41
N MET C 322 14.82 -0.89 5.42
CA MET C 322 15.07 -1.92 4.43
C MET C 322 16.22 -2.84 4.85
N PRO C 323 16.45 -3.94 4.12
CA PRO C 323 17.54 -4.84 4.50
C PRO C 323 18.90 -4.16 4.55
N HIS C 324 19.78 -4.66 5.41
CA HIS C 324 21.10 -4.11 5.54
C HIS C 324 21.73 -4.13 4.14
N PRO C 325 22.53 -3.11 3.81
CA PRO C 325 22.93 -1.96 4.62
C PRO C 325 21.89 -0.83 4.72
N GLY C 326 20.63 -1.12 4.42
CA GLY C 326 19.57 -0.13 4.52
C GLY C 326 19.31 0.18 5.98
N PHE C 327 18.48 1.19 6.24
CA PHE C 327 18.19 1.56 7.63
C PHE C 327 17.44 0.42 8.33
N PRO C 328 17.96 -0.03 9.47
CA PRO C 328 17.37 -1.17 10.19
C PRO C 328 15.94 -1.00 10.71
N THR C 329 15.13 -2.01 10.46
CA THR C 329 13.74 -2.00 10.90
C THR C 329 13.65 -2.03 12.43
N ASP C 330 14.63 -2.67 13.06
CA ASP C 330 14.67 -2.73 14.52
C ASP C 330 14.94 -1.37 15.17
N MET C 331 15.24 -0.34 14.38
CA MET C 331 15.46 1.02 14.90
C MET C 331 14.28 1.94 14.63
N GLN C 332 13.38 1.50 13.76
CA GLN C 332 12.21 2.28 13.38
C GLN C 332 11.47 2.94 14.54
N SER C 333 10.99 2.16 15.49
CA SER C 333 10.26 2.70 16.65
C SER C 333 11.05 3.75 17.42
N GLN C 334 12.36 3.52 17.56
CA GLN C 334 13.21 4.45 18.28
C GLN C 334 13.32 5.77 17.57
N MET C 335 13.53 5.72 16.26
CA MET C 335 13.66 6.93 15.45
C MET C 335 12.37 7.73 15.42
N MET C 336 11.26 7.05 15.69
CA MET C 336 9.97 7.70 15.69
C MET C 336 9.90 8.64 16.87
N ALA C 337 10.39 8.17 18.02
CA ALA C 337 10.39 8.96 19.23
C ALA C 337 11.19 10.21 18.97
N LEU C 338 12.33 10.02 18.32
CA LEU C 338 13.23 11.11 18.01
C LEU C 338 12.59 12.10 17.03
N LEU C 339 12.00 11.60 15.96
CA LEU C 339 11.38 12.45 14.94
C LEU C 339 10.23 13.30 15.48
N LEU C 340 9.58 12.85 16.54
CA LEU C 340 8.51 13.62 17.17
C LEU C 340 9.08 14.89 17.81
N GLN C 341 10.41 14.96 17.90
CA GLN C 341 11.09 16.13 18.49
C GLN C 341 11.74 17.03 17.43
N ALA C 342 11.85 16.54 16.20
CA ALA C 342 12.43 17.34 15.13
C ALA C 342 11.38 18.32 14.63
N ASP C 343 11.76 19.56 14.32
CA ASP C 343 10.78 20.53 13.82
C ASP C 343 10.59 20.33 12.32
N GLY C 344 9.34 20.08 11.93
CA GLY C 344 9.01 19.86 10.53
C GLY C 344 8.39 18.49 10.31
N THR C 345 7.95 18.23 9.08
CA THR C 345 7.34 16.96 8.75
C THR C 345 8.41 15.91 8.49
N SER C 346 8.14 14.70 8.97
CA SER C 346 9.06 13.59 8.80
C SER C 346 8.26 12.31 8.72
N MET C 347 8.69 11.36 7.91
CA MET C 347 7.98 10.10 7.86
C MET C 347 8.90 8.90 7.77
N ILE C 348 8.40 7.79 8.31
CA ILE C 348 9.12 6.54 8.28
C ILE C 348 8.29 5.59 7.41
N THR C 349 8.97 4.88 6.52
CA THR C 349 8.30 3.92 5.67
C THR C 349 8.97 2.58 5.95
N GLU C 350 8.14 1.57 6.16
CA GLU C 350 8.63 0.25 6.47
C GLU C 350 8.53 -0.61 5.21
N THR C 351 9.63 -1.26 4.83
CA THR C 351 9.64 -2.15 3.66
C THR C 351 9.92 -3.60 4.09
N VAL C 352 10.38 -3.80 5.33
CA VAL C 352 10.70 -5.13 5.85
C VAL C 352 9.53 -5.72 6.65
N PHE C 353 9.32 -5.21 7.87
CA PHE C 353 8.23 -5.67 8.73
C PHE C 353 7.05 -4.73 8.67
N GLU C 354 6.32 -4.75 7.57
CA GLU C 354 5.15 -3.90 7.42
C GLU C 354 4.17 -4.26 8.53
N ASN C 355 3.36 -3.29 8.94
CA ASN C 355 2.37 -3.46 10.00
C ASN C 355 2.95 -3.27 11.41
N ARG C 356 4.25 -3.05 11.51
CA ARG C 356 4.86 -2.80 12.83
C ARG C 356 4.56 -1.35 13.23
N PHE C 357 3.28 -1.11 13.55
CA PHE C 357 2.84 0.20 13.98
C PHE C 357 1.74 0.11 15.03
N MET C 358 1.75 -0.99 15.79
CA MET C 358 0.75 -1.17 16.83
C MET C 358 1.08 -0.22 17.99
N HIS C 359 2.37 0.14 18.10
CA HIS C 359 2.84 1.05 19.15
C HIS C 359 2.46 2.53 18.91
N VAL C 360 1.99 2.85 17.72
CA VAL C 360 1.62 4.24 17.40
C VAL C 360 0.49 4.76 18.28
N GLU C 361 -0.47 3.91 18.56
CA GLU C 361 -1.60 4.31 19.36
C GLU C 361 -1.14 4.66 20.77
N GLU C 362 -0.07 4.01 21.24
CA GLU C 362 0.47 4.30 22.56
C GLU C 362 1.11 5.71 22.55
N PHE C 363 1.84 6.05 21.48
CA PHE C 363 2.43 7.39 21.37
C PHE C 363 1.37 8.47 21.35
N ARG C 364 0.19 8.12 20.84
CA ARG C 364 -0.92 9.07 20.80
C ARG C 364 -1.46 9.36 22.20
N ARG C 365 -1.28 8.42 23.14
CA ARG C 365 -1.76 8.68 24.50
C ARG C 365 -0.79 9.67 25.14
N MET C 366 0.42 9.72 24.59
CA MET C 366 1.44 10.64 25.05
C MET C 366 1.34 11.97 24.31
N ASN C 367 0.17 12.23 23.71
CA ASN C 367 -0.11 13.48 22.98
C ASN C 367 0.66 13.63 21.66
N ALA C 368 1.21 12.55 21.13
CA ALA C 368 1.96 12.62 19.87
C ALA C 368 1.01 12.79 18.70
N ASP C 369 1.44 13.54 17.68
CA ASP C 369 0.63 13.72 16.49
C ASP C 369 1.24 12.81 15.42
N ILE C 370 0.61 11.66 15.23
CA ILE C 370 1.07 10.68 14.27
C ILE C 370 -0.08 10.20 13.42
N LYS C 371 0.23 9.90 12.16
CA LYS C 371 -0.75 9.42 11.22
C LYS C 371 -0.18 8.17 10.60
N ILE C 372 -0.98 7.13 10.52
CA ILE C 372 -0.55 5.89 9.90
C ILE C 372 -1.28 5.85 8.57
N GLU C 373 -0.55 5.50 7.52
CA GLU C 373 -1.16 5.40 6.21
C GLU C 373 -0.36 4.39 5.41
N GLY C 374 -1.02 3.29 5.05
CA GLY C 374 -0.36 2.23 4.30
C GLY C 374 0.70 1.60 5.17
N ARG C 375 1.95 1.71 4.71
CA ARG C 375 3.12 1.17 5.42
C ARG C 375 4.01 2.30 5.93
N SER C 376 3.42 3.50 6.02
CA SER C 376 4.14 4.66 6.49
C SER C 376 3.47 5.36 7.65
N VAL C 377 4.30 5.99 8.48
CA VAL C 377 3.86 6.77 9.61
C VAL C 377 4.30 8.20 9.34
N ILE C 378 3.37 9.15 9.43
CA ILE C 378 3.66 10.56 9.16
C ILE C 378 3.54 11.41 10.42
N MET C 379 4.66 11.91 10.93
CA MET C 379 4.61 12.79 12.11
C MET C 379 5.15 14.19 11.82
N ASN C 380 4.60 15.18 12.52
CA ASN C 380 5.01 16.57 12.34
C ASN C 380 5.39 17.16 13.70
N GLY C 381 6.69 17.30 13.95
CA GLY C 381 7.19 17.84 15.20
C GLY C 381 7.48 19.33 15.16
N PRO C 382 7.89 19.91 16.31
CA PRO C 382 8.08 19.24 17.60
C PRO C 382 6.79 19.08 18.40
N ASN C 383 6.56 17.89 18.93
CA ASN C 383 5.38 17.62 19.73
C ASN C 383 5.71 17.73 21.21
N SER C 384 4.82 18.34 21.96
CA SER C 384 4.99 18.50 23.40
C SER C 384 4.39 17.26 24.04
N LEU C 385 5.22 16.24 24.22
CA LEU C 385 4.79 14.96 24.76
C LEU C 385 4.44 15.02 26.24
N GLN C 386 3.27 14.47 26.55
CA GLN C 386 2.75 14.42 27.90
C GLN C 386 2.97 13.01 28.42
N GLY C 387 3.41 12.90 29.66
CA GLY C 387 3.64 11.59 30.25
C GLY C 387 2.30 10.88 30.40
N ALA C 388 2.33 9.55 30.34
CA ALA C 388 1.11 8.76 30.47
C ALA C 388 1.46 7.30 30.70
N GLU C 389 0.46 6.53 31.12
CA GLU C 389 0.64 5.10 31.35
C GLU C 389 0.54 4.45 29.98
N VAL C 390 1.58 3.73 29.59
CA VAL C 390 1.59 3.09 28.28
C VAL C 390 2.07 1.65 28.38
N GLY C 391 1.66 0.82 27.44
CA GLY C 391 2.02 -0.59 27.40
C GLY C 391 2.91 -0.88 26.20
N ALA C 392 4.03 -1.55 26.45
CA ALA C 392 4.93 -1.91 25.38
C ALA C 392 4.23 -2.96 24.51
N THR C 393 4.32 -2.76 23.20
CA THR C 393 3.70 -3.67 22.25
C THR C 393 4.67 -4.78 21.92
N ASP C 394 5.93 -4.40 21.75
CA ASP C 394 7.00 -5.33 21.46
C ASP C 394 8.33 -4.79 21.98
N LEU C 395 9.36 -5.63 21.83
CA LEU C 395 10.72 -5.33 22.25
C LEU C 395 11.20 -3.90 21.95
N ARG C 396 11.21 -3.53 20.68
CA ARG C 396 11.70 -2.21 20.28
C ARG C 396 10.71 -1.07 20.62
N ALA C 397 9.42 -1.35 20.58
CA ALA C 397 8.42 -0.32 20.92
C ALA C 397 8.56 0.06 22.37
N ALA C 398 8.88 -0.92 23.23
CA ALA C 398 9.06 -0.68 24.66
C ALA C 398 10.21 0.30 24.89
N ALA C 399 11.31 0.14 24.15
CA ALA C 399 12.45 1.03 24.29
C ALA C 399 12.07 2.44 23.81
N ALA C 400 11.41 2.49 22.67
CA ALA C 400 10.97 3.76 22.08
C ALA C 400 10.07 4.55 23.04
N LEU C 401 9.17 3.86 23.75
CA LEU C 401 8.29 4.51 24.70
C LEU C 401 9.10 5.08 25.86
N ILE C 402 10.15 4.38 26.27
CA ILE C 402 11.01 4.86 27.34
C ILE C 402 11.79 6.06 26.82
N LEU C 403 12.22 5.98 25.57
CA LEU C 403 12.96 7.11 24.99
C LEU C 403 12.06 8.34 24.95
N ALA C 404 10.81 8.18 24.51
CA ALA C 404 9.90 9.31 24.43
C ALA C 404 9.69 9.91 25.81
N GLY C 405 9.69 9.05 26.82
CA GLY C 405 9.51 9.48 28.21
C GLY C 405 10.60 10.42 28.67
N LEU C 406 11.80 10.26 28.13
CA LEU C 406 12.94 11.11 28.49
C LEU C 406 12.68 12.59 28.22
N VAL C 407 11.80 12.89 27.25
CA VAL C 407 11.47 14.28 26.90
C VAL C 407 9.97 14.57 26.96
N SER C 408 9.28 13.99 27.93
CA SER C 408 7.87 14.22 28.06
C SER C 408 7.53 14.75 29.46
N GLU C 409 6.50 15.59 29.51
CA GLU C 409 6.07 16.20 30.75
C GLU C 409 5.48 15.19 31.72
N GLY C 410 5.93 15.26 32.97
CA GLY C 410 5.46 14.37 34.00
C GLY C 410 6.00 12.97 33.85
N TYR C 411 5.38 12.03 34.56
CA TYR C 411 5.80 10.65 34.53
C TYR C 411 5.21 9.84 33.39
N THR C 412 5.99 8.87 32.93
CA THR C 412 5.58 7.97 31.89
C THR C 412 5.75 6.57 32.48
N ARG C 413 4.64 5.85 32.62
CA ARG C 413 4.67 4.50 33.16
C ARG C 413 4.56 3.48 32.05
N VAL C 414 5.69 2.84 31.73
CA VAL C 414 5.75 1.83 30.67
C VAL C 414 5.47 0.44 31.22
N THR C 415 4.41 -0.19 30.74
CA THR C 415 3.97 -1.51 31.19
C THR C 415 4.40 -2.63 30.21
N GLU C 416 4.16 -3.88 30.59
CA GLU C 416 4.49 -5.05 29.77
C GLU C 416 6.00 -5.09 29.49
N LEU C 417 6.77 -5.13 30.56
CA LEU C 417 8.22 -5.15 30.47
C LEU C 417 8.81 -6.47 29.94
N LYS C 418 8.03 -7.54 29.89
CA LYS C 418 8.53 -8.81 29.36
C LYS C 418 9.10 -8.58 27.96
N HIS C 419 8.48 -7.70 27.18
CA HIS C 419 8.97 -7.38 25.86
C HIS C 419 10.36 -6.73 25.94
N LEU C 420 10.54 -5.84 26.90
CA LEU C 420 11.82 -5.16 27.08
C LEU C 420 12.92 -6.15 27.49
N ASP C 421 12.58 -7.07 28.37
CA ASP C 421 13.52 -8.07 28.85
C ASP C 421 14.00 -9.03 27.78
N ARG C 422 13.39 -8.98 26.60
CA ARG C 422 13.80 -9.85 25.50
C ARG C 422 15.05 -9.33 24.78
N GLY C 423 15.21 -8.01 24.73
CA GLY C 423 16.36 -7.43 24.04
C GLY C 423 17.24 -6.44 24.79
N TYR C 424 16.79 -5.97 25.94
CA TYR C 424 17.57 -5.00 26.71
C TYR C 424 17.87 -5.47 28.13
N VAL C 425 19.15 -5.37 28.52
CA VAL C 425 19.60 -5.75 29.85
C VAL C 425 19.78 -4.49 30.71
N ASP C 426 19.19 -4.48 31.90
CA ASP C 426 19.31 -3.34 32.83
C ASP C 426 19.25 -2.01 32.10
N PHE C 427 18.33 -1.91 31.15
CA PHE C 427 18.15 -0.71 30.34
C PHE C 427 17.90 0.53 31.19
N HIS C 428 17.13 0.38 32.25
CA HIS C 428 16.81 1.53 33.12
C HIS C 428 18.01 1.97 33.96
N LYS C 429 18.86 1.03 34.37
CA LYS C 429 20.03 1.34 35.18
C LYS C 429 21.07 2.10 34.35
N LYS C 430 21.23 1.68 33.10
CA LYS C 430 22.18 2.33 32.20
C LYS C 430 21.75 3.77 31.96
N LEU C 431 20.44 3.98 31.75
CA LEU C 431 19.92 5.33 31.53
C LEU C 431 20.07 6.19 32.79
N ALA C 432 19.78 5.61 33.95
CA ALA C 432 19.91 6.34 35.20
C ALA C 432 21.37 6.74 35.41
N ALA C 433 22.29 5.88 35.02
CA ALA C 433 23.72 6.17 35.15
C ALA C 433 24.11 7.33 34.23
N LEU C 434 23.26 7.63 33.24
CA LEU C 434 23.51 8.72 32.30
C LEU C 434 22.76 9.99 32.71
N GLY C 435 22.18 9.98 33.91
CA GLY C 435 21.45 11.15 34.43
C GLY C 435 19.93 11.06 34.39
N ALA C 436 19.41 10.11 33.62
CA ALA C 436 17.96 9.93 33.49
C ALA C 436 17.25 9.80 34.84
N THR C 437 16.01 10.30 34.88
CA THR C 437 15.17 10.18 36.06
C THR C 437 14.33 8.96 35.74
N ILE C 438 14.78 7.81 36.21
CA ILE C 438 14.10 6.58 35.89
C ILE C 438 14.36 5.43 36.85
N GLU C 439 13.37 4.54 36.98
CA GLU C 439 13.50 3.37 37.82
C GLU C 439 12.47 2.30 37.45
N ARG C 440 12.80 1.06 37.78
CA ARG C 440 11.93 -0.06 37.52
C ARG C 440 11.30 -0.35 38.86
N VAL C 441 10.01 -0.05 38.97
CA VAL C 441 9.29 -0.26 40.21
C VAL C 441 8.57 -1.59 40.20
N ASN C 442 8.86 -2.39 41.22
CA ASN C 442 8.25 -3.69 41.41
C ASN C 442 6.92 -3.45 42.11
N GLU C 443 6.01 -2.73 41.43
CA GLU C 443 4.73 -2.38 42.00
C GLU C 443 3.59 -2.47 40.99
N MET D 25 -5.93 -22.51 30.98
CA MET D 25 -6.91 -21.71 30.20
C MET D 25 -7.94 -22.61 29.54
N GLU D 26 -9.10 -22.02 29.23
CA GLU D 26 -10.16 -22.72 28.54
C GLU D 26 -9.85 -22.77 27.05
N LYS D 27 -10.32 -23.82 26.39
CA LYS D 27 -10.10 -24.00 24.96
C LYS D 27 -11.42 -24.37 24.31
N ILE D 28 -11.41 -24.46 22.98
CA ILE D 28 -12.57 -24.91 22.21
C ILE D 28 -12.02 -25.93 21.22
N ILE D 29 -12.33 -27.20 21.46
CA ILE D 29 -11.85 -28.29 20.62
C ILE D 29 -12.87 -28.59 19.53
N VAL D 30 -12.48 -28.37 18.29
CA VAL D 30 -13.35 -28.62 17.17
C VAL D 30 -12.78 -29.73 16.30
N ARG D 31 -13.67 -30.56 15.76
CA ARG D 31 -13.28 -31.63 14.88
C ARG D 31 -14.18 -31.60 13.64
N GLY D 32 -13.56 -31.71 12.46
CA GLY D 32 -14.28 -31.70 11.20
C GLY D 32 -13.94 -32.96 10.44
N GLY D 33 -14.64 -33.24 9.33
CA GLY D 33 -15.70 -32.39 8.83
C GLY D 33 -17.09 -33.02 8.87
N LYS D 34 -17.94 -32.42 9.70
CA LYS D 34 -19.34 -32.81 9.84
C LYS D 34 -20.18 -31.87 9.00
N ARG D 35 -21.31 -32.37 8.50
CA ARG D 35 -22.21 -31.56 7.70
C ARG D 35 -23.21 -30.96 8.69
N LEU D 36 -23.19 -29.63 8.83
CA LEU D 36 -24.05 -28.95 9.78
C LEU D 36 -25.49 -28.76 9.30
N ASN D 37 -26.45 -29.21 10.10
CA ASN D 37 -27.88 -29.11 9.80
C ASN D 37 -28.61 -28.68 11.06
N GLY D 38 -29.61 -27.82 10.92
CA GLY D 38 -30.38 -27.37 12.08
C GLY D 38 -30.82 -25.93 12.10
N THR D 39 -31.32 -25.51 13.27
CA THR D 39 -31.81 -24.17 13.50
C THR D 39 -30.92 -23.47 14.51
N VAL D 40 -30.70 -22.18 14.33
CA VAL D 40 -29.87 -21.38 15.22
C VAL D 40 -30.51 -20.01 15.41
N ARG D 41 -30.43 -19.50 16.64
CA ARG D 41 -30.99 -18.20 16.96
C ARG D 41 -29.85 -17.25 17.35
N VAL D 42 -29.82 -16.09 16.71
CA VAL D 42 -28.80 -15.09 16.97
C VAL D 42 -29.18 -14.20 18.16
N GLU D 43 -28.15 -13.65 18.81
CA GLU D 43 -28.33 -12.77 19.96
C GLU D 43 -28.49 -11.32 19.50
N GLY D 44 -28.67 -10.42 20.45
CA GLY D 44 -28.77 -9.00 20.15
C GLY D 44 -27.42 -8.54 19.64
N ALA D 45 -27.44 -7.61 18.69
CA ALA D 45 -26.24 -7.07 18.05
C ALA D 45 -25.28 -6.40 19.02
N LYS D 46 -24.06 -6.94 19.10
CA LYS D 46 -23.01 -6.36 19.93
C LYS D 46 -22.78 -4.90 19.59
N ASN D 47 -22.47 -4.65 18.33
CA ASN D 47 -22.16 -3.30 17.86
C ASN D 47 -23.27 -2.27 17.89
N ALA D 48 -24.48 -2.71 18.26
CA ALA D 48 -25.59 -1.78 18.40
C ALA D 48 -25.84 -1.57 19.90
N VAL D 49 -25.72 -2.64 20.69
CA VAL D 49 -25.99 -2.52 22.12
C VAL D 49 -25.00 -1.61 22.87
N LEU D 50 -23.72 -1.71 22.57
CA LEU D 50 -22.73 -0.89 23.26
C LEU D 50 -23.02 0.62 23.16
N PRO D 51 -23.11 1.17 21.94
CA PRO D 51 -23.42 2.59 21.82
C PRO D 51 -24.82 2.96 22.38
N ILE D 52 -25.76 2.03 22.35
CA ILE D 52 -27.09 2.29 22.88
C ILE D 52 -27.06 2.40 24.41
N ILE D 53 -26.23 1.56 25.03
CA ILE D 53 -26.08 1.59 26.48
C ILE D 53 -25.39 2.92 26.82
N ALA D 54 -24.43 3.32 25.99
CA ALA D 54 -23.69 4.57 26.18
C ALA D 54 -24.67 5.72 26.12
N ALA D 55 -25.53 5.68 25.10
CA ALA D 55 -26.53 6.73 24.88
C ALA D 55 -27.56 6.82 26.00
N ALA D 56 -27.69 5.75 26.79
CA ALA D 56 -28.66 5.76 27.89
C ALA D 56 -28.34 6.86 28.88
N LEU D 57 -27.07 7.30 28.88
CA LEU D 57 -26.62 8.39 29.75
C LEU D 57 -27.38 9.68 29.47
N LEU D 58 -27.96 9.80 28.28
CA LEU D 58 -28.72 10.99 27.89
C LEU D 58 -30.05 11.14 28.64
N ALA D 59 -30.60 10.01 29.09
CA ALA D 59 -31.86 10.02 29.80
C ALA D 59 -31.68 10.50 31.25
N SER D 60 -32.04 11.75 31.50
CA SER D 60 -31.94 12.35 32.84
C SER D 60 -33.21 12.24 33.66
N ASP D 61 -34.27 11.67 33.08
CA ASP D 61 -35.53 11.50 33.79
C ASP D 61 -36.16 10.19 33.30
N GLY D 62 -36.45 9.29 34.22
CA GLY D 62 -37.01 7.99 33.89
C GLY D 62 -35.88 6.98 33.72
N LYS D 63 -36.24 5.74 33.36
CA LYS D 63 -35.25 4.67 33.19
C LYS D 63 -35.32 4.01 31.84
N ASN D 64 -34.16 3.60 31.33
CA ASN D 64 -34.08 2.88 30.05
C ASN D 64 -34.05 1.39 30.33
N VAL D 65 -34.90 0.67 29.61
CA VAL D 65 -35.00 -0.76 29.73
C VAL D 65 -34.65 -1.30 28.36
N LEU D 66 -33.47 -1.90 28.26
CA LEU D 66 -33.00 -2.45 27.01
C LEU D 66 -33.22 -3.96 27.04
N SER D 67 -33.85 -4.50 25.98
CA SER D 67 -34.12 -5.93 25.86
C SER D 67 -33.28 -6.52 24.75
N GLU D 68 -33.09 -7.84 24.78
CA GLU D 68 -32.26 -8.57 23.81
C GLU D 68 -30.79 -8.20 23.99
N VAL D 69 -30.37 -7.95 25.24
CA VAL D 69 -28.98 -7.60 25.51
C VAL D 69 -28.18 -8.89 25.71
N PRO D 70 -27.16 -9.13 24.86
CA PRO D 70 -26.36 -10.35 24.94
C PRO D 70 -25.37 -10.35 26.10
N VAL D 71 -25.14 -11.53 26.68
CA VAL D 71 -24.22 -11.66 27.81
C VAL D 71 -22.76 -11.65 27.33
N LEU D 72 -22.36 -10.57 26.70
CA LEU D 72 -21.00 -10.42 26.20
C LEU D 72 -20.17 -9.64 27.20
N SER D 73 -18.89 -10.01 27.34
CA SER D 73 -18.00 -9.31 28.28
C SER D 73 -18.00 -7.80 28.08
N ASP D 74 -18.05 -7.34 26.83
CA ASP D 74 -18.07 -5.91 26.56
C ASP D 74 -19.29 -5.23 27.19
N VAL D 75 -20.41 -5.95 27.28
CA VAL D 75 -21.60 -5.38 27.89
C VAL D 75 -21.30 -5.16 29.37
N TYR D 76 -20.78 -6.17 30.05
CA TYR D 76 -20.43 -6.02 31.46
C TYR D 76 -19.50 -4.84 31.68
N THR D 77 -18.49 -4.71 30.83
CA THR D 77 -17.53 -3.63 30.94
C THR D 77 -18.16 -2.24 30.74
N ILE D 78 -18.98 -2.10 29.70
CA ILE D 78 -19.64 -0.81 29.44
C ILE D 78 -20.59 -0.45 30.58
N ASN D 79 -21.21 -1.46 31.19
CA ASN D 79 -22.09 -1.22 32.32
C ASN D 79 -21.29 -0.78 33.54
N GLU D 80 -20.06 -1.27 33.66
CA GLU D 80 -19.25 -0.92 34.82
C GLU D 80 -18.86 0.56 34.61
N VAL D 81 -18.63 0.94 33.36
CA VAL D 81 -18.29 2.32 33.04
C VAL D 81 -19.42 3.26 33.41
N LEU D 82 -20.67 2.88 33.14
CA LEU D 82 -21.81 3.74 33.50
C LEU D 82 -21.95 3.89 35.02
N ARG D 83 -21.70 2.82 35.76
CA ARG D 83 -21.82 2.87 37.21
C ARG D 83 -20.74 3.81 37.76
N HIS D 84 -19.54 3.71 37.20
CA HIS D 84 -18.44 4.57 37.63
C HIS D 84 -18.81 6.04 37.40
N LEU D 85 -19.62 6.30 36.38
CA LEU D 85 -20.08 7.65 36.05
C LEU D 85 -21.32 8.11 36.84
N ASN D 86 -21.80 7.27 37.77
CA ASN D 86 -22.97 7.58 38.65
C ASN D 86 -24.33 7.02 38.22
N ALA D 87 -24.37 6.26 37.15
CA ALA D 87 -25.64 5.69 36.71
C ALA D 87 -25.87 4.35 37.40
N GLU D 88 -27.12 3.97 37.63
CA GLU D 88 -27.41 2.67 38.23
C GLU D 88 -27.77 1.76 37.06
N VAL D 89 -27.09 0.62 36.98
CA VAL D 89 -27.30 -0.32 35.88
C VAL D 89 -27.50 -1.74 36.39
N VAL D 90 -28.66 -2.33 36.11
CA VAL D 90 -28.96 -3.71 36.50
C VAL D 90 -29.05 -4.55 35.23
N PHE D 91 -28.41 -5.71 35.24
CA PHE D 91 -28.40 -6.59 34.08
C PHE D 91 -28.74 -8.03 34.44
N GLU D 92 -29.92 -8.48 34.00
CA GLU D 92 -30.42 -9.83 34.24
C GLU D 92 -31.42 -10.26 33.17
N ASN D 93 -31.46 -11.55 32.86
CA ASN D 93 -32.39 -12.11 31.86
C ASN D 93 -32.36 -11.33 30.56
N ASN D 94 -31.16 -11.14 30.00
CA ASN D 94 -30.99 -10.41 28.73
C ASN D 94 -31.60 -9.02 28.70
N GLN D 95 -31.72 -8.40 29.88
N GLN D 95 -31.76 -8.40 29.87
CA GLN D 95 -32.33 -7.07 29.98
CA GLN D 95 -32.32 -7.04 29.95
C GLN D 95 -31.50 -6.15 30.87
C GLN D 95 -31.48 -6.15 30.85
N VAL D 96 -31.18 -4.97 30.34
CA VAL D 96 -30.40 -3.97 31.07
C VAL D 96 -31.31 -2.81 31.42
N THR D 97 -31.36 -2.49 32.71
CA THR D 97 -32.17 -1.37 33.20
C THR D 97 -31.21 -0.31 33.72
N ILE D 98 -31.21 0.84 33.04
CA ILE D 98 -30.32 1.95 33.37
C ILE D 98 -31.07 3.17 33.91
N ASP D 99 -30.50 3.77 34.95
CA ASP D 99 -31.05 4.97 35.59
C ASP D 99 -29.93 6.02 35.64
N ALA D 100 -30.06 7.05 34.80
CA ALA D 100 -29.06 8.12 34.72
C ALA D 100 -29.58 9.46 35.24
N SER D 101 -30.54 9.41 36.18
CA SER D 101 -31.14 10.63 36.72
C SER D 101 -30.20 11.46 37.60
N LYS D 102 -29.18 10.84 38.17
CA LYS D 102 -28.21 11.56 39.00
C LYS D 102 -27.32 12.42 38.14
N GLU D 103 -26.54 13.29 38.79
CA GLU D 103 -25.60 14.13 38.08
C GLU D 103 -24.46 13.17 37.74
N LEU D 104 -24.02 13.21 36.49
CA LEU D 104 -22.98 12.29 36.03
C LEU D 104 -21.56 12.80 36.29
N ASN D 105 -20.63 11.87 36.49
CA ASN D 105 -19.22 12.23 36.68
C ASN D 105 -18.70 12.49 35.27
N ILE D 106 -17.49 13.03 35.14
CA ILE D 106 -17.00 13.36 33.80
C ILE D 106 -15.81 12.52 33.33
N GLU D 107 -15.31 11.63 34.17
CA GLU D 107 -14.12 10.88 33.78
C GLU D 107 -14.31 9.38 33.54
N ALA D 108 -13.79 8.94 32.39
CA ALA D 108 -13.81 7.54 32.00
C ALA D 108 -12.32 7.13 32.02
N PRO D 109 -11.90 6.45 33.11
CA PRO D 109 -10.48 6.05 33.26
C PRO D 109 -9.94 5.07 32.23
N PHE D 110 -8.62 4.98 32.16
CA PHE D 110 -7.95 4.09 31.22
C PHE D 110 -8.25 2.63 31.58
N GLU D 111 -8.46 2.37 32.88
CA GLU D 111 -8.78 1.04 33.36
C GLU D 111 -9.75 0.32 32.41
N TYR D 112 -10.82 1.02 32.05
CA TYR D 112 -11.86 0.48 31.19
C TYR D 112 -11.58 0.63 29.70
N VAL D 113 -10.99 1.77 29.31
CA VAL D 113 -10.71 2.03 27.89
C VAL D 113 -9.70 1.08 27.26
N ARG D 114 -8.68 0.63 28.00
CA ARG D 114 -7.68 -0.28 27.41
C ARG D 114 -8.27 -1.64 27.08
N LYS D 115 -9.18 -2.14 27.93
CA LYS D 115 -9.78 -3.45 27.68
C LYS D 115 -10.90 -3.38 26.65
N MET D 116 -11.52 -2.21 26.54
CA MET D 116 -12.59 -2.02 25.58
C MET D 116 -12.59 -0.57 25.09
N ARG D 117 -12.06 -0.35 23.88
CA ARG D 117 -12.00 1.00 23.32
C ARG D 117 -13.39 1.61 23.12
N ALA D 118 -14.40 0.77 22.98
CA ALA D 118 -15.79 1.24 22.82
C ALA D 118 -16.24 2.12 24.00
N SER D 119 -15.44 2.17 25.07
CA SER D 119 -15.77 2.99 26.25
C SER D 119 -15.80 4.47 25.89
N VAL D 120 -15.10 4.85 24.83
CA VAL D 120 -15.05 6.24 24.39
C VAL D 120 -16.41 6.72 23.85
N GLN D 121 -17.33 5.78 23.60
CA GLN D 121 -18.65 6.16 23.08
C GLN D 121 -19.52 6.90 24.12
N VAL D 122 -19.03 7.03 25.36
CA VAL D 122 -19.77 7.77 26.38
C VAL D 122 -19.37 9.26 26.39
N MET D 123 -18.41 9.63 25.54
CA MET D 123 -17.95 11.00 25.48
C MET D 123 -19.01 11.92 24.92
N GLY D 124 -19.71 11.49 23.88
CA GLY D 124 -20.77 12.32 23.28
C GLY D 124 -21.87 12.59 24.31
N PRO D 125 -22.39 11.52 24.93
CA PRO D 125 -23.42 11.61 25.95
C PRO D 125 -23.03 12.47 27.16
N LEU D 126 -21.83 12.26 27.70
CA LEU D 126 -21.39 13.04 28.85
C LEU D 126 -21.24 14.52 28.48
N LEU D 127 -20.84 14.77 27.24
CA LEU D 127 -20.61 16.12 26.78
C LEU D 127 -21.95 16.84 26.58
N ALA D 128 -22.98 16.10 26.16
CA ALA D 128 -24.31 16.68 25.99
C ALA D 128 -24.99 16.94 27.34
N ARG D 129 -24.62 16.18 28.37
CA ARG D 129 -25.24 16.35 29.70
C ARG D 129 -24.51 17.22 30.69
N ASN D 130 -23.18 17.22 30.64
CA ASN D 130 -22.40 18.03 31.55
C ASN D 130 -21.62 19.14 30.84
N GLY D 131 -21.56 19.06 29.52
CA GLY D 131 -20.81 20.05 28.74
C GLY D 131 -19.33 19.85 29.00
N ARG D 132 -18.98 18.65 29.43
CA ARG D 132 -17.60 18.37 29.77
C ARG D 132 -17.37 16.87 29.85
N ALA D 133 -16.27 16.39 29.27
CA ALA D 133 -15.95 14.96 29.29
C ALA D 133 -14.45 14.74 29.29
N ARG D 134 -13.98 13.82 30.14
CA ARG D 134 -12.56 13.50 30.25
C ARG D 134 -12.43 12.00 29.96
N ILE D 135 -12.09 11.67 28.74
CA ILE D 135 -11.98 10.27 28.33
C ILE D 135 -10.53 9.85 28.14
N ALA D 136 -10.19 8.66 28.62
CA ALA D 136 -8.84 8.13 28.48
C ALA D 136 -8.65 7.77 27.01
N LEU D 137 -7.50 8.14 26.45
CA LEU D 137 -7.22 7.82 25.06
C LEU D 137 -6.82 6.35 24.90
N PRO D 138 -7.18 5.75 23.77
CA PRO D 138 -6.81 4.36 23.49
C PRO D 138 -5.41 4.34 22.89
N GLY D 139 -4.73 3.19 22.87
CA GLY D 139 -5.25 1.94 23.38
C GLY D 139 -4.37 0.78 22.94
N GLY D 140 -3.99 0.77 21.66
CA GLY D 140 -3.15 -0.28 21.09
C GLY D 140 -3.98 -1.49 20.72
N CYS D 141 -4.73 -1.37 19.64
CA CYS D 141 -5.61 -2.43 19.17
C CYS D 141 -4.88 -3.50 18.34
N ALA D 142 -5.46 -4.70 18.28
CA ALA D 142 -4.88 -5.84 17.55
C ALA D 142 -5.31 -5.89 16.08
N ILE D 143 -6.57 -5.55 15.82
CA ILE D 143 -7.12 -5.56 14.46
C ILE D 143 -6.87 -4.25 13.69
N GLY D 144 -5.81 -3.52 14.05
CA GLY D 144 -5.50 -2.24 13.40
C GLY D 144 -5.61 -1.13 14.44
N SER D 145 -6.37 -0.08 14.13
CA SER D 145 -6.54 1.05 15.07
C SER D 145 -7.59 2.07 14.66
N ARG D 146 -8.51 2.40 15.57
CA ARG D 146 -9.51 3.44 15.32
C ARG D 146 -9.04 4.75 15.94
N PRO D 147 -8.68 5.74 15.10
CA PRO D 147 -8.27 7.02 15.69
C PRO D 147 -9.52 7.83 15.97
N ILE D 148 -9.61 8.44 17.15
CA ILE D 148 -10.80 9.22 17.48
C ILE D 148 -10.75 10.66 16.95
N ASP D 149 -9.87 10.93 16.00
CA ASP D 149 -9.75 12.25 15.42
C ASP D 149 -11.10 12.78 14.90
N GLN D 150 -11.83 11.91 14.20
CA GLN D 150 -13.15 12.29 13.64
C GLN D 150 -14.19 12.60 14.72
N HIS D 151 -14.04 11.98 15.89
CA HIS D 151 -14.95 12.21 17.01
C HIS D 151 -14.78 13.65 17.49
N LEU D 152 -13.54 14.01 17.76
CA LEU D 152 -13.18 15.34 18.26
C LEU D 152 -13.55 16.39 17.23
N LYS D 153 -13.19 16.11 15.98
CA LYS D 153 -13.49 17.00 14.87
C LYS D 153 -14.93 17.48 15.00
N GLY D 154 -15.83 16.54 15.25
CA GLY D 154 -17.25 16.84 15.42
C GLY D 154 -17.55 17.62 16.67
N PHE D 155 -17.04 17.16 17.81
CA PHE D 155 -17.29 17.85 19.07
C PHE D 155 -16.75 19.27 19.05
N GLU D 156 -15.56 19.48 18.49
CA GLU D 156 -15.04 20.84 18.47
C GLU D 156 -15.88 21.72 17.52
N ALA D 157 -16.52 21.12 16.52
CA ALA D 157 -17.40 21.87 15.62
C ALA D 157 -18.63 22.32 16.41
N MET D 158 -19.03 21.52 17.39
CA MET D 158 -20.18 21.85 18.23
C MET D 158 -19.82 22.86 19.34
N GLY D 159 -18.56 23.31 19.38
CA GLY D 159 -18.12 24.33 20.35
C GLY D 159 -17.24 23.91 21.52
N ALA D 160 -16.69 22.71 21.47
CA ALA D 160 -15.83 22.24 22.56
C ALA D 160 -14.35 22.45 22.29
N LYS D 161 -13.60 22.74 23.35
CA LYS D 161 -12.15 22.86 23.28
C LYS D 161 -11.60 21.53 23.76
N VAL D 162 -10.49 21.11 23.17
CA VAL D 162 -9.89 19.82 23.53
C VAL D 162 -8.41 19.95 23.89
N GLN D 163 -7.99 19.18 24.90
CA GLN D 163 -6.60 19.14 25.36
C GLN D 163 -6.27 17.75 25.90
N VAL D 164 -5.07 17.27 25.58
CA VAL D 164 -4.62 15.97 26.04
C VAL D 164 -3.76 16.15 27.30
N GLY D 165 -4.16 15.49 28.39
CA GLY D 165 -3.46 15.65 29.67
C GLY D 165 -2.47 14.60 30.14
N ASN D 166 -3.00 13.54 30.74
CA ASN D 166 -2.17 12.45 31.26
C ASN D 166 -2.77 11.15 30.75
N GLY D 167 -2.80 11.03 29.43
CA GLY D 167 -3.39 9.85 28.79
C GLY D 167 -4.88 10.07 28.56
N PHE D 168 -5.35 11.29 28.85
CA PHE D 168 -6.75 11.64 28.68
C PHE D 168 -6.94 12.72 27.65
N VAL D 169 -8.16 12.78 27.13
CA VAL D 169 -8.56 13.81 26.20
C VAL D 169 -9.68 14.51 26.94
N GLU D 170 -9.42 15.73 27.38
CA GLU D 170 -10.42 16.50 28.11
C GLU D 170 -11.11 17.50 27.18
N ALA D 171 -12.44 17.43 27.14
CA ALA D 171 -13.23 18.30 26.27
C ALA D 171 -14.36 18.99 27.03
N TYR D 172 -14.39 20.33 26.95
CA TYR D 172 -15.43 21.10 27.61
C TYR D 172 -16.00 22.07 26.59
N VAL D 173 -17.28 22.41 26.74
CA VAL D 173 -17.94 23.36 25.86
C VAL D 173 -18.69 24.37 26.70
N GLU D 174 -18.55 25.65 26.37
CA GLU D 174 -19.23 26.71 27.09
C GLU D 174 -20.58 27.01 26.48
N GLY D 175 -21.60 27.15 27.33
CA GLY D 175 -22.95 27.45 26.90
C GLY D 175 -23.68 26.30 26.24
N GLU D 176 -23.19 25.08 26.49
CA GLU D 176 -23.76 23.85 25.92
C GLU D 176 -23.41 23.64 24.46
N LEU D 177 -23.50 22.38 24.03
CA LEU D 177 -23.22 22.02 22.65
C LEU D 177 -24.15 22.75 21.70
N LYS D 178 -23.59 23.21 20.58
CA LYS D 178 -24.36 23.89 19.56
C LYS D 178 -24.54 22.92 18.43
N GLY D 179 -25.64 23.03 17.72
CA GLY D 179 -25.85 22.18 16.55
C GLY D 179 -24.86 22.72 15.54
N ALA D 180 -24.27 21.85 14.73
CA ALA D 180 -23.29 22.31 13.73
C ALA D 180 -23.29 21.48 12.46
N LYS D 181 -22.72 22.07 11.41
CA LYS D 181 -22.60 21.41 10.12
C LYS D 181 -21.29 20.63 10.21
N ILE D 182 -21.40 19.30 10.27
CA ILE D 182 -20.24 18.44 10.41
C ILE D 182 -20.10 17.50 9.21
N TYR D 183 -18.89 17.41 8.68
CA TYR D 183 -18.57 16.55 7.55
C TYR D 183 -17.45 15.63 7.94
N LEU D 184 -17.73 14.33 7.96
CA LEU D 184 -16.72 13.34 8.31
C LEU D 184 -15.88 12.99 7.09
N ASP D 185 -14.56 12.96 7.28
CA ASP D 185 -13.63 12.59 6.23
C ASP D 185 -13.88 11.15 5.79
N PHE D 186 -14.22 10.29 6.74
N PHE D 186 -14.24 10.32 6.77
CA PHE D 186 -14.56 8.90 6.44
CA PHE D 186 -14.51 8.90 6.57
C PHE D 186 -15.74 8.52 7.33
C PHE D 186 -15.78 8.54 7.35
N PRO D 187 -16.63 7.64 6.83
CA PRO D 187 -17.83 7.24 7.57
C PRO D 187 -17.57 6.37 8.79
N SER D 188 -16.91 6.95 9.78
CA SER D 188 -16.58 6.27 11.02
C SER D 188 -17.83 5.87 11.78
N VAL D 189 -17.94 4.60 12.12
CA VAL D 189 -19.09 4.12 12.87
C VAL D 189 -19.11 4.75 14.26
N GLY D 190 -17.96 4.74 14.93
CA GLY D 190 -17.84 5.32 16.26
C GLY D 190 -18.14 6.80 16.29
N ALA D 191 -17.45 7.56 15.46
CA ALA D 191 -17.67 9.02 15.39
C ALA D 191 -19.15 9.33 15.15
N THR D 192 -19.76 8.62 14.21
CA THR D 192 -21.18 8.81 13.88
C THR D 192 -22.05 8.56 15.10
N GLU D 193 -21.68 7.55 15.89
CA GLU D 193 -22.43 7.23 17.11
C GLU D 193 -22.25 8.35 18.13
N ASN D 194 -21.01 8.77 18.35
CA ASN D 194 -20.75 9.88 19.29
C ASN D 194 -21.39 11.21 18.90
N ILE D 195 -21.13 11.68 17.69
CA ILE D 195 -21.71 12.94 17.24
C ILE D 195 -23.24 12.93 17.29
N MET D 196 -23.84 11.89 16.70
CA MET D 196 -25.30 11.77 16.67
C MET D 196 -25.88 11.78 18.08
N SER D 197 -25.27 11.02 18.99
CA SER D 197 -25.75 10.94 20.36
C SER D 197 -25.68 12.30 21.04
N ALA D 198 -24.52 12.94 20.96
CA ALA D 198 -24.33 14.24 21.60
C ALA D 198 -25.29 15.31 21.06
N ALA D 199 -25.48 15.34 19.75
CA ALA D 199 -26.36 16.32 19.11
C ALA D 199 -27.78 16.33 19.64
N THR D 200 -28.23 15.22 20.20
CA THR D 200 -29.61 15.11 20.71
C THR D 200 -29.99 16.18 21.74
N LEU D 201 -29.02 16.61 22.55
CA LEU D 201 -29.25 17.65 23.55
C LEU D 201 -28.57 18.99 23.22
N ALA D 202 -28.04 19.12 22.00
CA ALA D 202 -27.38 20.35 21.61
C ALA D 202 -28.42 21.43 21.31
N LYS D 203 -27.97 22.67 21.18
CA LYS D 203 -28.87 23.76 20.86
C LYS D 203 -28.83 23.93 19.34
N GLY D 204 -29.97 23.68 18.70
CA GLY D 204 -30.07 23.79 17.25
C GLY D 204 -30.00 22.46 16.53
N THR D 205 -29.84 22.54 15.21
CA THR D 205 -29.79 21.36 14.35
C THR D 205 -28.36 21.00 13.95
N THR D 206 -28.07 19.71 13.92
CA THR D 206 -26.75 19.21 13.52
C THR D 206 -26.90 18.47 12.21
N ILE D 207 -26.07 18.83 11.22
CA ILE D 207 -26.07 18.19 9.92
C ILE D 207 -24.78 17.36 9.82
N LEU D 208 -24.90 16.04 9.99
CA LEU D 208 -23.73 15.17 9.93
C LEU D 208 -23.68 14.50 8.56
N GLU D 209 -22.85 15.04 7.68
CA GLU D 209 -22.71 14.51 6.31
C GLU D 209 -21.62 13.45 6.22
N ASN D 210 -21.81 12.53 5.28
CA ASN D 210 -20.91 11.39 5.07
C ASN D 210 -20.90 10.51 6.33
N ALA D 211 -22.09 10.35 6.93
CA ALA D 211 -22.25 9.55 8.12
C ALA D 211 -22.15 8.06 7.81
N ALA D 212 -21.92 7.26 8.86
CA ALA D 212 -21.87 5.81 8.71
C ALA D 212 -23.32 5.39 8.52
N LYS D 213 -23.55 4.44 7.63
CA LYS D 213 -24.90 3.99 7.29
C LYS D 213 -25.23 2.58 7.77
N GLU D 214 -24.40 2.02 8.66
CA GLU D 214 -24.64 0.66 9.18
C GLU D 214 -25.99 0.51 9.91
N PRO D 215 -26.57 -0.70 9.90
CA PRO D 215 -27.85 -0.97 10.59
C PRO D 215 -27.79 -0.68 12.09
N GLU D 216 -26.58 -0.70 12.65
CA GLU D 216 -26.41 -0.44 14.07
C GLU D 216 -26.63 1.05 14.37
N ILE D 217 -26.25 1.93 13.44
CA ILE D 217 -26.43 3.33 13.71
C ILE D 217 -27.94 3.67 13.59
N VAL D 218 -28.64 2.93 12.72
CA VAL D 218 -30.08 3.13 12.54
C VAL D 218 -30.82 2.69 13.80
N ASP D 219 -30.35 1.60 14.41
CA ASP D 219 -30.95 1.10 15.65
C ASP D 219 -30.73 2.13 16.75
N LEU D 220 -29.54 2.73 16.76
CA LEU D 220 -29.20 3.76 17.76
C LEU D 220 -30.10 4.98 17.58
N ALA D 221 -30.40 5.33 16.33
CA ALA D 221 -31.26 6.47 16.06
C ALA D 221 -32.65 6.18 16.58
N ASN D 222 -33.15 4.97 16.31
CA ASN D 222 -34.47 4.59 16.80
C ASN D 222 -34.52 4.66 18.32
N PHE D 223 -33.40 4.35 18.96
CA PHE D 223 -33.30 4.42 20.42
C PHE D 223 -33.32 5.88 20.88
N LEU D 224 -32.50 6.72 20.25
CA LEU D 224 -32.44 8.15 20.56
C LEU D 224 -33.83 8.80 20.40
N ASN D 225 -34.57 8.39 19.36
CA ASN D 225 -35.92 8.92 19.14
C ASN D 225 -36.89 8.36 20.17
N ALA D 226 -36.65 7.14 20.64
CA ALA D 226 -37.50 6.52 21.64
C ALA D 226 -37.40 7.29 22.98
N MET D 227 -36.26 7.95 23.20
CA MET D 227 -36.04 8.75 24.40
C MET D 227 -36.58 10.16 24.25
N GLY D 228 -37.13 10.48 23.08
CA GLY D 228 -37.69 11.81 22.84
C GLY D 228 -36.81 12.72 22.01
N ALA D 229 -35.85 12.14 21.29
CA ALA D 229 -34.96 12.93 20.45
C ALA D 229 -35.59 13.09 19.07
N LYS D 230 -34.94 13.87 18.21
CA LYS D 230 -35.43 14.10 16.86
C LYS D 230 -34.28 13.89 15.86
N VAL D 231 -33.99 12.63 15.61
CA VAL D 231 -32.93 12.21 14.70
C VAL D 231 -33.57 11.77 13.38
N ARG D 232 -33.11 12.34 12.27
CA ARG D 232 -33.65 12.01 10.94
C ARG D 232 -32.54 11.68 9.97
N GLY D 233 -32.84 10.79 9.03
CA GLY D 233 -31.86 10.39 8.01
C GLY D 233 -30.94 9.24 8.38
N ALA D 234 -31.16 8.65 9.56
CA ALA D 234 -30.31 7.56 10.01
C ALA D 234 -30.36 6.44 8.98
N GLY D 235 -29.21 5.91 8.61
CA GLY D 235 -29.13 4.85 7.61
C GLY D 235 -28.76 5.42 6.25
N THR D 236 -28.72 6.75 6.15
CA THR D 236 -28.33 7.42 4.93
C THR D 236 -27.07 8.21 5.26
N GLY D 237 -26.46 8.81 4.24
CA GLY D 237 -25.23 9.58 4.42
C GLY D 237 -25.38 10.92 5.11
N THR D 238 -26.61 11.37 5.29
CA THR D 238 -26.87 12.65 5.91
C THR D 238 -27.82 12.51 7.08
N ILE D 239 -27.33 12.84 8.27
CA ILE D 239 -28.12 12.75 9.48
C ILE D 239 -28.39 14.14 10.04
N ARG D 240 -29.67 14.39 10.32
CA ARG D 240 -30.13 15.65 10.85
C ARG D 240 -30.61 15.41 12.27
N ILE D 241 -30.09 16.18 13.20
CA ILE D 241 -30.50 16.06 14.58
C ILE D 241 -30.90 17.42 15.13
N GLU D 242 -32.19 17.62 15.41
CA GLU D 242 -32.59 18.88 16.04
C GLU D 242 -32.65 18.63 17.55
N GLY D 243 -31.91 19.45 18.29
CA GLY D 243 -31.82 19.31 19.72
C GLY D 243 -33.08 19.55 20.50
N VAL D 244 -33.22 18.78 21.57
CA VAL D 244 -34.34 18.87 22.48
C VAL D 244 -33.77 19.26 23.84
N ASP D 245 -34.64 19.71 24.74
CA ASP D 245 -34.21 20.13 26.08
C ASP D 245 -33.78 18.99 26.98
N LYS D 246 -34.45 17.85 26.88
CA LYS D 246 -34.09 16.67 27.67
C LYS D 246 -34.61 15.39 27.06
N LEU D 247 -33.99 14.28 27.44
CA LEU D 247 -34.37 12.95 26.97
C LEU D 247 -34.85 12.12 28.14
N TYR D 248 -35.76 11.20 27.86
CA TYR D 248 -36.34 10.35 28.90
C TYR D 248 -36.05 8.88 28.65
N GLY D 249 -36.17 8.08 29.71
CA GLY D 249 -35.95 6.65 29.60
C GLY D 249 -37.01 6.01 28.72
N ALA D 250 -36.64 4.97 27.99
CA ALA D 250 -37.57 4.29 27.11
C ALA D 250 -37.32 2.79 27.02
N ASN D 251 -38.24 2.11 26.35
CA ASN D 251 -38.15 0.67 26.12
C ASN D 251 -37.61 0.47 24.72
N HIS D 252 -36.63 -0.41 24.59
CA HIS D 252 -36.04 -0.66 23.28
C HIS D 252 -35.39 -2.03 23.22
N SER D 253 -35.70 -2.78 22.17
CA SER D 253 -35.16 -4.10 21.94
C SER D 253 -34.02 -3.97 20.93
N ILE D 254 -32.87 -4.55 21.23
CA ILE D 254 -31.71 -4.47 20.33
C ILE D 254 -31.95 -5.34 19.08
N ILE D 255 -31.53 -4.86 17.92
CA ILE D 255 -31.68 -5.63 16.68
C ILE D 255 -30.80 -6.87 16.70
N PRO D 256 -31.16 -7.89 15.91
CA PRO D 256 -30.36 -9.12 15.86
C PRO D 256 -28.93 -8.85 15.41
N ASP D 257 -27.99 -9.67 15.89
CA ASP D 257 -26.58 -9.50 15.55
C ASP D 257 -26.27 -10.04 14.14
N ARG D 258 -26.17 -9.13 13.17
CA ARG D 258 -25.91 -9.52 11.78
C ARG D 258 -24.56 -10.20 11.53
N ILE D 259 -23.57 -9.91 12.37
CA ILE D 259 -22.26 -10.53 12.20
C ILE D 259 -22.31 -11.97 12.69
N GLU D 260 -23.01 -12.21 13.81
CA GLU D 260 -23.14 -13.56 14.31
C GLU D 260 -23.93 -14.35 13.26
N ALA D 261 -24.97 -13.73 12.73
CA ALA D 261 -25.79 -14.36 11.70
C ALA D 261 -24.90 -14.69 10.51
N GLY D 262 -23.99 -13.77 10.17
CA GLY D 262 -23.08 -13.97 9.06
C GLY D 262 -22.12 -15.09 9.34
N THR D 263 -21.66 -15.16 10.59
CA THR D 263 -20.73 -16.20 11.02
C THR D 263 -21.36 -17.58 10.84
N PHE D 264 -22.62 -17.72 11.21
CA PHE D 264 -23.30 -19.00 11.05
C PHE D 264 -23.56 -19.34 9.57
N MET D 265 -23.75 -18.31 8.74
CA MET D 265 -23.95 -18.54 7.32
C MET D 265 -22.69 -19.21 6.77
N VAL D 266 -21.53 -18.75 7.23
CA VAL D 266 -20.26 -19.32 6.81
C VAL D 266 -20.12 -20.76 7.28
N ALA D 267 -20.56 -21.04 8.50
CA ALA D 267 -20.52 -22.40 9.06
C ALA D 267 -21.29 -23.36 8.16
N ALA D 268 -22.50 -22.95 7.77
CA ALA D 268 -23.34 -23.75 6.89
C ALA D 268 -22.69 -23.86 5.51
N ALA D 269 -22.16 -22.75 5.04
CA ALA D 269 -21.53 -22.73 3.74
C ALA D 269 -20.26 -23.60 3.68
N ILE D 270 -19.38 -23.40 4.65
CA ILE D 270 -18.10 -24.11 4.69
C ILE D 270 -18.22 -25.62 4.89
N THR D 271 -19.30 -26.05 5.54
CA THR D 271 -19.52 -27.47 5.80
C THR D 271 -20.45 -28.10 4.77
N GLY D 272 -21.03 -27.27 3.90
CA GLY D 272 -21.96 -27.75 2.89
C GLY D 272 -23.26 -28.22 3.54
N GLY D 273 -23.71 -27.50 4.56
CA GLY D 273 -24.91 -27.88 5.29
C GLY D 273 -26.14 -27.03 5.06
N ASP D 274 -27.19 -27.34 5.82
CA ASP D 274 -28.47 -26.65 5.74
C ASP D 274 -28.80 -26.07 7.11
N ILE D 275 -28.59 -24.76 7.26
CA ILE D 275 -28.85 -24.06 8.53
C ILE D 275 -29.96 -23.03 8.43
N LEU D 276 -30.77 -22.94 9.48
CA LEU D 276 -31.83 -21.94 9.53
C LEU D 276 -31.53 -20.94 10.65
N ILE D 277 -31.18 -19.72 10.26
CA ILE D 277 -30.91 -18.64 11.22
C ILE D 277 -32.27 -17.97 11.33
N GLU D 278 -33.09 -18.48 12.25
CA GLU D 278 -34.49 -18.04 12.40
C GLU D 278 -34.75 -16.56 12.63
N ASN D 279 -33.86 -15.86 13.31
CA ASN D 279 -34.05 -14.43 13.57
C ASN D 279 -33.16 -13.51 12.75
N ALA D 280 -32.52 -14.05 11.72
CA ALA D 280 -31.65 -13.24 10.87
C ALA D 280 -32.49 -12.22 10.11
N VAL D 281 -31.94 -11.02 9.92
CA VAL D 281 -32.65 -9.96 9.20
C VAL D 281 -32.02 -9.80 7.80
N PRO D 282 -32.70 -10.32 6.76
CA PRO D 282 -32.17 -10.26 5.39
C PRO D 282 -31.74 -8.88 4.94
N GLU D 283 -32.47 -7.85 5.39
CA GLU D 283 -32.16 -6.47 5.03
C GLU D 283 -30.76 -6.05 5.50
N HIS D 284 -30.28 -6.66 6.59
CA HIS D 284 -28.96 -6.32 7.12
C HIS D 284 -27.83 -7.24 6.64
N LEU D 285 -28.16 -8.37 6.02
CA LEU D 285 -27.16 -9.34 5.55
C LEU D 285 -27.07 -9.34 4.04
N ARG D 286 -27.47 -8.24 3.43
CA ARG D 286 -27.54 -8.15 1.98
C ARG D 286 -26.20 -8.33 1.22
N SER D 287 -25.13 -7.73 1.73
CA SER D 287 -23.81 -7.85 1.10
C SER D 287 -23.20 -9.23 1.30
N ILE D 288 -23.41 -9.81 2.48
CA ILE D 288 -22.89 -11.14 2.80
C ILE D 288 -23.60 -12.15 1.93
N THR D 289 -24.91 -11.98 1.83
CA THR D 289 -25.76 -12.85 1.03
C THR D 289 -25.34 -12.85 -0.42
N ALA D 290 -25.04 -11.67 -0.96
CA ALA D 290 -24.62 -11.56 -2.36
C ALA D 290 -23.31 -12.30 -2.62
N LYS D 291 -22.30 -12.08 -1.76
CA LYS D 291 -21.01 -12.76 -1.96
C LYS D 291 -21.09 -14.26 -1.88
N MET D 292 -21.82 -14.76 -0.90
CA MET D 292 -21.99 -16.19 -0.77
C MET D 292 -22.74 -16.78 -1.98
N GLU D 293 -23.67 -16.01 -2.56
CA GLU D 293 -24.39 -16.50 -3.75
C GLU D 293 -23.47 -16.57 -4.98
N GLU D 294 -22.46 -15.68 -5.03
CA GLU D 294 -21.49 -15.70 -6.12
C GLU D 294 -20.60 -16.92 -5.92
N MET D 295 -20.46 -17.35 -4.67
CA MET D 295 -19.65 -18.52 -4.34
C MET D 295 -20.40 -19.82 -4.59
N GLY D 296 -21.69 -19.72 -4.91
CA GLY D 296 -22.53 -20.89 -5.18
C GLY D 296 -23.43 -21.29 -4.02
N VAL D 297 -23.36 -20.56 -2.92
CA VAL D 297 -24.17 -20.84 -1.75
C VAL D 297 -25.60 -20.42 -2.02
N LYS D 298 -26.55 -21.17 -1.46
CA LYS D 298 -27.96 -20.91 -1.63
C LYS D 298 -28.44 -20.24 -0.35
N ILE D 299 -29.15 -19.12 -0.49
CA ILE D 299 -29.65 -18.37 0.66
C ILE D 299 -31.13 -18.07 0.45
N ILE D 300 -31.98 -18.91 1.02
CA ILE D 300 -33.41 -18.75 0.89
C ILE D 300 -33.91 -17.84 2.00
N GLU D 301 -34.78 -16.92 1.62
CA GLU D 301 -35.33 -15.96 2.57
C GLU D 301 -36.69 -16.47 3.04
N GLU D 302 -36.68 -17.22 4.14
CA GLU D 302 -37.91 -17.80 4.72
C GLU D 302 -38.80 -16.74 5.34
N ASN D 303 -39.87 -17.18 6.00
CA ASN D 303 -40.79 -16.26 6.66
C ASN D 303 -40.16 -15.75 7.94
N GLU D 304 -39.66 -16.69 8.73
CA GLU D 304 -39.02 -16.35 10.01
C GLU D 304 -37.72 -15.60 9.77
N GLY D 305 -36.75 -16.24 9.12
CA GLY D 305 -35.48 -15.58 8.88
C GLY D 305 -34.81 -15.95 7.57
N VAL D 306 -33.62 -16.55 7.65
CA VAL D 306 -32.88 -16.92 6.47
C VAL D 306 -32.30 -18.34 6.55
N ARG D 307 -32.56 -19.16 5.53
CA ARG D 307 -32.01 -20.51 5.49
C ARG D 307 -30.81 -20.50 4.55
N VAL D 308 -29.79 -21.28 4.90
CA VAL D 308 -28.56 -21.36 4.11
C VAL D 308 -28.15 -22.78 3.74
N ILE D 309 -28.15 -23.08 2.45
CA ILE D 309 -27.73 -24.37 1.96
C ILE D 309 -26.32 -24.21 1.40
N GLY D 310 -25.41 -25.10 1.80
CA GLY D 310 -24.04 -25.06 1.32
C GLY D 310 -23.85 -26.07 0.20
N PRO D 311 -23.06 -25.71 -0.83
CA PRO D 311 -22.84 -26.62 -1.94
C PRO D 311 -21.65 -27.54 -1.69
N ASP D 312 -21.49 -28.56 -2.53
CA ASP D 312 -20.38 -29.50 -2.40
C ASP D 312 -19.05 -28.79 -2.61
N LYS D 313 -18.97 -27.94 -3.64
CA LYS D 313 -17.76 -27.16 -3.90
C LYS D 313 -18.11 -25.68 -4.09
N LEU D 314 -17.26 -24.82 -3.53
CA LEU D 314 -17.46 -23.38 -3.58
C LEU D 314 -16.64 -22.69 -4.67
N LYS D 315 -17.22 -21.63 -5.25
CA LYS D 315 -16.55 -20.85 -6.27
C LYS D 315 -15.75 -19.74 -5.59
N ALA D 316 -14.49 -19.60 -5.96
CA ALA D 316 -13.63 -18.57 -5.41
C ALA D 316 -14.06 -17.21 -5.92
N VAL D 317 -14.11 -16.23 -5.03
CA VAL D 317 -14.48 -14.88 -5.38
C VAL D 317 -13.58 -13.92 -4.63
N ASP D 318 -13.63 -12.65 -5.01
CA ASP D 318 -12.83 -11.62 -4.36
C ASP D 318 -13.75 -10.80 -3.49
N ILE D 319 -13.23 -10.37 -2.35
CA ILE D 319 -13.98 -9.58 -1.40
C ILE D 319 -13.21 -8.30 -1.11
N LYS D 320 -13.93 -7.20 -1.06
CA LYS D 320 -13.33 -5.91 -0.81
C LYS D 320 -14.16 -5.27 0.30
N THR D 321 -13.66 -5.33 1.54
CA THR D 321 -14.39 -4.76 2.67
C THR D 321 -14.48 -3.25 2.58
N MET D 322 -15.64 -2.70 2.94
CA MET D 322 -15.82 -1.24 2.93
C MET D 322 -17.09 -0.82 3.69
N PRO D 323 -17.21 0.47 4.02
CA PRO D 323 -18.38 0.93 4.77
C PRO D 323 -19.72 0.46 4.19
N HIS D 324 -20.67 0.15 5.06
CA HIS D 324 -22.00 -0.29 4.65
C HIS D 324 -22.57 0.68 3.61
N PRO D 325 -23.29 0.15 2.60
CA PRO D 325 -23.68 -1.24 2.34
C PRO D 325 -22.61 -2.16 1.73
N GLY D 326 -21.35 -1.74 1.77
CA GLY D 326 -20.25 -2.55 1.25
C GLY D 326 -20.07 -3.79 2.11
N PHE D 327 -19.10 -4.63 1.77
CA PHE D 327 -18.87 -5.86 2.54
C PHE D 327 -18.25 -5.47 3.89
N PRO D 328 -18.83 -5.95 4.99
CA PRO D 328 -18.39 -5.61 6.34
C PRO D 328 -17.05 -6.17 6.80
N THR D 329 -16.17 -5.28 7.26
CA THR D 329 -14.86 -5.65 7.77
C THR D 329 -14.98 -6.71 8.87
N ASP D 330 -16.03 -6.62 9.67
CA ASP D 330 -16.28 -7.60 10.74
C ASP D 330 -16.45 -9.04 10.28
N MET D 331 -16.69 -9.27 8.99
CA MET D 331 -16.85 -10.63 8.44
C MET D 331 -15.62 -11.11 7.68
N GLN D 332 -14.62 -10.25 7.57
CA GLN D 332 -13.39 -10.54 6.83
C GLN D 332 -12.72 -11.86 7.23
N SER D 333 -12.42 -12.01 8.51
CA SER D 333 -11.77 -13.23 8.99
C SER D 333 -12.59 -14.46 8.69
N GLN D 334 -13.89 -14.38 8.95
CA GLN D 334 -14.79 -15.51 8.72
C GLN D 334 -14.76 -15.96 7.26
N MET D 335 -14.78 -14.99 6.34
CA MET D 335 -14.76 -15.28 4.91
C MET D 335 -13.45 -15.94 4.50
N MET D 336 -12.35 -15.54 5.14
CA MET D 336 -11.05 -16.13 4.85
C MET D 336 -11.13 -17.63 5.11
N ALA D 337 -11.75 -18.00 6.22
CA ALA D 337 -11.91 -19.42 6.54
C ALA D 337 -12.66 -20.12 5.42
N LEU D 338 -13.71 -19.48 4.92
CA LEU D 338 -14.53 -20.06 3.85
C LEU D 338 -13.78 -20.13 2.52
N LEU D 339 -13.13 -19.05 2.13
CA LEU D 339 -12.39 -18.98 0.85
C LEU D 339 -11.26 -20.01 0.71
N LEU D 340 -10.66 -20.43 1.83
CA LEU D 340 -9.60 -21.44 1.79
C LEU D 340 -10.14 -22.75 1.25
N GLN D 341 -11.46 -22.92 1.36
CA GLN D 341 -12.14 -24.12 0.88
C GLN D 341 -12.73 -23.99 -0.52
N ALA D 342 -12.57 -22.83 -1.15
CA ALA D 342 -13.08 -22.62 -2.51
C ALA D 342 -11.97 -23.01 -3.48
N ASP D 343 -12.34 -23.41 -4.70
CA ASP D 343 -11.31 -23.79 -5.67
C ASP D 343 -11.00 -22.65 -6.61
N GLY D 344 -9.76 -22.17 -6.54
CA GLY D 344 -9.31 -21.06 -7.38
C GLY D 344 -8.69 -19.98 -6.54
N THR D 345 -8.26 -18.90 -7.19
CA THR D 345 -7.63 -17.79 -6.48
C THR D 345 -8.69 -16.91 -5.83
N SER D 346 -8.41 -16.48 -4.61
CA SER D 346 -9.31 -15.60 -3.88
C SER D 346 -8.52 -14.59 -3.07
N MET D 347 -8.97 -13.34 -3.10
CA MET D 347 -8.32 -12.34 -2.28
C MET D 347 -9.33 -11.45 -1.55
N ILE D 348 -8.99 -11.09 -0.32
CA ILE D 348 -9.80 -10.23 0.50
C ILE D 348 -9.00 -8.94 0.68
N THR D 349 -9.56 -7.83 0.21
CA THR D 349 -8.90 -6.54 0.33
C THR D 349 -9.60 -5.72 1.40
N GLU D 350 -8.81 -5.22 2.34
CA GLU D 350 -9.34 -4.43 3.44
C GLU D 350 -9.19 -2.92 3.16
N THR D 351 -10.30 -2.18 3.33
CA THR D 351 -10.31 -0.73 3.15
C THR D 351 -10.64 -0.02 4.46
N VAL D 352 -11.35 -0.71 5.35
CA VAL D 352 -11.78 -0.14 6.65
C VAL D 352 -10.68 -0.26 7.72
N PHE D 353 -10.50 -1.46 8.28
CA PHE D 353 -9.48 -1.68 9.32
C PHE D 353 -8.21 -2.33 8.80
N GLU D 354 -7.31 -1.49 8.31
CA GLU D 354 -6.03 -1.95 7.82
C GLU D 354 -5.17 -1.87 9.10
N ASN D 355 -4.63 -2.99 9.60
CA ASN D 355 -4.78 -4.32 9.01
C ASN D 355 -5.30 -5.39 9.96
N ARG D 356 -6.27 -6.17 9.49
CA ARG D 356 -6.84 -7.30 10.24
C ARG D 356 -6.20 -8.58 9.74
N PHE D 357 -4.88 -8.72 9.88
CA PHE D 357 -4.21 -9.92 9.39
C PHE D 357 -3.19 -10.53 10.35
N MET D 358 -3.40 -10.34 11.65
CA MET D 358 -2.51 -10.89 12.66
C MET D 358 -2.85 -12.38 12.79
N HIS D 359 -4.10 -12.71 12.47
CA HIS D 359 -4.60 -14.07 12.54
C HIS D 359 -4.14 -14.96 11.38
N VAL D 360 -3.55 -14.38 10.35
CA VAL D 360 -3.09 -15.14 9.18
C VAL D 360 -2.08 -16.23 9.53
N GLU D 361 -1.17 -15.96 10.46
CA GLU D 361 -0.19 -16.99 10.84
C GLU D 361 -0.80 -18.13 11.63
N GLU D 362 -1.92 -17.87 12.30
CA GLU D 362 -2.59 -18.92 13.04
C GLU D 362 -3.17 -19.89 12.01
N PHE D 363 -3.66 -19.36 10.90
CA PHE D 363 -4.19 -20.19 9.83
C PHE D 363 -3.08 -20.99 9.18
N ARG D 364 -1.90 -20.37 9.06
CA ARG D 364 -0.73 -21.05 8.50
C ARG D 364 -0.36 -22.25 9.37
N ARG D 365 -0.63 -22.16 10.67
CA ARG D 365 -0.36 -23.28 11.56
C ARG D 365 -1.25 -24.46 11.18
N MET D 366 -2.40 -24.18 10.58
CA MET D 366 -3.33 -25.22 10.14
C MET D 366 -3.02 -25.67 8.70
N ASN D 367 -1.83 -25.34 8.21
CA ASN D 367 -1.37 -25.69 6.85
C ASN D 367 -2.09 -24.86 5.81
N ALA D 368 -2.53 -23.67 6.19
CA ALA D 368 -3.24 -22.80 5.26
C ALA D 368 -2.25 -22.11 4.34
N ASP D 369 -2.60 -22.03 3.07
CA ASP D 369 -1.76 -21.40 2.08
C ASP D 369 -2.27 -19.98 1.90
N ILE D 370 -1.67 -19.04 2.62
CA ILE D 370 -2.07 -17.63 2.55
C ILE D 370 -0.86 -16.72 2.33
N LYS D 371 -1.07 -15.65 1.58
CA LYS D 371 -0.04 -14.67 1.27
C LYS D 371 -0.54 -13.28 1.66
N ILE D 372 0.24 -12.55 2.45
CA ILE D 372 -0.13 -11.21 2.85
C ILE D 372 0.67 -10.20 2.04
N GLU D 373 -0.03 -9.26 1.42
CA GLU D 373 0.63 -8.23 0.65
C GLU D 373 -0.20 -6.96 0.73
N GLY D 374 0.43 -5.88 1.18
CA GLY D 374 -0.26 -4.60 1.32
C GLY D 374 -1.42 -4.76 2.28
N ARG D 375 -2.59 -4.25 1.90
CA ARG D 375 -3.77 -4.35 2.76
C ARG D 375 -4.67 -5.46 2.21
N SER D 376 -4.04 -6.52 1.73
CA SER D 376 -4.78 -7.61 1.12
C SER D 376 -4.16 -8.98 1.41
N VAL D 377 -5.00 -10.02 1.47
CA VAL D 377 -4.55 -11.40 1.68
C VAL D 377 -4.90 -12.23 0.45
N ILE D 378 -4.02 -13.17 0.10
CA ILE D 378 -4.21 -14.02 -1.06
C ILE D 378 -4.15 -15.50 -0.71
N MET D 379 -5.25 -16.22 -0.93
CA MET D 379 -5.28 -17.67 -0.69
C MET D 379 -5.71 -18.39 -1.96
N ASN D 380 -5.43 -19.69 -2.01
CA ASN D 380 -5.78 -20.50 -3.17
C ASN D 380 -6.12 -21.92 -2.75
N GLY D 381 -7.41 -22.22 -2.71
CA GLY D 381 -7.88 -23.54 -2.33
C GLY D 381 -8.16 -24.40 -3.55
N PRO D 382 -8.77 -25.58 -3.34
CA PRO D 382 -9.19 -26.09 -2.03
C PRO D 382 -8.03 -26.65 -1.21
N ASN D 383 -7.76 -26.04 -0.07
CA ASN D 383 -6.68 -26.51 0.81
C ASN D 383 -7.09 -27.75 1.61
N SER D 384 -6.11 -28.34 2.28
CA SER D 384 -6.31 -29.50 3.12
C SER D 384 -5.84 -29.08 4.51
N LEU D 385 -6.72 -28.38 5.22
CA LEU D 385 -6.40 -27.87 6.55
C LEU D 385 -6.22 -28.97 7.58
N GLN D 386 -5.12 -28.84 8.34
CA GLN D 386 -4.77 -29.78 9.37
C GLN D 386 -5.00 -29.11 10.71
N GLY D 387 -5.78 -29.76 11.58
CA GLY D 387 -6.09 -29.22 12.90
C GLY D 387 -4.84 -28.95 13.71
N ALA D 388 -4.84 -27.86 14.45
CA ALA D 388 -3.69 -27.48 15.26
C ALA D 388 -4.10 -26.58 16.41
N GLU D 389 -3.25 -26.50 17.43
CA GLU D 389 -3.49 -25.64 18.57
C GLU D 389 -3.25 -24.22 18.08
N VAL D 390 -4.27 -23.37 18.20
CA VAL D 390 -4.16 -22.00 17.74
C VAL D 390 -4.74 -20.99 18.72
N GLY D 391 -4.19 -19.79 18.71
CA GLY D 391 -4.61 -18.73 19.61
C GLY D 391 -5.34 -17.63 18.88
N ALA D 392 -6.51 -17.28 19.41
CA ALA D 392 -7.34 -16.24 18.84
C ALA D 392 -6.67 -14.89 19.11
N THR D 393 -6.50 -14.08 18.05
CA THR D 393 -5.89 -12.76 18.19
C THR D 393 -6.92 -11.68 18.49
N ASP D 394 -8.13 -11.86 17.96
CA ASP D 394 -9.21 -10.91 18.16
C ASP D 394 -10.57 -11.61 18.11
N LEU D 395 -11.60 -10.86 18.48
CA LEU D 395 -12.98 -11.36 18.48
C LEU D 395 -13.43 -12.19 17.28
N ARG D 396 -13.29 -11.65 16.08
CA ARG D 396 -13.74 -12.35 14.87
C ARG D 396 -12.77 -13.42 14.40
N ALA D 397 -11.49 -13.26 14.72
CA ALA D 397 -10.49 -14.23 14.33
C ALA D 397 -10.82 -15.53 15.05
N ALA D 398 -11.13 -15.41 16.34
CA ALA D 398 -11.48 -16.55 17.16
C ALA D 398 -12.59 -17.34 16.47
N ALA D 399 -13.64 -16.63 16.07
CA ALA D 399 -14.76 -17.25 15.38
C ALA D 399 -14.31 -17.90 14.08
N ALA D 400 -13.44 -17.19 13.35
CA ALA D 400 -12.93 -17.69 12.06
C ALA D 400 -12.11 -18.96 12.21
N LEU D 401 -11.30 -19.02 13.26
CA LEU D 401 -10.48 -20.20 13.54
C LEU D 401 -11.36 -21.42 13.81
N ILE D 402 -12.47 -21.21 14.51
CA ILE D 402 -13.39 -22.29 14.81
C ILE D 402 -14.01 -22.81 13.51
N LEU D 403 -14.49 -21.88 12.67
CA LEU D 403 -15.08 -22.24 11.37
C LEU D 403 -14.10 -23.06 10.54
N ALA D 404 -12.82 -22.70 10.58
CA ALA D 404 -11.80 -23.43 9.83
C ALA D 404 -11.67 -24.82 10.42
N GLY D 405 -11.85 -24.91 11.73
CA GLY D 405 -11.78 -26.19 12.43
C GLY D 405 -12.88 -27.14 12.01
N LEU D 406 -14.02 -26.60 11.59
CA LEU D 406 -15.15 -27.42 11.15
C LEU D 406 -14.87 -28.18 9.85
N VAL D 407 -13.80 -27.80 9.15
CA VAL D 407 -13.43 -28.47 7.89
C VAL D 407 -11.94 -28.86 7.83
N SER D 408 -11.33 -29.07 9.00
CA SER D 408 -9.93 -29.48 9.08
C SER D 408 -9.87 -30.92 9.59
N GLU D 409 -8.84 -31.66 9.18
CA GLU D 409 -8.64 -33.02 9.65
C GLU D 409 -8.12 -32.94 11.08
N GLY D 410 -8.61 -33.82 11.94
CA GLY D 410 -8.16 -33.85 13.31
C GLY D 410 -8.78 -32.78 14.18
N TYR D 411 -8.18 -32.59 15.36
CA TYR D 411 -8.65 -31.62 16.32
C TYR D 411 -8.02 -30.24 16.17
N THR D 412 -8.84 -29.21 16.30
CA THR D 412 -8.37 -27.83 16.25
C THR D 412 -8.62 -27.30 17.64
N ARG D 413 -7.58 -26.78 18.28
CA ARG D 413 -7.68 -26.28 19.65
C ARG D 413 -7.48 -24.77 19.73
N VAL D 414 -8.58 -24.04 19.71
CA VAL D 414 -8.58 -22.57 19.76
C VAL D 414 -8.47 -22.05 21.19
N THR D 415 -7.42 -21.26 21.44
CA THR D 415 -7.14 -20.67 22.76
C THR D 415 -7.37 -19.15 22.78
N GLU D 416 -7.24 -18.55 23.96
CA GLU D 416 -7.46 -17.11 24.16
C GLU D 416 -8.93 -16.82 23.90
N LEU D 417 -9.80 -17.52 24.62
CA LEU D 417 -11.25 -17.37 24.48
C LEU D 417 -11.82 -16.06 25.05
N LYS D 418 -10.99 -15.28 25.74
CA LYS D 418 -11.47 -13.99 26.28
C LYS D 418 -11.91 -13.14 25.08
N HIS D 419 -11.28 -13.34 23.93
CA HIS D 419 -11.64 -12.61 22.71
C HIS D 419 -13.00 -13.06 22.18
N LEU D 420 -13.26 -14.37 22.21
CA LEU D 420 -14.52 -14.91 21.71
C LEU D 420 -15.70 -14.44 22.54
N ASP D 421 -15.49 -14.36 23.85
CA ASP D 421 -16.52 -13.95 24.78
C ASP D 421 -16.93 -12.49 24.63
N ARG D 422 -16.15 -11.71 23.88
CA ARG D 422 -16.46 -10.31 23.66
C ARG D 422 -17.62 -10.12 22.67
N GLY D 423 -17.79 -11.06 21.74
CA GLY D 423 -18.84 -10.94 20.72
C GLY D 423 -19.77 -12.13 20.48
N TYR D 424 -19.42 -13.30 20.96
CA TYR D 424 -20.28 -14.47 20.77
C TYR D 424 -20.72 -15.06 22.10
N VAL D 425 -21.99 -15.44 22.14
CA VAL D 425 -22.58 -16.08 23.31
C VAL D 425 -22.81 -17.55 22.95
N ASP D 426 -22.37 -18.45 23.83
CA ASP D 426 -22.56 -19.90 23.63
C ASP D 426 -22.30 -20.35 22.20
N PHE D 427 -21.27 -19.80 21.58
CA PHE D 427 -20.95 -20.12 20.20
C PHE D 427 -20.80 -21.62 19.97
N HIS D 428 -20.05 -22.28 20.85
CA HIS D 428 -19.83 -23.72 20.73
C HIS D 428 -21.10 -24.53 20.96
N LYS D 429 -22.02 -24.03 21.78
CA LYS D 429 -23.28 -24.73 22.05
C LYS D 429 -24.19 -24.68 20.83
N LYS D 430 -24.22 -23.53 20.17
CA LYS D 430 -25.03 -23.37 18.98
C LYS D 430 -24.49 -24.28 17.90
N LEU D 431 -23.17 -24.30 17.71
CA LEU D 431 -22.57 -25.20 16.72
C LEU D 431 -22.87 -26.66 17.07
N ALA D 432 -22.78 -26.99 18.35
CA ALA D 432 -23.06 -28.35 18.81
C ALA D 432 -24.51 -28.73 18.49
N ALA D 433 -25.42 -27.78 18.65
CA ALA D 433 -26.83 -28.02 18.37
C ALA D 433 -27.07 -28.21 16.87
N LEU D 434 -26.11 -27.79 16.05
CA LEU D 434 -26.21 -27.95 14.59
C LEU D 434 -25.45 -29.18 14.09
N GLY D 435 -24.94 -29.99 15.02
CA GLY D 435 -24.23 -31.22 14.67
C GLY D 435 -22.71 -31.19 14.76
N ALA D 436 -22.13 -30.01 14.94
CA ALA D 436 -20.68 -29.90 15.03
C ALA D 436 -20.12 -30.74 16.18
N THR D 437 -18.93 -31.26 15.97
CA THR D 437 -18.27 -32.04 16.99
C THR D 437 -17.37 -31.04 17.68
N ILE D 438 -17.97 -30.26 18.56
CA ILE D 438 -17.26 -29.19 19.25
C ILE D 438 -17.54 -29.13 20.76
N GLU D 439 -16.53 -28.70 21.50
CA GLU D 439 -16.61 -28.53 22.95
C GLU D 439 -15.67 -27.43 23.45
N ARG D 440 -16.01 -26.88 24.62
CA ARG D 440 -15.20 -25.89 25.31
C ARG D 440 -14.81 -26.60 26.60
N VAL D 441 -13.52 -26.87 26.77
CA VAL D 441 -13.04 -27.58 27.97
C VAL D 441 -12.12 -26.73 28.84
N ASN D 442 -12.24 -26.90 30.16
CA ASN D 442 -11.41 -26.19 31.12
C ASN D 442 -10.13 -26.96 31.22
N GLU D 443 -9.36 -26.95 30.15
CA GLU D 443 -8.14 -27.72 30.10
C GLU D 443 -6.97 -26.91 29.55
O1 PG4 E . -0.74 -22.99 -34.67
C1 PG4 E . -1.77 -22.18 -34.10
C2 PG4 E . -1.91 -22.47 -32.62
O2 PG4 E . -1.76 -21.27 -31.87
C3 PG4 E . -2.38 -21.36 -30.57
C4 PG4 E . -1.78 -20.30 -29.66
O3 PG4 E . -1.02 -20.92 -28.62
C5 PG4 E . 0.30 -21.26 -29.04
C6 PG4 E . 1.14 -21.73 -27.85
O4 PG4 E . 2.46 -22.05 -28.30
C7 PG4 E . 3.01 -23.19 -27.64
C8 PG4 E . 4.38 -23.50 -28.22
O5 PG4 E . 4.25 -24.39 -29.33
C1 PGE F . 42.92 -3.81 -11.46
O1 PGE F . 42.14 -5.01 -11.53
C2 PGE F . 42.15 -2.68 -12.10
O2 PGE F . 43.06 -1.68 -12.58
C3 PGE F . 43.41 -0.73 -11.57
C4 PGE F . 42.38 0.39 -11.56
O4 PGE F . 41.38 0.85 -7.66
C6 PGE F . 42.01 1.99 -8.27
C5 PGE F . 41.93 1.94 -9.79
O3 PGE F . 41.89 0.58 -10.23
#